data_9CO5
# 
_entry.id   9CO5 
# 
_audit_conform.dict_name       mmcif_pdbx.dic 
_audit_conform.dict_version    5.403 
_audit_conform.dict_location   http://mmcif.pdb.org/dictionaries/ascii/mmcif_pdbx.dic 
# 
loop_
_database_2.database_id 
_database_2.database_code 
_database_2.pdbx_database_accession 
_database_2.pdbx_DOI 
PDB   9CO5         pdb_00009co5 10.2210/pdb9co5/pdb 
WWPDB D_1000285973 ?            ?                   
# 
loop_
_pdbx_audit_revision_history.ordinal 
_pdbx_audit_revision_history.data_content_type 
_pdbx_audit_revision_history.major_revision 
_pdbx_audit_revision_history.minor_revision 
_pdbx_audit_revision_history.revision_date 
_pdbx_audit_revision_history.part_number 
1 'Structure model' 1 0 2025-03-26 ? 
2 'Structure model' 1 1 2025-05-21 ? 
# 
_pdbx_audit_revision_details.ordinal             1 
_pdbx_audit_revision_details.revision_ordinal    1 
_pdbx_audit_revision_details.data_content_type   'Structure model' 
_pdbx_audit_revision_details.provider            repository 
_pdbx_audit_revision_details.type                'Initial release' 
_pdbx_audit_revision_details.description         ? 
_pdbx_audit_revision_details.details             ? 
# 
_pdbx_audit_revision_group.ordinal             1 
_pdbx_audit_revision_group.revision_ordinal    2 
_pdbx_audit_revision_group.data_content_type   'Structure model' 
_pdbx_audit_revision_group.group               'Database references' 
# 
loop_
_pdbx_audit_revision_category.ordinal 
_pdbx_audit_revision_category.revision_ordinal 
_pdbx_audit_revision_category.data_content_type 
_pdbx_audit_revision_category.category 
1 2 'Structure model' citation        
2 2 'Structure model' citation_author 
# 
loop_
_pdbx_audit_revision_item.ordinal 
_pdbx_audit_revision_item.revision_ordinal 
_pdbx_audit_revision_item.data_content_type 
_pdbx_audit_revision_item.item 
1 2 'Structure model' '_citation.journal_volume'          
2 2 'Structure model' '_citation.page_first'              
3 2 'Structure model' '_citation.page_last'               
4 2 'Structure model' '_citation_author.identifier_ORCID' 
# 
_pdbx_database_status.status_code                     REL 
_pdbx_database_status.status_code_sf                  REL 
_pdbx_database_status.status_code_mr                  ? 
_pdbx_database_status.entry_id                        9CO5 
_pdbx_database_status.recvd_initial_deposition_date   2024-07-16 
_pdbx_database_status.SG_entry                        N 
_pdbx_database_status.deposit_site                    RCSB 
_pdbx_database_status.process_site                    RCSB 
_pdbx_database_status.status_code_cs                  ? 
_pdbx_database_status.status_code_nmr_data            ? 
_pdbx_database_status.methods_development_category    ? 
_pdbx_database_status.pdb_format_compatible           N 
# 
_pdbx_contact_author.id                 3 
_pdbx_contact_author.email              dan.king@novartis.com 
_pdbx_contact_author.name_first         Daniel 
_pdbx_contact_author.name_last          King 
_pdbx_contact_author.name_mi            A 
_pdbx_contact_author.role               'principal investigator/group leader' 
_pdbx_contact_author.identifier_ORCID   0000-0002-2581-2318 
# 
_audit_author.name               'King, D.A.' 
_audit_author.pdbx_ordinal       1 
_audit_author.identifier_ORCID   0000-0002-2581-2318 
# 
_citation.abstract                  ? 
_citation.abstract_id_CAS           ? 
_citation.book_id_ISBN              ? 
_citation.book_publisher            ? 
_citation.book_publisher_city       ? 
_citation.book_title                ? 
_citation.coordinate_linkage        ? 
_citation.country                   UK 
_citation.database_id_Medline       ? 
_citation.details                   ? 
_citation.id                        primary 
_citation.journal_abbrev            'Rsc Chem Biol' 
_citation.journal_id_ASTM           ? 
_citation.journal_id_CSD            ? 
_citation.journal_id_ISSN           2633-0679 
_citation.journal_full              ? 
_citation.journal_issue             ? 
_citation.journal_volume            6 
_citation.language                  ? 
_citation.page_first                788 
_citation.page_last                 799 
_citation.title                     
'Identification and characterization of ternary complexes consisting of FKBP12, MAPRE1 and macrocyclic molecular glues.' 
_citation.year                      2025 
_citation.database_id_CSD           ? 
_citation.pdbx_database_id_DOI      10.1039/d4cb00279b 
_citation.pdbx_database_id_PubMed   40059881 
_citation.pdbx_database_id_patent   ? 
_citation.unpublished_flag          ? 
# 
loop_
_citation_author.citation_id 
_citation_author.name 
_citation_author.ordinal 
_citation_author.identifier_ORCID 
primary 'Salcius, M.'  1  ? 
primary 'Tutter, A.'   2  ? 
primary 'Fouche, M.'   3  ? 
primary 'Koc, H.'      4  ? 
primary 'King, D.'     5  ? 
primary 'Dhembi, A.'   6  ? 
primary 'Golosov, A.'  7  ? 
primary 'Jahnke, W.'   8  ? 
primary 'Henry, C.'    9  ? 
primary 'Argoti, D.'   10 ? 
primary 'Jia, W.'      11 ? 
primary 'Pedro, L.'    12 ? 
primary 'Connor, L.'   13 ? 
primary 'Piechon, P.'  14 ? 
primary 'Fabbiani, F.' 15 ? 
primary 'Denay, R.'    16 ? 
primary 'Sager, E.'    17 ? 
primary 'Kuehnoel, J.' 18 ? 
primary 'Lozach, M.A.' 19 ? 
primary 'Lima, F.'     20 ? 
primary 'Vitrey, A.'   21 ? 
primary 'Chen, S.Y.'   22 ? 
primary 'Michaud, G.'  23 ? 
primary 'Roth, H.J.'   24 ? 
# 
loop_
_entity.id 
_entity.type 
_entity.src_method 
_entity.pdbx_description 
_entity.formula_weight 
_entity.pdbx_number_of_molecules 
_entity.pdbx_ec 
_entity.pdbx_mutation 
_entity.pdbx_fragment 
_entity.details 
1 polymer     man 'Peptidyl-prolyl cis-trans isomerase FKBP1A' 12054.782 1 5.2.1.8 ? ? ? 
2 polymer     man 'Microtubule-associated protein RP/EB family member 1' 6975.817  1 ?       ? ? ? 
3 non-polymer syn 
;(5S,14R,16aS,21R,28S,30aR)-14-[2-(3,4-dimethoxyphenyl)ethyl]-24,24,28-trimethyl-2-methylidene-1,3,4,17,18,19,20,24,25,28,29,30a-dodecahydro-2H,14H-9,13-(metheno)dipyrido[1,2-d:1',2'-o][1,10,18,4,7,15]trioxatriazacyclotetracosine-6,16,22,23,27,30(7H,16aH)-hexone
;
761.857   1 ?       ? ? ? 
4 water       nat water 18.015    2 ?       ? ? ? 
# 
loop_
_entity_name_com.entity_id 
_entity_name_com.name 
1 
;PPIase FKBP1A,12 kDa FK506-binding protein,12 kDa FKBP,FKBP-12,Calstabin-1,FK506-binding protein 1A,FKBP-1A,Immunophilin FKBP12,Rotamase
;
2 'APC-binding protein EB1,End-binding protein 1,EB1' 
# 
loop_
_entity_poly.entity_id 
_entity_poly.type 
_entity_poly.nstd_linkage 
_entity_poly.nstd_monomer 
_entity_poly.pdbx_seq_one_letter_code 
_entity_poly.pdbx_seq_one_letter_code_can 
_entity_poly.pdbx_strand_id 
_entity_poly.pdbx_target_identifier 
1 'polypeptide(L)' no no 
;SMGVQVETISPGDGRTFPKRGQTCVVHYTGMLEDGKKFDSSRDRNKPFKFMLGKQEVIRGWEEGVAQMSVGQRAKLTISP
DYAYGATGHPGIIPPHATLVFDVELLKLE
;
;SMGVQVETISPGDGRTFPKRGQTCVVHYTGMLEDGKKFDSSRDRNKPFKFMLGKQEVIRGWEEGVAQMSVGQRAKLTISP
DYAYGATGHPGIIPPHATLVFDVELLKLE
;
A ? 
2 'polypeptide(L)' no no AAELMQQVNVLKLTVEDLEKERDFYFGKLRNIELICQENEGENDPVLQRIVDILYATDEG 
AAELMQQVNVLKLTVEDLEKERDFYFGKLRNIELICQENEGENDPVLQRIVDILYATDEG                                                     B ? 
# 
loop_
_pdbx_entity_nonpoly.entity_id 
_pdbx_entity_nonpoly.name 
_pdbx_entity_nonpoly.comp_id 
3 
;(5S,14R,16aS,21R,28S,30aR)-14-[2-(3,4-dimethoxyphenyl)ethyl]-24,24,28-trimethyl-2-methylidene-1,3,4,17,18,19,20,24,25,28,29,30a-dodecahydro-2H,14H-9,13-(metheno)dipyrido[1,2-d:1',2'-o][1,10,18,4,7,15]trioxatriazacyclotetracosine-6,16,22,23,27,30(7H,16aH)-hexone
;
A1AZI 
4 water HOH   
# 
loop_
_entity_poly_seq.entity_id 
_entity_poly_seq.num 
_entity_poly_seq.mon_id 
_entity_poly_seq.hetero 
1 1   SER n 
1 2   MET n 
1 3   GLY n 
1 4   VAL n 
1 5   GLN n 
1 6   VAL n 
1 7   GLU n 
1 8   THR n 
1 9   ILE n 
1 10  SER n 
1 11  PRO n 
1 12  GLY n 
1 13  ASP n 
1 14  GLY n 
1 15  ARG n 
1 16  THR n 
1 17  PHE n 
1 18  PRO n 
1 19  LYS n 
1 20  ARG n 
1 21  GLY n 
1 22  GLN n 
1 23  THR n 
1 24  CYS n 
1 25  VAL n 
1 26  VAL n 
1 27  HIS n 
1 28  TYR n 
1 29  THR n 
1 30  GLY n 
1 31  MET n 
1 32  LEU n 
1 33  GLU n 
1 34  ASP n 
1 35  GLY n 
1 36  LYS n 
1 37  LYS n 
1 38  PHE n 
1 39  ASP n 
1 40  SER n 
1 41  SER n 
1 42  ARG n 
1 43  ASP n 
1 44  ARG n 
1 45  ASN n 
1 46  LYS n 
1 47  PRO n 
1 48  PHE n 
1 49  LYS n 
1 50  PHE n 
1 51  MET n 
1 52  LEU n 
1 53  GLY n 
1 54  LYS n 
1 55  GLN n 
1 56  GLU n 
1 57  VAL n 
1 58  ILE n 
1 59  ARG n 
1 60  GLY n 
1 61  TRP n 
1 62  GLU n 
1 63  GLU n 
1 64  GLY n 
1 65  VAL n 
1 66  ALA n 
1 67  GLN n 
1 68  MET n 
1 69  SER n 
1 70  VAL n 
1 71  GLY n 
1 72  GLN n 
1 73  ARG n 
1 74  ALA n 
1 75  LYS n 
1 76  LEU n 
1 77  THR n 
1 78  ILE n 
1 79  SER n 
1 80  PRO n 
1 81  ASP n 
1 82  TYR n 
1 83  ALA n 
1 84  TYR n 
1 85  GLY n 
1 86  ALA n 
1 87  THR n 
1 88  GLY n 
1 89  HIS n 
1 90  PRO n 
1 91  GLY n 
1 92  ILE n 
1 93  ILE n 
1 94  PRO n 
1 95  PRO n 
1 96  HIS n 
1 97  ALA n 
1 98  THR n 
1 99  LEU n 
1 100 VAL n 
1 101 PHE n 
1 102 ASP n 
1 103 VAL n 
1 104 GLU n 
1 105 LEU n 
1 106 LEU n 
1 107 LYS n 
1 108 LEU n 
1 109 GLU n 
2 1   ALA n 
2 2   ALA n 
2 3   GLU n 
2 4   LEU n 
2 5   MET n 
2 6   GLN n 
2 7   GLN n 
2 8   VAL n 
2 9   ASN n 
2 10  VAL n 
2 11  LEU n 
2 12  LYS n 
2 13  LEU n 
2 14  THR n 
2 15  VAL n 
2 16  GLU n 
2 17  ASP n 
2 18  LEU n 
2 19  GLU n 
2 20  LYS n 
2 21  GLU n 
2 22  ARG n 
2 23  ASP n 
2 24  PHE n 
2 25  TYR n 
2 26  PHE n 
2 27  GLY n 
2 28  LYS n 
2 29  LEU n 
2 30  ARG n 
2 31  ASN n 
2 32  ILE n 
2 33  GLU n 
2 34  LEU n 
2 35  ILE n 
2 36  CYS n 
2 37  GLN n 
2 38  GLU n 
2 39  ASN n 
2 40  GLU n 
2 41  GLY n 
2 42  GLU n 
2 43  ASN n 
2 44  ASP n 
2 45  PRO n 
2 46  VAL n 
2 47  LEU n 
2 48  GLN n 
2 49  ARG n 
2 50  ILE n 
2 51  VAL n 
2 52  ASP n 
2 53  ILE n 
2 54  LEU n 
2 55  TYR n 
2 56  ALA n 
2 57  THR n 
2 58  ASP n 
2 59  GLU n 
2 60  GLY n 
# 
loop_
_entity_src_gen.entity_id 
_entity_src_gen.pdbx_src_id 
_entity_src_gen.pdbx_alt_source_flag 
_entity_src_gen.pdbx_seq_type 
_entity_src_gen.pdbx_beg_seq_num 
_entity_src_gen.pdbx_end_seq_num 
_entity_src_gen.gene_src_common_name 
_entity_src_gen.gene_src_genus 
_entity_src_gen.pdbx_gene_src_gene 
_entity_src_gen.gene_src_species 
_entity_src_gen.gene_src_strain 
_entity_src_gen.gene_src_tissue 
_entity_src_gen.gene_src_tissue_fraction 
_entity_src_gen.gene_src_details 
_entity_src_gen.pdbx_gene_src_fragment 
_entity_src_gen.pdbx_gene_src_scientific_name 
_entity_src_gen.pdbx_gene_src_ncbi_taxonomy_id 
_entity_src_gen.pdbx_gene_src_variant 
_entity_src_gen.pdbx_gene_src_cell_line 
_entity_src_gen.pdbx_gene_src_atcc 
_entity_src_gen.pdbx_gene_src_organ 
_entity_src_gen.pdbx_gene_src_organelle 
_entity_src_gen.pdbx_gene_src_cell 
_entity_src_gen.pdbx_gene_src_cellular_location 
_entity_src_gen.host_org_common_name 
_entity_src_gen.pdbx_host_org_scientific_name 
_entity_src_gen.pdbx_host_org_ncbi_taxonomy_id 
_entity_src_gen.host_org_genus 
_entity_src_gen.pdbx_host_org_gene 
_entity_src_gen.pdbx_host_org_organ 
_entity_src_gen.host_org_species 
_entity_src_gen.pdbx_host_org_tissue 
_entity_src_gen.pdbx_host_org_tissue_fraction 
_entity_src_gen.pdbx_host_org_strain 
_entity_src_gen.pdbx_host_org_variant 
_entity_src_gen.pdbx_host_org_cell_line 
_entity_src_gen.pdbx_host_org_atcc 
_entity_src_gen.pdbx_host_org_culture_collection 
_entity_src_gen.pdbx_host_org_cell 
_entity_src_gen.pdbx_host_org_organelle 
_entity_src_gen.pdbx_host_org_cellular_location 
_entity_src_gen.pdbx_host_org_vector_type 
_entity_src_gen.pdbx_host_org_vector 
_entity_src_gen.host_org_details 
_entity_src_gen.expression_system_id 
_entity_src_gen.plasmid_name 
_entity_src_gen.plasmid_details 
_entity_src_gen.pdbx_description 
1 1 sample 'Biological sequence' 1 109 human ? 'FKBP1A, FKBP1, FKBP12' ? ? ? ? ? ? 'Homo sapiens' 9606 ? ? ? ? ? ? ? ? 
'Escherichia coli' 562 ? ? ? ? ? ? ? ? ? ? ? ? ? ? ? ? ? ? ? ? ? 
2 1 sample 'Biological sequence' 1 60  human ? MAPRE1                  ? ? ? ? ? ? 'Homo sapiens' 9606 ? ? ? ? ? ? ? ? 
'Escherichia coli' 562 ? ? ? ? ? ? ? ? ? ? ? ? ? ? ? ? ? ? ? ? ? 
# 
loop_
_chem_comp.id 
_chem_comp.type 
_chem_comp.mon_nstd_flag 
_chem_comp.name 
_chem_comp.pdbx_synonyms 
_chem_comp.formula 
_chem_comp.formula_weight 
A1AZI non-polymer         . 
;(5S,14R,16aS,21R,28S,30aR)-14-[2-(3,4-dimethoxyphenyl)ethyl]-24,24,28-trimethyl-2-methylidene-1,3,4,17,18,19,20,24,25,28,29,30a-dodecahydro-2H,14H-9,13-(metheno)dipyrido[1,2-d:1',2'-o][1,10,18,4,7,15]trioxatriazacyclotetracosine-6,16,22,23,27,30(7H,16aH)-hexone
;
? 'C41 H51 N3 O11' 761.857 
ALA   'L-peptide linking' y ALANINE ? 'C3 H7 N O2'     89.093  
ARG   'L-peptide linking' y ARGININE ? 'C6 H15 N4 O2 1' 175.209 
ASN   'L-peptide linking' y ASPARAGINE ? 'C4 H8 N2 O3'    132.118 
ASP   'L-peptide linking' y 'ASPARTIC ACID' ? 'C4 H7 N O4'     133.103 
CYS   'L-peptide linking' y CYSTEINE ? 'C3 H7 N O2 S'   121.158 
GLN   'L-peptide linking' y GLUTAMINE ? 'C5 H10 N2 O3'   146.144 
GLU   'L-peptide linking' y 'GLUTAMIC ACID' ? 'C5 H9 N O4'     147.129 
GLY   'peptide linking'   y GLYCINE ? 'C2 H5 N O2'     75.067  
HIS   'L-peptide linking' y HISTIDINE ? 'C6 H10 N3 O2 1' 156.162 
HOH   non-polymer         . WATER ? 'H2 O'           18.015  
ILE   'L-peptide linking' y ISOLEUCINE ? 'C6 H13 N O2'    131.173 
LEU   'L-peptide linking' y LEUCINE ? 'C6 H13 N O2'    131.173 
LYS   'L-peptide linking' y LYSINE ? 'C6 H15 N2 O2 1' 147.195 
MET   'L-peptide linking' y METHIONINE ? 'C5 H11 N O2 S'  149.211 
PHE   'L-peptide linking' y PHENYLALANINE ? 'C9 H11 N O2'    165.189 
PRO   'L-peptide linking' y PROLINE ? 'C5 H9 N O2'     115.130 
SER   'L-peptide linking' y SERINE ? 'C3 H7 N O3'     105.093 
THR   'L-peptide linking' y THREONINE ? 'C4 H9 N O3'     119.119 
TRP   'L-peptide linking' y TRYPTOPHAN ? 'C11 H12 N2 O2'  204.225 
TYR   'L-peptide linking' y TYROSINE ? 'C9 H11 N O3'    181.189 
VAL   'L-peptide linking' y VALINE ? 'C5 H11 N O2'    117.146 
# 
loop_
_pdbx_poly_seq_scheme.asym_id 
_pdbx_poly_seq_scheme.entity_id 
_pdbx_poly_seq_scheme.seq_id 
_pdbx_poly_seq_scheme.mon_id 
_pdbx_poly_seq_scheme.ndb_seq_num 
_pdbx_poly_seq_scheme.pdb_seq_num 
_pdbx_poly_seq_scheme.auth_seq_num 
_pdbx_poly_seq_scheme.pdb_mon_id 
_pdbx_poly_seq_scheme.auth_mon_id 
_pdbx_poly_seq_scheme.pdb_strand_id 
_pdbx_poly_seq_scheme.pdb_ins_code 
_pdbx_poly_seq_scheme.hetero 
A 1 1   SER 1   -1  -1  SER SER A . n 
A 1 2   MET 2   0   0   MET MET A . n 
A 1 3   GLY 3   1   1   GLY GLY A . n 
A 1 4   VAL 4   2   2   VAL VAL A . n 
A 1 5   GLN 5   3   3   GLN GLN A . n 
A 1 6   VAL 6   4   4   VAL VAL A . n 
A 1 7   GLU 7   5   5   GLU GLU A . n 
A 1 8   THR 8   6   6   THR THR A . n 
A 1 9   ILE 9   7   7   ILE ILE A . n 
A 1 10  SER 10  8   8   SER SER A . n 
A 1 11  PRO 11  9   9   PRO PRO A . n 
A 1 12  GLY 12  10  10  GLY GLY A . n 
A 1 13  ASP 13  11  11  ASP ASP A . n 
A 1 14  GLY 14  12  12  GLY GLY A . n 
A 1 15  ARG 15  13  13  ARG ARG A . n 
A 1 16  THR 16  14  14  THR THR A . n 
A 1 17  PHE 17  15  15  PHE PHE A . n 
A 1 18  PRO 18  16  16  PRO PRO A . n 
A 1 19  LYS 19  17  17  LYS LYS A . n 
A 1 20  ARG 20  18  18  ARG ARG A . n 
A 1 21  GLY 21  19  19  GLY GLY A . n 
A 1 22  GLN 22  20  20  GLN GLN A . n 
A 1 23  THR 23  21  21  THR THR A . n 
A 1 24  CYS 24  22  22  CYS CYS A . n 
A 1 25  VAL 25  23  23  VAL VAL A . n 
A 1 26  VAL 26  24  24  VAL VAL A . n 
A 1 27  HIS 27  25  25  HIS HIS A . n 
A 1 28  TYR 28  26  26  TYR TYR A . n 
A 1 29  THR 29  27  27  THR THR A . n 
A 1 30  GLY 30  28  28  GLY GLY A . n 
A 1 31  MET 31  29  29  MET MET A . n 
A 1 32  LEU 32  30  30  LEU LEU A . n 
A 1 33  GLU 33  31  31  GLU GLU A . n 
A 1 34  ASP 34  32  32  ASP ASP A . n 
A 1 35  GLY 35  33  33  GLY GLY A . n 
A 1 36  LYS 36  34  34  LYS LYS A . n 
A 1 37  LYS 37  35  35  LYS LYS A . n 
A 1 38  PHE 38  36  36  PHE PHE A . n 
A 1 39  ASP 39  37  37  ASP ASP A . n 
A 1 40  SER 40  38  38  SER SER A . n 
A 1 41  SER 41  39  39  SER SER A . n 
A 1 42  ARG 42  40  40  ARG ARG A . n 
A 1 43  ASP 43  41  41  ASP ASP A . n 
A 1 44  ARG 44  42  42  ARG ARG A . n 
A 1 45  ASN 45  43  43  ASN ASN A . n 
A 1 46  LYS 46  44  44  LYS LYS A . n 
A 1 47  PRO 47  45  45  PRO PRO A . n 
A 1 48  PHE 48  46  46  PHE PHE A . n 
A 1 49  LYS 49  47  47  LYS LYS A . n 
A 1 50  PHE 50  48  48  PHE PHE A . n 
A 1 51  MET 51  49  49  MET MET A . n 
A 1 52  LEU 52  50  50  LEU LEU A . n 
A 1 53  GLY 53  51  51  GLY GLY A . n 
A 1 54  LYS 54  52  52  LYS LYS A . n 
A 1 55  GLN 55  53  53  GLN GLN A . n 
A 1 56  GLU 56  54  54  GLU GLU A . n 
A 1 57  VAL 57  55  55  VAL VAL A . n 
A 1 58  ILE 58  56  56  ILE ILE A . n 
A 1 59  ARG 59  57  57  ARG ARG A . n 
A 1 60  GLY 60  58  58  GLY GLY A . n 
A 1 61  TRP 61  59  59  TRP TRP A . n 
A 1 62  GLU 62  60  60  GLU GLU A . n 
A 1 63  GLU 63  61  61  GLU GLU A . n 
A 1 64  GLY 64  62  62  GLY GLY A . n 
A 1 65  VAL 65  63  63  VAL VAL A . n 
A 1 66  ALA 66  64  64  ALA ALA A . n 
A 1 67  GLN 67  65  65  GLN GLN A . n 
A 1 68  MET 68  66  66  MET MET A . n 
A 1 69  SER 69  67  67  SER SER A . n 
A 1 70  VAL 70  68  68  VAL VAL A . n 
A 1 71  GLY 71  69  69  GLY GLY A . n 
A 1 72  GLN 72  70  70  GLN GLN A . n 
A 1 73  ARG 73  71  71  ARG ARG A . n 
A 1 74  ALA 74  72  72  ALA ALA A . n 
A 1 75  LYS 75  73  73  LYS LYS A . n 
A 1 76  LEU 76  74  74  LEU LEU A . n 
A 1 77  THR 77  75  75  THR THR A . n 
A 1 78  ILE 78  76  76  ILE ILE A . n 
A 1 79  SER 79  77  77  SER SER A . n 
A 1 80  PRO 80  78  78  PRO PRO A . n 
A 1 81  ASP 81  79  79  ASP ASP A . n 
A 1 82  TYR 82  80  80  TYR TYR A . n 
A 1 83  ALA 83  81  81  ALA ALA A . n 
A 1 84  TYR 84  82  82  TYR TYR A . n 
A 1 85  GLY 85  83  83  GLY GLY A . n 
A 1 86  ALA 86  84  84  ALA ALA A . n 
A 1 87  THR 87  85  85  THR THR A . n 
A 1 88  GLY 88  86  86  GLY GLY A . n 
A 1 89  HIS 89  87  87  HIS HIS A . n 
A 1 90  PRO 90  88  88  PRO PRO A . n 
A 1 91  GLY 91  89  89  GLY GLY A . n 
A 1 92  ILE 92  90  90  ILE ILE A . n 
A 1 93  ILE 93  91  91  ILE ILE A . n 
A 1 94  PRO 94  92  92  PRO PRO A . n 
A 1 95  PRO 95  93  93  PRO PRO A . n 
A 1 96  HIS 96  94  94  HIS HIS A . n 
A 1 97  ALA 97  95  95  ALA ALA A . n 
A 1 98  THR 98  96  96  THR THR A . n 
A 1 99  LEU 99  97  97  LEU LEU A . n 
A 1 100 VAL 100 98  98  VAL VAL A . n 
A 1 101 PHE 101 99  99  PHE PHE A . n 
A 1 102 ASP 102 100 100 ASP ASP A . n 
A 1 103 VAL 103 101 101 VAL VAL A . n 
A 1 104 GLU 104 102 102 GLU GLU A . n 
A 1 105 LEU 105 103 103 LEU LEU A . n 
A 1 106 LEU 106 104 104 LEU LEU A . n 
A 1 107 LYS 107 105 105 LYS LYS A . n 
A 1 108 LEU 108 106 106 LEU LEU A . n 
A 1 109 GLU 109 107 107 GLU GLU A . n 
B 2 1   ALA 1   193 193 ALA ALA B . n 
B 2 2   ALA 2   194 194 ALA ALA B . n 
B 2 3   GLU 3   195 195 GLU GLU B . n 
B 2 4   LEU 4   196 196 LEU LEU B . n 
B 2 5   MET 5   197 197 MET MET B . n 
B 2 6   GLN 6   198 198 GLN GLN B . n 
B 2 7   GLN 7   199 199 GLN GLN B . n 
B 2 8   VAL 8   200 200 VAL VAL B . n 
B 2 9   ASN 9   201 201 ASN ASN B . n 
B 2 10  VAL 10  202 202 VAL VAL B . n 
B 2 11  LEU 11  203 203 LEU LEU B . n 
B 2 12  LYS 12  204 204 LYS LYS B . n 
B 2 13  LEU 13  205 205 LEU LEU B . n 
B 2 14  THR 14  206 206 THR THR B . n 
B 2 15  VAL 15  207 207 VAL VAL B . n 
B 2 16  GLU 16  208 208 GLU GLU B . n 
B 2 17  ASP 17  209 209 ASP ASP B . n 
B 2 18  LEU 18  210 210 LEU LEU B . n 
B 2 19  GLU 19  211 211 GLU GLU B . n 
B 2 20  LYS 20  212 212 LYS LYS B . n 
B 2 21  GLU 21  213 213 GLU GLU B . n 
B 2 22  ARG 22  214 214 ARG ARG B . n 
B 2 23  ASP 23  215 215 ASP ASP B . n 
B 2 24  PHE 24  216 216 PHE PHE B . n 
B 2 25  TYR 25  217 217 TYR TYR B . n 
B 2 26  PHE 26  218 218 PHE PHE B . n 
B 2 27  GLY 27  219 219 GLY GLY B . n 
B 2 28  LYS 28  220 220 LYS LYS B . n 
B 2 29  LEU 29  221 221 LEU LEU B . n 
B 2 30  ARG 30  222 222 ARG ARG B . n 
B 2 31  ASN 31  223 223 ASN ASN B . n 
B 2 32  ILE 32  224 224 ILE ILE B . n 
B 2 33  GLU 33  225 225 GLU GLU B . n 
B 2 34  LEU 34  226 226 LEU LEU B . n 
B 2 35  ILE 35  227 227 ILE ILE B . n 
B 2 36  CYS 36  228 228 CYS CYS B . n 
B 2 37  GLN 37  229 229 GLN GLN B . n 
B 2 38  GLU 38  230 230 GLU GLU B . n 
B 2 39  ASN 39  231 231 ASN ASN B . n 
B 2 40  GLU 40  232 232 GLU GLU B . n 
B 2 41  GLY 41  233 233 GLY GLY B . n 
B 2 42  GLU 42  234 234 GLU GLU B . n 
B 2 43  ASN 43  235 235 ASN ASN B . n 
B 2 44  ASP 44  236 236 ASP ASP B . n 
B 2 45  PRO 45  237 237 PRO PRO B . n 
B 2 46  VAL 46  238 238 VAL VAL B . n 
B 2 47  LEU 47  239 239 LEU LEU B . n 
B 2 48  GLN 48  240 240 GLN GLN B . n 
B 2 49  ARG 49  241 241 ARG ARG B . n 
B 2 50  ILE 50  242 242 ILE ILE B . n 
B 2 51  VAL 51  243 243 VAL VAL B . n 
B 2 52  ASP 52  244 244 ASP ASP B . n 
B 2 53  ILE 53  245 245 ILE ILE B . n 
B 2 54  LEU 54  246 246 LEU LEU B . n 
B 2 55  TYR 55  247 247 TYR TYR B . n 
B 2 56  ALA 56  248 248 ALA ALA B . n 
B 2 57  THR 57  249 249 THR THR B . n 
B 2 58  ASP 58  250 250 ASP ASP B . n 
B 2 59  GLU 59  251 251 GLU GLU B . n 
B 2 60  GLY 60  252 252 GLY GLY B . n 
# 
_pdbx_entity_instance_feature.ordinal        1 
_pdbx_entity_instance_feature.comp_id        A1AZI 
_pdbx_entity_instance_feature.asym_id        ? 
_pdbx_entity_instance_feature.seq_num        ? 
_pdbx_entity_instance_feature.auth_comp_id   A1AZI 
_pdbx_entity_instance_feature.auth_asym_id   ? 
_pdbx_entity_instance_feature.auth_seq_num   ? 
_pdbx_entity_instance_feature.feature_type   'SUBJECT OF INVESTIGATION' 
_pdbx_entity_instance_feature.details        ? 
# 
loop_
_pdbx_nonpoly_scheme.asym_id 
_pdbx_nonpoly_scheme.entity_id 
_pdbx_nonpoly_scheme.mon_id 
_pdbx_nonpoly_scheme.ndb_seq_num 
_pdbx_nonpoly_scheme.pdb_seq_num 
_pdbx_nonpoly_scheme.auth_seq_num 
_pdbx_nonpoly_scheme.pdb_mon_id 
_pdbx_nonpoly_scheme.auth_mon_id 
_pdbx_nonpoly_scheme.pdb_strand_id 
_pdbx_nonpoly_scheme.pdb_ins_code 
C 3 A1AZI 1 201 1 A1AZI LI1 A . 
D 4 HOH   1 301 1 HOH   HOH A . 
E 4 HOH   1 301 4 HOH   HOH B . 
# 
loop_
_software.citation_id 
_software.classification 
_software.compiler_name 
_software.compiler_version 
_software.contact_author 
_software.contact_author_email 
_software.date 
_software.description 
_software.dependencies 
_software.hardware 
_software.language 
_software.location 
_software.mods 
_software.name 
_software.os 
_software.os_version 
_software.type 
_software.version 
_software.pdbx_ordinal 
? refinement        ? ? ? ? ? ? ? ? ? ? ? PHENIX   ? ? ? 1.15.2_3472 1 
? 'data processing' ? ? ? ? ? ? ? ? ? ? ? autoPROC ? ? ? .           2 
? phasing           ? ? ? ? ? ? ? ? ? ? ? PHASER   ? ? ? .           3 
# 
_cell.angle_alpha                  90.000 
_cell.angle_alpha_esd              ? 
_cell.angle_beta                   90.000 
_cell.angle_beta_esd               ? 
_cell.angle_gamma                  120.000 
_cell.angle_gamma_esd              ? 
_cell.entry_id                     9CO5 
_cell.details                      ? 
_cell.formula_units_Z              ? 
_cell.length_a                     134.800 
_cell.length_a_esd                 ? 
_cell.length_b                     134.800 
_cell.length_b_esd                 ? 
_cell.length_c                     53.440 
_cell.length_c_esd                 ? 
_cell.volume                       840962.956 
_cell.volume_esd                   ? 
_cell.Z_PDB                        12 
_cell.reciprocal_angle_alpha       ? 
_cell.reciprocal_angle_beta        ? 
_cell.reciprocal_angle_gamma       ? 
_cell.reciprocal_angle_alpha_esd   ? 
_cell.reciprocal_angle_beta_esd    ? 
_cell.reciprocal_angle_gamma_esd   ? 
_cell.reciprocal_length_a          ? 
_cell.reciprocal_length_b          ? 
_cell.reciprocal_length_c          ? 
_cell.reciprocal_length_a_esd      ? 
_cell.reciprocal_length_b_esd      ? 
_cell.reciprocal_length_c_esd      ? 
_cell.pdbx_unique_axis             ? 
_cell.pdbx_esd_method              ? 
# 
_symmetry.entry_id                         9CO5 
_symmetry.cell_setting                     ? 
_symmetry.Int_Tables_number                178 
_symmetry.space_group_name_Hall            'P 61 2 (x,y,z+5/12)' 
_symmetry.space_group_name_H-M             'P 61 2 2' 
_symmetry.pdbx_full_space_group_name_H-M   ? 
# 
_exptl.absorpt_coefficient_mu     ? 
_exptl.absorpt_correction_T_max   ? 
_exptl.absorpt_correction_T_min   ? 
_exptl.absorpt_correction_type    ? 
_exptl.absorpt_process_details    ? 
_exptl.entry_id                   9CO5 
_exptl.crystals_number            1 
_exptl.details                    ? 
_exptl.method                     'X-RAY DIFFRACTION' 
_exptl.method_details             ? 
# 
_exptl_crystal.colour                       ? 
_exptl_crystal.density_diffrn               ? 
_exptl_crystal.density_Matthews             3.68 
_exptl_crystal.density_method               ? 
_exptl_crystal.density_percent_sol          66.60 
_exptl_crystal.description                  ? 
_exptl_crystal.F_000                        ? 
_exptl_crystal.id                           1 
_exptl_crystal.preparation                  ? 
_exptl_crystal.size_max                     ? 
_exptl_crystal.size_mid                     ? 
_exptl_crystal.size_min                     ? 
_exptl_crystal.size_rad                     ? 
_exptl_crystal.colour_lustre                ? 
_exptl_crystal.colour_modifier              ? 
_exptl_crystal.colour_primary               ? 
_exptl_crystal.density_meas                 ? 
_exptl_crystal.density_meas_esd             ? 
_exptl_crystal.density_meas_gt              ? 
_exptl_crystal.density_meas_lt              ? 
_exptl_crystal.density_meas_temp            ? 
_exptl_crystal.density_meas_temp_esd        ? 
_exptl_crystal.density_meas_temp_gt         ? 
_exptl_crystal.density_meas_temp_lt         ? 
_exptl_crystal.pdbx_crystal_image_url       ? 
_exptl_crystal.pdbx_crystal_image_format    ? 
_exptl_crystal.pdbx_mosaicity               ? 
_exptl_crystal.pdbx_mosaicity_esd           ? 
_exptl_crystal.pdbx_mosaic_method           ? 
_exptl_crystal.pdbx_mosaic_block_size       ? 
_exptl_crystal.pdbx_mosaic_block_size_esd   ? 
# 
_exptl_crystal_grow.apparatus       ? 
_exptl_crystal_grow.atmosphere      ? 
_exptl_crystal_grow.crystal_id      1 
_exptl_crystal_grow.details         ? 
_exptl_crystal_grow.method          'VAPOR DIFFUSION, SITTING DROP' 
_exptl_crystal_grow.method_ref      ? 
_exptl_crystal_grow.pH              ? 
_exptl_crystal_grow.pressure        ? 
_exptl_crystal_grow.pressure_esd    ? 
_exptl_crystal_grow.seeding         ? 
_exptl_crystal_grow.seeding_ref     ? 
_exptl_crystal_grow.temp_details    ? 
_exptl_crystal_grow.temp_esd        ? 
_exptl_crystal_grow.time            ? 
_exptl_crystal_grow.pdbx_details    '1.5 M LiSO4, 0.1 M CH3COONa pH 4.6' 
_exptl_crystal_grow.pdbx_pH_range   ? 
_exptl_crystal_grow.temp            298 
# 
_diffrn.ambient_environment              ? 
_diffrn.ambient_temp                     100 
_diffrn.ambient_temp_details             ? 
_diffrn.ambient_temp_esd                 ? 
_diffrn.crystal_id                       1 
_diffrn.crystal_support                  ? 
_diffrn.crystal_treatment                ? 
_diffrn.details                          ? 
_diffrn.id                               1 
_diffrn.ambient_pressure                 ? 
_diffrn.ambient_pressure_esd             ? 
_diffrn.ambient_pressure_gt              ? 
_diffrn.ambient_pressure_lt              ? 
_diffrn.ambient_temp_gt                  ? 
_diffrn.ambient_temp_lt                  ? 
_diffrn.pdbx_serial_crystal_experiment   N 
# 
_diffrn_detector.details                      ? 
_diffrn_detector.detector                     PIXEL 
_diffrn_detector.diffrn_id                    1 
_diffrn_detector.type                         'DECTRIS EIGER X 9M' 
_diffrn_detector.area_resol_mean              ? 
_diffrn_detector.dtime                        ? 
_diffrn_detector.pdbx_frames_total            ? 
_diffrn_detector.pdbx_collection_time_total   ? 
_diffrn_detector.pdbx_collection_date         2019-06-06 
_diffrn_detector.pdbx_frequency               ? 
_diffrn_detector.id                           ? 
_diffrn_detector.number_of_axes               ? 
# 
_diffrn_radiation.collimation                      ? 
_diffrn_radiation.diffrn_id                        1 
_diffrn_radiation.filter_edge                      ? 
_diffrn_radiation.inhomogeneity                    ? 
_diffrn_radiation.monochromator                    ? 
_diffrn_radiation.polarisn_norm                    ? 
_diffrn_radiation.polarisn_ratio                   ? 
_diffrn_radiation.probe                            ? 
_diffrn_radiation.type                             ? 
_diffrn_radiation.xray_symbol                      ? 
_diffrn_radiation.wavelength_id                    1 
_diffrn_radiation.pdbx_monochromatic_or_laue_m_l   M 
_diffrn_radiation.pdbx_wavelength_list             ? 
_diffrn_radiation.pdbx_wavelength                  ? 
_diffrn_radiation.pdbx_diffrn_protocol             'SINGLE WAVELENGTH' 
_diffrn_radiation.pdbx_analyzer                    ? 
_diffrn_radiation.pdbx_scattering_type             x-ray 
# 
_diffrn_radiation_wavelength.id           1 
_diffrn_radiation_wavelength.wavelength   1.0 
_diffrn_radiation_wavelength.wt           1.0 
# 
_diffrn_source.current                     ? 
_diffrn_source.details                     ? 
_diffrn_source.diffrn_id                   1 
_diffrn_source.power                       ? 
_diffrn_source.size                        ? 
_diffrn_source.source                      SYNCHROTRON 
_diffrn_source.target                      ? 
_diffrn_source.type                        'APS BEAMLINE 17-ID' 
_diffrn_source.voltage                     ? 
_diffrn_source.take-off_angle              ? 
_diffrn_source.pdbx_wavelength_list        1.0 
_diffrn_source.pdbx_wavelength             ? 
_diffrn_source.pdbx_synchrotron_beamline   17-ID 
_diffrn_source.pdbx_synchrotron_site       APS 
# 
_reflns.B_iso_Wilson_estimate                          59.03 
_reflns.entry_id                                       9CO5 
_reflns.data_reduction_details                         ? 
_reflns.data_reduction_method                          ? 
_reflns.d_resolution_high                              2.77 
_reflns.d_resolution_low                               116.74 
_reflns.details                                        ? 
_reflns.limit_h_max                                    ? 
_reflns.limit_h_min                                    ? 
_reflns.limit_k_max                                    ? 
_reflns.limit_k_min                                    ? 
_reflns.limit_l_max                                    ? 
_reflns.limit_l_min                                    ? 
_reflns.number_all                                     ? 
_reflns.number_obs                                     7682 
_reflns.observed_criterion                             ? 
_reflns.observed_criterion_F_max                       ? 
_reflns.observed_criterion_F_min                       ? 
_reflns.observed_criterion_I_max                       ? 
_reflns.observed_criterion_I_min                       ? 
_reflns.observed_criterion_sigma_F                     ? 
_reflns.observed_criterion_sigma_I                     ? 
_reflns.percent_possible_obs                           100 
_reflns.R_free_details                                 ? 
_reflns.Rmerge_F_all                                   ? 
_reflns.Rmerge_F_obs                                   ? 
_reflns.Friedel_coverage                               ? 
_reflns.number_gt                                      ? 
_reflns.threshold_expression                           ? 
_reflns.pdbx_redundancy                                18.7 
_reflns.pdbx_netI_over_av_sigmaI                       ? 
_reflns.pdbx_netI_over_sigmaI                          11.7 
_reflns.pdbx_res_netI_over_av_sigmaI_2                 ? 
_reflns.pdbx_res_netI_over_sigmaI_2                    ? 
_reflns.pdbx_chi_squared                               ? 
_reflns.pdbx_scaling_rejects                           ? 
_reflns.pdbx_d_res_high_opt                            ? 
_reflns.pdbx_d_res_low_opt                             ? 
_reflns.pdbx_d_res_opt_method                          ? 
_reflns.phase_calculation_details                      ? 
_reflns.pdbx_Rrim_I_all                                ? 
_reflns.pdbx_Rpim_I_all                                ? 
_reflns.pdbx_d_opt                                     ? 
_reflns.pdbx_number_measured_all                       ? 
_reflns.pdbx_diffrn_id                                 1 
_reflns.pdbx_ordinal                                   1 
_reflns.pdbx_CC_half                                   0.995 
_reflns.pdbx_CC_star                                   ? 
_reflns.pdbx_R_split                                   ? 
_reflns.pdbx_Rmerge_I_obs                              .221 
_reflns.pdbx_Rmerge_I_all                              ? 
_reflns.pdbx_Rsym_value                                ? 
_reflns.pdbx_CC_split_method                           ? 
_reflns.pdbx_aniso_diffraction_limit_axis_1_ortho[1]   ? 
_reflns.pdbx_aniso_diffraction_limit_axis_1_ortho[2]   ? 
_reflns.pdbx_aniso_diffraction_limit_axis_1_ortho[3]   ? 
_reflns.pdbx_aniso_diffraction_limit_axis_2_ortho[1]   ? 
_reflns.pdbx_aniso_diffraction_limit_axis_2_ortho[2]   ? 
_reflns.pdbx_aniso_diffraction_limit_axis_2_ortho[3]   ? 
_reflns.pdbx_aniso_diffraction_limit_axis_3_ortho[1]   ? 
_reflns.pdbx_aniso_diffraction_limit_axis_3_ortho[2]   ? 
_reflns.pdbx_aniso_diffraction_limit_axis_3_ortho[3]   ? 
_reflns.pdbx_aniso_diffraction_limit_1                 ? 
_reflns.pdbx_aniso_diffraction_limit_2                 ? 
_reflns.pdbx_aniso_diffraction_limit_3                 ? 
_reflns.pdbx_aniso_B_tensor_eigenvector_1_ortho[1]     ? 
_reflns.pdbx_aniso_B_tensor_eigenvector_1_ortho[2]     ? 
_reflns.pdbx_aniso_B_tensor_eigenvector_1_ortho[3]     ? 
_reflns.pdbx_aniso_B_tensor_eigenvector_2_ortho[1]     ? 
_reflns.pdbx_aniso_B_tensor_eigenvector_2_ortho[2]     ? 
_reflns.pdbx_aniso_B_tensor_eigenvector_2_ortho[3]     ? 
_reflns.pdbx_aniso_B_tensor_eigenvector_3_ortho[1]     ? 
_reflns.pdbx_aniso_B_tensor_eigenvector_3_ortho[2]     ? 
_reflns.pdbx_aniso_B_tensor_eigenvector_3_ortho[3]     ? 
_reflns.pdbx_aniso_B_tensor_eigenvalue_1               ? 
_reflns.pdbx_aniso_B_tensor_eigenvalue_2               ? 
_reflns.pdbx_aniso_B_tensor_eigenvalue_3               ? 
_reflns.pdbx_orthogonalization_convention              ? 
_reflns.pdbx_percent_possible_ellipsoidal              ? 
_reflns.pdbx_percent_possible_spherical                ? 
_reflns.pdbx_percent_possible_ellipsoidal_anomalous    ? 
_reflns.pdbx_percent_possible_spherical_anomalous      ? 
_reflns.pdbx_redundancy_anomalous                      ? 
_reflns.pdbx_CC_half_anomalous                         ? 
_reflns.pdbx_absDiff_over_sigma_anomalous              ? 
_reflns.pdbx_percent_possible_anomalous                ? 
_reflns.pdbx_observed_signal_threshold                 ? 
_reflns.pdbx_signal_type                               ? 
_reflns.pdbx_signal_details                            ? 
_reflns.pdbx_signal_software_id                        ? 
# 
_reflns_shell.d_res_high                                    2.773 
_reflns_shell.d_res_low                                     2.782 
_reflns_shell.meanI_over_sigI_all                           ? 
_reflns_shell.meanI_over_sigI_obs                           ? 
_reflns_shell.number_measured_all                           ? 
_reflns_shell.number_measured_obs                           ? 
_reflns_shell.number_possible                               ? 
_reflns_shell.number_unique_all                             ? 
_reflns_shell.number_unique_obs                             72 
_reflns_shell.percent_possible_obs                          ? 
_reflns_shell.Rmerge_F_all                                  ? 
_reflns_shell.Rmerge_F_obs                                  ? 
_reflns_shell.meanI_over_sigI_gt                            ? 
_reflns_shell.meanI_over_uI_all                             ? 
_reflns_shell.meanI_over_uI_gt                              ? 
_reflns_shell.number_measured_gt                            ? 
_reflns_shell.number_unique_gt                              ? 
_reflns_shell.percent_possible_gt                           ? 
_reflns_shell.Rmerge_F_gt                                   ? 
_reflns_shell.Rmerge_I_gt                                   ? 
_reflns_shell.pdbx_redundancy                               ? 
_reflns_shell.pdbx_chi_squared                              ? 
_reflns_shell.pdbx_netI_over_sigmaI_all                     ? 
_reflns_shell.pdbx_netI_over_sigmaI_obs                     ? 
_reflns_shell.pdbx_Rrim_I_all                               ? 
_reflns_shell.pdbx_Rpim_I_all                               ? 
_reflns_shell.pdbx_rejects                                  ? 
_reflns_shell.pdbx_ordinal                                  1 
_reflns_shell.pdbx_diffrn_id                                1 
_reflns_shell.pdbx_CC_half                                  0.766 
_reflns_shell.pdbx_CC_star                                  ? 
_reflns_shell.pdbx_R_split                                  ? 
_reflns_shell.percent_possible_all                          ? 
_reflns_shell.Rmerge_I_all                                  ? 
_reflns_shell.Rmerge_I_obs                                  ? 
_reflns_shell.pdbx_Rsym_value                               ? 
_reflns_shell.pdbx_percent_possible_ellipsoidal             ? 
_reflns_shell.pdbx_percent_possible_spherical               ? 
_reflns_shell.pdbx_percent_possible_ellipsoidal_anomalous   ? 
_reflns_shell.pdbx_percent_possible_spherical_anomalous     ? 
_reflns_shell.pdbx_redundancy_anomalous                     ? 
_reflns_shell.pdbx_CC_half_anomalous                        ? 
_reflns_shell.pdbx_absDiff_over_sigma_anomalous             ? 
_reflns_shell.pdbx_percent_possible_anomalous               ? 
# 
_refine.aniso_B[1][1]                            ? 
_refine.aniso_B[1][2]                            ? 
_refine.aniso_B[1][3]                            ? 
_refine.aniso_B[2][2]                            ? 
_refine.aniso_B[2][3]                            ? 
_refine.aniso_B[3][3]                            ? 
_refine.B_iso_max                                ? 
_refine.B_iso_mean                               59.32 
_refine.B_iso_min                                ? 
_refine.correlation_coeff_Fo_to_Fc               ? 
_refine.correlation_coeff_Fo_to_Fc_free          ? 
_refine.details                                  ? 
_refine.diff_density_max                         ? 
_refine.diff_density_max_esd                     ? 
_refine.diff_density_min                         ? 
_refine.diff_density_min_esd                     ? 
_refine.diff_density_rms                         ? 
_refine.diff_density_rms_esd                     ? 
_refine.entry_id                                 9CO5 
_refine.pdbx_refine_id                           'X-RAY DIFFRACTION' 
_refine.ls_abs_structure_details                 ? 
_refine.ls_abs_structure_Flack                   ? 
_refine.ls_abs_structure_Flack_esd               ? 
_refine.ls_abs_structure_Rogers                  ? 
_refine.ls_abs_structure_Rogers_esd              ? 
_refine.ls_d_res_high                            2.77 
_refine.ls_d_res_low                             67.40 
_refine.ls_extinction_coef                       ? 
_refine.ls_extinction_coef_esd                   ? 
_refine.ls_extinction_expression                 ? 
_refine.ls_extinction_method                     ? 
_refine.ls_goodness_of_fit_all                   ? 
_refine.ls_goodness_of_fit_all_esd               ? 
_refine.ls_goodness_of_fit_obs                   ? 
_refine.ls_goodness_of_fit_obs_esd               ? 
_refine.ls_hydrogen_treatment                    ? 
_refine.ls_matrix_type                           ? 
_refine.ls_number_constraints                    ? 
_refine.ls_number_parameters                     ? 
_refine.ls_number_reflns_all                     ? 
_refine.ls_number_reflns_obs                     7660 
_refine.ls_number_reflns_R_free                  405 
_refine.ls_number_reflns_R_work                  7255 
_refine.ls_number_restraints                     ? 
_refine.ls_percent_reflns_obs                    99.95 
_refine.ls_percent_reflns_R_free                 5.29 
_refine.ls_R_factor_all                          ? 
_refine.ls_R_factor_obs                          0.2070 
_refine.ls_R_factor_R_free                       0.2254 
_refine.ls_R_factor_R_free_error                 ? 
_refine.ls_R_factor_R_free_error_details         ? 
_refine.ls_R_factor_R_work                       0.2059 
_refine.ls_R_Fsqd_factor_obs                     ? 
_refine.ls_R_I_factor_obs                        ? 
_refine.ls_redundancy_reflns_all                 ? 
_refine.ls_redundancy_reflns_obs                 ? 
_refine.ls_restrained_S_all                      ? 
_refine.ls_restrained_S_obs                      ? 
_refine.ls_shift_over_esd_max                    ? 
_refine.ls_shift_over_esd_mean                   ? 
_refine.ls_structure_factor_coef                 ? 
_refine.ls_weighting_details                     ? 
_refine.ls_weighting_scheme                      ? 
_refine.ls_wR_factor_all                         ? 
_refine.ls_wR_factor_obs                         ? 
_refine.ls_wR_factor_R_free                      ? 
_refine.ls_wR_factor_R_work                      ? 
_refine.occupancy_max                            ? 
_refine.occupancy_min                            ? 
_refine.solvent_model_details                    'FLAT BULK SOLVENT MODEL' 
_refine.solvent_model_param_bsol                 ? 
_refine.solvent_model_param_ksol                 ? 
_refine.pdbx_R_complete                          ? 
_refine.ls_R_factor_gt                           ? 
_refine.ls_goodness_of_fit_gt                    ? 
_refine.ls_goodness_of_fit_ref                   ? 
_refine.ls_shift_over_su_max                     ? 
_refine.ls_shift_over_su_max_lt                  ? 
_refine.ls_shift_over_su_mean                    ? 
_refine.ls_shift_over_su_mean_lt                 ? 
_refine.pdbx_ls_sigma_I                          ? 
_refine.pdbx_ls_sigma_F                          1.35 
_refine.pdbx_ls_sigma_Fsqd                       ? 
_refine.pdbx_data_cutoff_high_absF               ? 
_refine.pdbx_data_cutoff_high_rms_absF           ? 
_refine.pdbx_data_cutoff_low_absF                ? 
_refine.pdbx_isotropic_thermal_model             ? 
_refine.pdbx_ls_cross_valid_method               'FREE R-VALUE' 
_refine.pdbx_method_to_determine_struct          'MOLECULAR REPLACEMENT' 
_refine.pdbx_starting_model                      ? 
_refine.pdbx_stereochemistry_target_values       'GeoStd + Monomer Library + CDL v1.2' 
_refine.pdbx_R_Free_selection_details            ? 
_refine.pdbx_stereochem_target_val_spec_case     ? 
_refine.pdbx_overall_ESU_R                       ? 
_refine.pdbx_overall_ESU_R_Free                  ? 
_refine.pdbx_solvent_vdw_probe_radii             1.1100 
_refine.pdbx_solvent_ion_probe_radii             ? 
_refine.pdbx_solvent_shrinkage_radii             0.9000 
_refine.pdbx_real_space_R                        ? 
_refine.pdbx_density_correlation                 ? 
_refine.pdbx_pd_number_of_powder_patterns        ? 
_refine.pdbx_pd_number_of_points                 ? 
_refine.pdbx_pd_meas_number_of_points            ? 
_refine.pdbx_pd_proc_ls_prof_R_factor            ? 
_refine.pdbx_pd_proc_ls_prof_wR_factor           ? 
_refine.pdbx_pd_Marquardt_correlation_coeff      ? 
_refine.pdbx_pd_Fsqrd_R_factor                   ? 
_refine.pdbx_pd_ls_matrix_band_width             ? 
_refine.pdbx_overall_phase_error                 23.8704 
_refine.pdbx_overall_SU_R_free_Cruickshank_DPI   ? 
_refine.pdbx_overall_SU_R_free_Blow_DPI          ? 
_refine.pdbx_overall_SU_R_Blow_DPI               ? 
_refine.pdbx_TLS_residual_ADP_flag               ? 
_refine.pdbx_diffrn_id                           1 
_refine.overall_SU_B                             ? 
_refine.overall_SU_ML                            0.3643 
_refine.overall_SU_R_Cruickshank_DPI             ? 
_refine.overall_SU_R_free                        ? 
_refine.overall_FOM_free_R_set                   ? 
_refine.overall_FOM_work_R_set                   ? 
_refine.pdbx_average_fsc_overall                 ? 
_refine.pdbx_average_fsc_work                    ? 
_refine.pdbx_average_fsc_free                    ? 
# 
_refine_hist.pdbx_refine_id                   'X-RAY DIFFRACTION' 
_refine_hist.cycle_id                         LAST 
_refine_hist.details                          ? 
_refine_hist.d_res_high                       2.77 
_refine_hist.d_res_low                        67.40 
_refine_hist.number_atoms_solvent             2 
_refine_hist.number_atoms_total               1391 
_refine_hist.number_reflns_all                ? 
_refine_hist.number_reflns_obs                ? 
_refine_hist.number_reflns_R_free             ? 
_refine_hist.number_reflns_R_work             ? 
_refine_hist.R_factor_all                     ? 
_refine_hist.R_factor_obs                     ? 
_refine_hist.R_factor_R_free                  ? 
_refine_hist.R_factor_R_work                  ? 
_refine_hist.pdbx_number_residues_total       ? 
_refine_hist.pdbx_B_iso_mean_ligand           ? 
_refine_hist.pdbx_B_iso_mean_solvent          ? 
_refine_hist.pdbx_number_atoms_protein        1334 
_refine_hist.pdbx_number_atoms_nucleic_acid   0 
_refine_hist.pdbx_number_atoms_ligand         55 
_refine_hist.pdbx_number_atoms_lipid          ? 
_refine_hist.pdbx_number_atoms_carb           ? 
_refine_hist.pdbx_pseudo_atom_details         ? 
# 
loop_
_refine_ls_restr.pdbx_refine_id 
_refine_ls_restr.criterion 
_refine_ls_restr.dev_ideal 
_refine_ls_restr.dev_ideal_target 
_refine_ls_restr.number 
_refine_ls_restr.rejects 
_refine_ls_restr.type 
_refine_ls_restr.weight 
_refine_ls_restr.pdbx_restraint_function 
'X-RAY DIFFRACTION' ? 0.0090  ? 1416 ? f_bond_d           ? ? 
'X-RAY DIFFRACTION' ? 1.1160  ? 1913 ? f_angle_d          ? ? 
'X-RAY DIFFRACTION' ? 0.0556  ? 204  ? f_chiral_restr     ? ? 
'X-RAY DIFFRACTION' ? 0.0051  ? 250  ? f_plane_restr      ? ? 
'X-RAY DIFFRACTION' ? 20.8097 ? 844  ? f_dihedral_angle_d ? ? 
# 
loop_
_refine_ls_shell.pdbx_refine_id 
_refine_ls_shell.d_res_high 
_refine_ls_shell.d_res_low 
_refine_ls_shell.number_reflns_all 
_refine_ls_shell.number_reflns_obs 
_refine_ls_shell.number_reflns_R_free 
_refine_ls_shell.number_reflns_R_work 
_refine_ls_shell.percent_reflns_obs 
_refine_ls_shell.percent_reflns_R_free 
_refine_ls_shell.R_factor_all 
_refine_ls_shell.R_factor_obs 
_refine_ls_shell.R_factor_R_free_error 
_refine_ls_shell.R_factor_R_work 
_refine_ls_shell.redundancy_reflns_all 
_refine_ls_shell.redundancy_reflns_obs 
_refine_ls_shell.wR_factor_all 
_refine_ls_shell.wR_factor_obs 
_refine_ls_shell.wR_factor_R_free 
_refine_ls_shell.wR_factor_R_work 
_refine_ls_shell.pdbx_R_complete 
_refine_ls_shell.pdbx_total_number_of_bins_used 
_refine_ls_shell.pdbx_phase_error 
_refine_ls_shell.pdbx_fsc_work 
_refine_ls_shell.pdbx_fsc_free 
_refine_ls_shell.R_factor_R_free 
'X-RAY DIFFRACTION' 2.77 3.17 . . 132 2344 99.92  . . . . 0.2525 . . . . . . . . . . . 0.2910 
'X-RAY DIFFRACTION' 3.17 4.00 . . 124 2391 100.00 . . . . 0.2135 . . . . . . . . . . . 0.2805 
'X-RAY DIFFRACTION' 4.00 67.4 . . 149 2520 99.93  . . . . 0.1886 . . . . . . . . . . . 0.1837 
# 
_struct.entry_id                     9CO5 
_struct.title                        'Crystal Structure of Macrocycle mediated complex of FKBP12 and MAPRE1' 
_struct.pdbx_model_details           ? 
_struct.pdbx_formula_weight          ? 
_struct.pdbx_formula_weight_method   ? 
_struct.pdbx_model_type_details      ? 
_struct.pdbx_CASP_flag               N 
# 
_struct_keywords.entry_id        9CO5 
_struct_keywords.text            'molecular glue, isomerase, microtubule' 
_struct_keywords.pdbx_keywords   ISOMERASE 
# 
loop_
_struct_asym.id 
_struct_asym.pdbx_blank_PDB_chainid_flag 
_struct_asym.pdbx_modified 
_struct_asym.entity_id 
_struct_asym.details 
A N N 1 ? 
B N N 2 ? 
C N N 3 ? 
D N N 4 ? 
E N N 4 ? 
# 
loop_
_struct_ref.id 
_struct_ref.db_name 
_struct_ref.db_code 
_struct_ref.pdbx_db_accession 
_struct_ref.pdbx_db_isoform 
_struct_ref.entity_id 
_struct_ref.pdbx_seq_one_letter_code 
_struct_ref.pdbx_align_begin 
1 UNP FKB1A_HUMAN P62942 ? 1 
;MGVQVETISPGDGRTFPKRGQTCVVHYTGMLEDGKKFDSSRDRNKPFKFMLGKQEVIRGWEEGVAQMSVGQRAKLTISPD
YAYGATGHPGIIPPHATLVFDVELLKLE
;
1   
2 UNP MARE1_HUMAN Q15691 ? 2 AAELMQQVNVLKLTVEDLEKERDFYFGKLRNIELICQENEGENDPVLQRIVDILYATDEG 193 
# 
loop_
_struct_ref_seq.align_id 
_struct_ref_seq.ref_id 
_struct_ref_seq.pdbx_PDB_id_code 
_struct_ref_seq.pdbx_strand_id 
_struct_ref_seq.seq_align_beg 
_struct_ref_seq.pdbx_seq_align_beg_ins_code 
_struct_ref_seq.seq_align_end 
_struct_ref_seq.pdbx_seq_align_end_ins_code 
_struct_ref_seq.pdbx_db_accession 
_struct_ref_seq.db_align_beg 
_struct_ref_seq.pdbx_db_align_beg_ins_code 
_struct_ref_seq.db_align_end 
_struct_ref_seq.pdbx_db_align_end_ins_code 
_struct_ref_seq.pdbx_auth_seq_align_beg 
_struct_ref_seq.pdbx_auth_seq_align_end 
1 1 9CO5 A 2 ? 109 ? P62942 1   ? 108 ? 0   107 
2 2 9CO5 B 1 ? 60  ? Q15691 193 ? 252 ? 193 252 
# 
_struct_ref_seq_dif.align_id                     1 
_struct_ref_seq_dif.pdbx_pdb_id_code             9CO5 
_struct_ref_seq_dif.mon_id                       SER 
_struct_ref_seq_dif.pdbx_pdb_strand_id           A 
_struct_ref_seq_dif.seq_num                      1 
_struct_ref_seq_dif.pdbx_pdb_ins_code            ? 
_struct_ref_seq_dif.pdbx_seq_db_name             UNP 
_struct_ref_seq_dif.pdbx_seq_db_accession_code   P62942 
_struct_ref_seq_dif.db_mon_id                    ? 
_struct_ref_seq_dif.pdbx_seq_db_seq_num          ? 
_struct_ref_seq_dif.details                      'expression tag' 
_struct_ref_seq_dif.pdbx_auth_seq_num            -1 
_struct_ref_seq_dif.pdbx_ordinal                 1 
# 
_pdbx_struct_assembly.id                   1 
_pdbx_struct_assembly.details              author_and_software_defined_assembly 
_pdbx_struct_assembly.method_details       PISA 
_pdbx_struct_assembly.oligomeric_details   tetrameric 
_pdbx_struct_assembly.oligomeric_count     4 
# 
loop_
_pdbx_struct_assembly_prop.biol_id 
_pdbx_struct_assembly_prop.type 
_pdbx_struct_assembly_prop.value 
_pdbx_struct_assembly_prop.details 
1 'ABSA (A^2)' 8780  ? 
1 MORE         -51   ? 
1 'SSA (A^2)'  17160 ? 
# 
_pdbx_struct_assembly_gen.assembly_id       1 
_pdbx_struct_assembly_gen.oper_expression   1,2 
_pdbx_struct_assembly_gen.asym_id_list      A,B,C,D,E 
# 
_pdbx_struct_assembly_auth_evidence.id                     1 
_pdbx_struct_assembly_auth_evidence.assembly_id            1 
_pdbx_struct_assembly_auth_evidence.experimental_support   'gel filtration' 
_pdbx_struct_assembly_auth_evidence.details                ? 
# 
loop_
_pdbx_struct_oper_list.id 
_pdbx_struct_oper_list.type 
_pdbx_struct_oper_list.name 
_pdbx_struct_oper_list.symmetry_operation 
_pdbx_struct_oper_list.matrix[1][1] 
_pdbx_struct_oper_list.matrix[1][2] 
_pdbx_struct_oper_list.matrix[1][3] 
_pdbx_struct_oper_list.vector[1] 
_pdbx_struct_oper_list.matrix[2][1] 
_pdbx_struct_oper_list.matrix[2][2] 
_pdbx_struct_oper_list.matrix[2][3] 
_pdbx_struct_oper_list.vector[2] 
_pdbx_struct_oper_list.matrix[3][1] 
_pdbx_struct_oper_list.matrix[3][2] 
_pdbx_struct_oper_list.matrix[3][3] 
_pdbx_struct_oper_list.vector[3] 
1 'identity operation'         1_555 x,y,z          1.0000000000  0.0000000000 0.0000000000 0.0000000000  0.0000000000 1.0000000000  0.0000000000 0.0000000000  0.0000000000 0.0000000000 1.0000000000 0.0000000000  
2 'crystal symmetry operation' 9_554 -x,-x+y,-z-1/3 -0.4289651541 0.1952892297 0.8819586234 -7.4866405838 0.1952892297 -0.9332126866 0.3016226093 27.3246362214 0.8819586234 0.3016226093 0.3621778406 -1.2030887606 
# 
loop_
_struct_conf.conf_type_id 
_struct_conf.id 
_struct_conf.pdbx_PDB_helix_id 
_struct_conf.beg_label_comp_id 
_struct_conf.beg_label_asym_id 
_struct_conf.beg_label_seq_id 
_struct_conf.pdbx_beg_PDB_ins_code 
_struct_conf.end_label_comp_id 
_struct_conf.end_label_asym_id 
_struct_conf.end_label_seq_id 
_struct_conf.pdbx_end_PDB_ins_code 
_struct_conf.beg_auth_comp_id 
_struct_conf.beg_auth_asym_id 
_struct_conf.beg_auth_seq_id 
_struct_conf.end_auth_comp_id 
_struct_conf.end_auth_asym_id 
_struct_conf.end_auth_seq_id 
_struct_conf.pdbx_PDB_helix_class 
_struct_conf.details 
_struct_conf.pdbx_PDB_helix_length 
HELX_P HELX_P1 AA1 ILE A 58 ? ALA A 66 ? ILE A 56  ALA A 64  1 ? 9  
HELX_P HELX_P2 AA2 PRO A 80 ? ALA A 83 ? PRO A 78  ALA A 81  5 ? 4  
HELX_P HELX_P3 AA3 GLU B 3  ? GLU B 38 ? GLU B 195 GLU B 230 1 ? 36 
HELX_P HELX_P4 AA4 ASP B 44 ? TYR B 55 ? ASP B 236 TYR B 247 1 ? 12 
# 
_struct_conf_type.id          HELX_P 
_struct_conf_type.criteria    ? 
_struct_conf_type.reference   ? 
# 
loop_
_struct_sheet.id 
_struct_sheet.type 
_struct_sheet.number_strands 
_struct_sheet.details 
AA1 ? 5 ? 
AA2 ? 5 ? 
# 
loop_
_struct_sheet_order.sheet_id 
_struct_sheet_order.range_id_1 
_struct_sheet_order.range_id_2 
_struct_sheet_order.offset 
_struct_sheet_order.sense 
AA1 1 2 ? anti-parallel 
AA1 2 3 ? anti-parallel 
AA1 3 4 ? anti-parallel 
AA1 4 5 ? anti-parallel 
AA2 1 2 ? anti-parallel 
AA2 2 3 ? anti-parallel 
AA2 3 4 ? anti-parallel 
AA2 4 5 ? anti-parallel 
# 
loop_
_struct_sheet_range.sheet_id 
_struct_sheet_range.id 
_struct_sheet_range.beg_label_comp_id 
_struct_sheet_range.beg_label_asym_id 
_struct_sheet_range.beg_label_seq_id 
_struct_sheet_range.pdbx_beg_PDB_ins_code 
_struct_sheet_range.end_label_comp_id 
_struct_sheet_range.end_label_asym_id 
_struct_sheet_range.end_label_seq_id 
_struct_sheet_range.pdbx_end_PDB_ins_code 
_struct_sheet_range.beg_auth_comp_id 
_struct_sheet_range.beg_auth_asym_id 
_struct_sheet_range.beg_auth_seq_id 
_struct_sheet_range.end_auth_comp_id 
_struct_sheet_range.end_auth_asym_id 
_struct_sheet_range.end_auth_seq_id 
AA1 1 VAL A 4  ? SER A 10  ? VAL A 2  SER A 8   
AA1 2 ARG A 73 ? ILE A 78  ? ARG A 71 ILE A 76  
AA1 3 LEU A 99 ? LEU A 108 ? LEU A 97 LEU A 106 
AA1 4 THR A 23 ? LEU A 32  ? THR A 21 LEU A 30  
AA1 5 LYS A 37 ? SER A 40  ? LYS A 35 SER A 38  
AA2 1 VAL A 4  ? SER A 10  ? VAL A 2  SER A 8   
AA2 2 ARG A 73 ? ILE A 78  ? ARG A 71 ILE A 76  
AA2 3 LEU A 99 ? LEU A 108 ? LEU A 97 LEU A 106 
AA2 4 THR A 23 ? LEU A 32  ? THR A 21 LEU A 30  
AA2 5 PHE A 48 ? MET A 51  ? PHE A 46 MET A 49  
# 
loop_
_pdbx_struct_sheet_hbond.sheet_id 
_pdbx_struct_sheet_hbond.range_id_1 
_pdbx_struct_sheet_hbond.range_id_2 
_pdbx_struct_sheet_hbond.range_1_label_atom_id 
_pdbx_struct_sheet_hbond.range_1_label_comp_id 
_pdbx_struct_sheet_hbond.range_1_label_asym_id 
_pdbx_struct_sheet_hbond.range_1_label_seq_id 
_pdbx_struct_sheet_hbond.range_1_PDB_ins_code 
_pdbx_struct_sheet_hbond.range_1_auth_atom_id 
_pdbx_struct_sheet_hbond.range_1_auth_comp_id 
_pdbx_struct_sheet_hbond.range_1_auth_asym_id 
_pdbx_struct_sheet_hbond.range_1_auth_seq_id 
_pdbx_struct_sheet_hbond.range_2_label_atom_id 
_pdbx_struct_sheet_hbond.range_2_label_comp_id 
_pdbx_struct_sheet_hbond.range_2_label_asym_id 
_pdbx_struct_sheet_hbond.range_2_label_seq_id 
_pdbx_struct_sheet_hbond.range_2_PDB_ins_code 
_pdbx_struct_sheet_hbond.range_2_auth_atom_id 
_pdbx_struct_sheet_hbond.range_2_auth_comp_id 
_pdbx_struct_sheet_hbond.range_2_auth_asym_id 
_pdbx_struct_sheet_hbond.range_2_auth_seq_id 
AA1 1 2 N ILE A 9   ? N ILE A 7  O ARG A 73 ? O ARG A 71 
AA1 2 3 N ILE A 78  ? N ILE A 76 O LEU A 99 ? O LEU A 97 
AA1 3 4 O VAL A 100 ? O VAL A 98 N MET A 31 ? N MET A 29 
AA1 4 5 N GLY A 30  ? N GLY A 28 O ASP A 39 ? O ASP A 37 
AA2 1 2 N ILE A 9   ? N ILE A 7  O ARG A 73 ? O ARG A 71 
AA2 2 3 N ILE A 78  ? N ILE A 76 O LEU A 99 ? O LEU A 97 
AA2 3 4 O VAL A 100 ? O VAL A 98 N MET A 31 ? N MET A 29 
AA2 4 5 N CYS A 24  ? N CYS A 22 O PHE A 50 ? O PHE A 48 
# 
_pdbx_entry_details.entry_id                   9CO5 
_pdbx_entry_details.has_ligand_of_interest     Y 
_pdbx_entry_details.compound_details           ? 
_pdbx_entry_details.source_details             ? 
_pdbx_entry_details.nonpolymer_details         ? 
_pdbx_entry_details.sequence_details           ? 
_pdbx_entry_details.has_protein_modification   N 
# 
loop_
_pdbx_validate_torsion.id 
_pdbx_validate_torsion.PDB_model_num 
_pdbx_validate_torsion.auth_comp_id 
_pdbx_validate_torsion.auth_asym_id 
_pdbx_validate_torsion.auth_seq_id 
_pdbx_validate_torsion.PDB_ins_code 
_pdbx_validate_torsion.label_alt_id 
_pdbx_validate_torsion.phi 
_pdbx_validate_torsion.psi 
1 1 ARG A 42  ? ? -63.93  3.72    
2 1 ALA A 81  ? ? -122.90 -117.91 
3 1 PRO A 88  ? ? -24.06  118.62  
4 1 ALA B 194 ? ? -91.61  56.17   
5 1 GLU B 232 ? ? -62.02  71.30   
6 1 ASN B 235 ? ? 11.74   67.31   
# 
loop_
_space_group_symop.id 
_space_group_symop.operation_xyz 
1  x,y,z          
2  x-y,x,z+1/6    
3  y,-x+y,z+5/6   
4  -y,x-y,z+1/3   
5  -x+y,-x,z+2/3  
6  x-y,-y,-z      
7  -x,-x+y,-z+2/3 
8  -x,-y,z+1/2    
9  y,x,-z+1/3     
10 -y,-x,-z+5/6   
11 -x+y,y,-z+1/2  
12 x,x-y,-z+1/6   
# 
loop_
_chem_comp_atom.comp_id 
_chem_comp_atom.atom_id 
_chem_comp_atom.type_symbol 
_chem_comp_atom.pdbx_aromatic_flag 
_chem_comp_atom.pdbx_stereo_config 
_chem_comp_atom.pdbx_ordinal 
A1AZI C1   C Y N 1   
A1AZI C2   C Y N 2   
A1AZI C3   C Y N 3   
A1AZI O1   O N N 4   
A1AZI O2   O N N 5   
A1AZI O3   O N N 6   
A1AZI C41  C N N 7   
A1AZI C11  C Y N 8   
A1AZI C12  C Y N 9   
A1AZI C13  C Y N 10  
A1AZI C14  C Y N 11  
A1AZI C15  C Y N 12  
A1AZI C16  C N N 13  
A1AZI C17  C N N 14  
A1AZI C18  C N N 15  
A1AZI C19  C N N 16  
A1AZI C20  C N N 17  
A1AZI C21  C N N 18  
A1AZI C22  C N R 19  
A1AZI C23  C N N 20  
A1AZI C24  C N S 21  
A1AZI C25  C N N 22  
A1AZI C26  C N N 23  
A1AZI C27  C N N 24  
A1AZI C28  C N N 25  
A1AZI C29  C N N 26  
A1AZI C30  C N S 27  
A1AZI C10  C Y N 28  
A1AZI C31  C N N 29  
A1AZI C32  C N N 30  
A1AZI C33  C N N 31  
A1AZI C34  C N N 32  
A1AZI C35  C N N 33  
A1AZI C36  C N N 34  
A1AZI C37  C N N 35  
A1AZI C38  C N N 36  
A1AZI C39  C N N 37  
A1AZI C4   C Y N 38  
A1AZI C40  C N N 39  
A1AZI C5   C Y N 40  
A1AZI C6   C Y N 41  
A1AZI C7   C N N 42  
A1AZI C8   C N N 43  
A1AZI C9   C N R 44  
A1AZI N1   N N N 45  
A1AZI N2   N N N 46  
A1AZI N3   N N N 47  
A1AZI O10  O N N 48  
A1AZI O11  O N N 49  
A1AZI O4   O N N 50  
A1AZI O5   O N N 51  
A1AZI O6   O N N 52  
A1AZI O7   O N N 53  
A1AZI O8   O N N 54  
A1AZI O9   O N N 55  
A1AZI H5   H N N 56  
A1AZI H51  H N N 57  
A1AZI H49  H N N 58  
A1AZI H50  H N N 59  
A1AZI H12  H N N 60  
A1AZI H13  H N N 61  
A1AZI H14  H N N 62  
A1AZI H15  H N N 63  
A1AZI H16  H N N 64  
A1AZI H17  H N N 65  
A1AZI H18  H N N 66  
A1AZI H19  H N N 67  
A1AZI H20  H N N 68  
A1AZI H21  H N N 69  
A1AZI H22  H N N 70  
A1AZI H23  H N N 71  
A1AZI H2   H N N 72  
A1AZI H3   H N N 73  
A1AZI H26  H N N 74  
A1AZI H25  H N N 75  
A1AZI H4   H N N 76  
A1AZI H27  H N N 77  
A1AZI H28  H N N 78  
A1AZI H30  H N N 79  
A1AZI H29  H N N 80  
A1AZI H32  H N N 81  
A1AZI H31  H N N 82  
A1AZI H33  H N N 83  
A1AZI H34  H N N 84  
A1AZI H36  H N N 85  
A1AZI H35  H N N 86  
A1AZI H37  H N N 87  
A1AZI H40  H N N 88  
A1AZI H39  H N N 89  
A1AZI H38  H N N 90  
A1AZI H42  H N N 91  
A1AZI H43  H N N 92  
A1AZI H41  H N N 93  
A1AZI H45  H N N 94  
A1AZI H44  H N N 95  
A1AZI H6   H N N 96  
A1AZI H46  H N N 97  
A1AZI H47  H N N 98  
A1AZI H48  H N N 99  
A1AZI H7   H N N 100 
A1AZI H8   H N N 101 
A1AZI H9   H N N 102 
A1AZI H10  H N N 103 
A1AZI H11  H N N 104 
A1AZI H1   H N N 105 
A1AZI H24  H N N 106 
ALA   N    N N N 107 
ALA   CA   C N S 108 
ALA   C    C N N 109 
ALA   O    O N N 110 
ALA   CB   C N N 111 
ALA   OXT  O N N 112 
ALA   H    H N N 113 
ALA   H2   H N N 114 
ALA   HA   H N N 115 
ALA   HB1  H N N 116 
ALA   HB2  H N N 117 
ALA   HB3  H N N 118 
ALA   HXT  H N N 119 
ARG   N    N N N 120 
ARG   CA   C N S 121 
ARG   C    C N N 122 
ARG   O    O N N 123 
ARG   CB   C N N 124 
ARG   CG   C N N 125 
ARG   CD   C N N 126 
ARG   NE   N N N 127 
ARG   CZ   C N N 128 
ARG   NH1  N N N 129 
ARG   NH2  N N N 130 
ARG   OXT  O N N 131 
ARG   H    H N N 132 
ARG   H2   H N N 133 
ARG   HA   H N N 134 
ARG   HB2  H N N 135 
ARG   HB3  H N N 136 
ARG   HG2  H N N 137 
ARG   HG3  H N N 138 
ARG   HD2  H N N 139 
ARG   HD3  H N N 140 
ARG   HE   H N N 141 
ARG   HH11 H N N 142 
ARG   HH12 H N N 143 
ARG   HH21 H N N 144 
ARG   HH22 H N N 145 
ARG   HXT  H N N 146 
ASN   N    N N N 147 
ASN   CA   C N S 148 
ASN   C    C N N 149 
ASN   O    O N N 150 
ASN   CB   C N N 151 
ASN   CG   C N N 152 
ASN   OD1  O N N 153 
ASN   ND2  N N N 154 
ASN   OXT  O N N 155 
ASN   H    H N N 156 
ASN   H2   H N N 157 
ASN   HA   H N N 158 
ASN   HB2  H N N 159 
ASN   HB3  H N N 160 
ASN   HD21 H N N 161 
ASN   HD22 H N N 162 
ASN   HXT  H N N 163 
ASP   N    N N N 164 
ASP   CA   C N S 165 
ASP   C    C N N 166 
ASP   O    O N N 167 
ASP   CB   C N N 168 
ASP   CG   C N N 169 
ASP   OD1  O N N 170 
ASP   OD2  O N N 171 
ASP   OXT  O N N 172 
ASP   H    H N N 173 
ASP   H2   H N N 174 
ASP   HA   H N N 175 
ASP   HB2  H N N 176 
ASP   HB3  H N N 177 
ASP   HD2  H N N 178 
ASP   HXT  H N N 179 
CYS   N    N N N 180 
CYS   CA   C N R 181 
CYS   C    C N N 182 
CYS   O    O N N 183 
CYS   CB   C N N 184 
CYS   SG   S N N 185 
CYS   OXT  O N N 186 
CYS   H    H N N 187 
CYS   H2   H N N 188 
CYS   HA   H N N 189 
CYS   HB2  H N N 190 
CYS   HB3  H N N 191 
CYS   HG   H N N 192 
CYS   HXT  H N N 193 
GLN   N    N N N 194 
GLN   CA   C N S 195 
GLN   C    C N N 196 
GLN   O    O N N 197 
GLN   CB   C N N 198 
GLN   CG   C N N 199 
GLN   CD   C N N 200 
GLN   OE1  O N N 201 
GLN   NE2  N N N 202 
GLN   OXT  O N N 203 
GLN   H    H N N 204 
GLN   H2   H N N 205 
GLN   HA   H N N 206 
GLN   HB2  H N N 207 
GLN   HB3  H N N 208 
GLN   HG2  H N N 209 
GLN   HG3  H N N 210 
GLN   HE21 H N N 211 
GLN   HE22 H N N 212 
GLN   HXT  H N N 213 
GLU   N    N N N 214 
GLU   CA   C N S 215 
GLU   C    C N N 216 
GLU   O    O N N 217 
GLU   CB   C N N 218 
GLU   CG   C N N 219 
GLU   CD   C N N 220 
GLU   OE1  O N N 221 
GLU   OE2  O N N 222 
GLU   OXT  O N N 223 
GLU   H    H N N 224 
GLU   H2   H N N 225 
GLU   HA   H N N 226 
GLU   HB2  H N N 227 
GLU   HB3  H N N 228 
GLU   HG2  H N N 229 
GLU   HG3  H N N 230 
GLU   HE2  H N N 231 
GLU   HXT  H N N 232 
GLY   N    N N N 233 
GLY   CA   C N N 234 
GLY   C    C N N 235 
GLY   O    O N N 236 
GLY   OXT  O N N 237 
GLY   H    H N N 238 
GLY   H2   H N N 239 
GLY   HA2  H N N 240 
GLY   HA3  H N N 241 
GLY   HXT  H N N 242 
HIS   N    N N N 243 
HIS   CA   C N S 244 
HIS   C    C N N 245 
HIS   O    O N N 246 
HIS   CB   C N N 247 
HIS   CG   C Y N 248 
HIS   ND1  N Y N 249 
HIS   CD2  C Y N 250 
HIS   CE1  C Y N 251 
HIS   NE2  N Y N 252 
HIS   OXT  O N N 253 
HIS   H    H N N 254 
HIS   H2   H N N 255 
HIS   HA   H N N 256 
HIS   HB2  H N N 257 
HIS   HB3  H N N 258 
HIS   HD1  H N N 259 
HIS   HD2  H N N 260 
HIS   HE1  H N N 261 
HIS   HE2  H N N 262 
HIS   HXT  H N N 263 
HOH   O    O N N 264 
HOH   H1   H N N 265 
HOH   H2   H N N 266 
ILE   N    N N N 267 
ILE   CA   C N S 268 
ILE   C    C N N 269 
ILE   O    O N N 270 
ILE   CB   C N S 271 
ILE   CG1  C N N 272 
ILE   CG2  C N N 273 
ILE   CD1  C N N 274 
ILE   OXT  O N N 275 
ILE   H    H N N 276 
ILE   H2   H N N 277 
ILE   HA   H N N 278 
ILE   HB   H N N 279 
ILE   HG12 H N N 280 
ILE   HG13 H N N 281 
ILE   HG21 H N N 282 
ILE   HG22 H N N 283 
ILE   HG23 H N N 284 
ILE   HD11 H N N 285 
ILE   HD12 H N N 286 
ILE   HD13 H N N 287 
ILE   HXT  H N N 288 
LEU   N    N N N 289 
LEU   CA   C N S 290 
LEU   C    C N N 291 
LEU   O    O N N 292 
LEU   CB   C N N 293 
LEU   CG   C N N 294 
LEU   CD1  C N N 295 
LEU   CD2  C N N 296 
LEU   OXT  O N N 297 
LEU   H    H N N 298 
LEU   H2   H N N 299 
LEU   HA   H N N 300 
LEU   HB2  H N N 301 
LEU   HB3  H N N 302 
LEU   HG   H N N 303 
LEU   HD11 H N N 304 
LEU   HD12 H N N 305 
LEU   HD13 H N N 306 
LEU   HD21 H N N 307 
LEU   HD22 H N N 308 
LEU   HD23 H N N 309 
LEU   HXT  H N N 310 
LYS   N    N N N 311 
LYS   CA   C N S 312 
LYS   C    C N N 313 
LYS   O    O N N 314 
LYS   CB   C N N 315 
LYS   CG   C N N 316 
LYS   CD   C N N 317 
LYS   CE   C N N 318 
LYS   NZ   N N N 319 
LYS   OXT  O N N 320 
LYS   H    H N N 321 
LYS   H2   H N N 322 
LYS   HA   H N N 323 
LYS   HB2  H N N 324 
LYS   HB3  H N N 325 
LYS   HG2  H N N 326 
LYS   HG3  H N N 327 
LYS   HD2  H N N 328 
LYS   HD3  H N N 329 
LYS   HE2  H N N 330 
LYS   HE3  H N N 331 
LYS   HZ1  H N N 332 
LYS   HZ2  H N N 333 
LYS   HZ3  H N N 334 
LYS   HXT  H N N 335 
MET   N    N N N 336 
MET   CA   C N S 337 
MET   C    C N N 338 
MET   O    O N N 339 
MET   CB   C N N 340 
MET   CG   C N N 341 
MET   SD   S N N 342 
MET   CE   C N N 343 
MET   OXT  O N N 344 
MET   H    H N N 345 
MET   H2   H N N 346 
MET   HA   H N N 347 
MET   HB2  H N N 348 
MET   HB3  H N N 349 
MET   HG2  H N N 350 
MET   HG3  H N N 351 
MET   HE1  H N N 352 
MET   HE2  H N N 353 
MET   HE3  H N N 354 
MET   HXT  H N N 355 
PHE   N    N N N 356 
PHE   CA   C N S 357 
PHE   C    C N N 358 
PHE   O    O N N 359 
PHE   CB   C N N 360 
PHE   CG   C Y N 361 
PHE   CD1  C Y N 362 
PHE   CD2  C Y N 363 
PHE   CE1  C Y N 364 
PHE   CE2  C Y N 365 
PHE   CZ   C Y N 366 
PHE   OXT  O N N 367 
PHE   H    H N N 368 
PHE   H2   H N N 369 
PHE   HA   H N N 370 
PHE   HB2  H N N 371 
PHE   HB3  H N N 372 
PHE   HD1  H N N 373 
PHE   HD2  H N N 374 
PHE   HE1  H N N 375 
PHE   HE2  H N N 376 
PHE   HZ   H N N 377 
PHE   HXT  H N N 378 
PRO   N    N N N 379 
PRO   CA   C N S 380 
PRO   C    C N N 381 
PRO   O    O N N 382 
PRO   CB   C N N 383 
PRO   CG   C N N 384 
PRO   CD   C N N 385 
PRO   OXT  O N N 386 
PRO   H    H N N 387 
PRO   HA   H N N 388 
PRO   HB2  H N N 389 
PRO   HB3  H N N 390 
PRO   HG2  H N N 391 
PRO   HG3  H N N 392 
PRO   HD2  H N N 393 
PRO   HD3  H N N 394 
PRO   HXT  H N N 395 
SER   N    N N N 396 
SER   CA   C N S 397 
SER   C    C N N 398 
SER   O    O N N 399 
SER   CB   C N N 400 
SER   OG   O N N 401 
SER   OXT  O N N 402 
SER   H    H N N 403 
SER   H2   H N N 404 
SER   HA   H N N 405 
SER   HB2  H N N 406 
SER   HB3  H N N 407 
SER   HG   H N N 408 
SER   HXT  H N N 409 
THR   N    N N N 410 
THR   CA   C N S 411 
THR   C    C N N 412 
THR   O    O N N 413 
THR   CB   C N R 414 
THR   OG1  O N N 415 
THR   CG2  C N N 416 
THR   OXT  O N N 417 
THR   H    H N N 418 
THR   H2   H N N 419 
THR   HA   H N N 420 
THR   HB   H N N 421 
THR   HG1  H N N 422 
THR   HG21 H N N 423 
THR   HG22 H N N 424 
THR   HG23 H N N 425 
THR   HXT  H N N 426 
TRP   N    N N N 427 
TRP   CA   C N S 428 
TRP   C    C N N 429 
TRP   O    O N N 430 
TRP   CB   C N N 431 
TRP   CG   C Y N 432 
TRP   CD1  C Y N 433 
TRP   CD2  C Y N 434 
TRP   NE1  N Y N 435 
TRP   CE2  C Y N 436 
TRP   CE3  C Y N 437 
TRP   CZ2  C Y N 438 
TRP   CZ3  C Y N 439 
TRP   CH2  C Y N 440 
TRP   OXT  O N N 441 
TRP   H    H N N 442 
TRP   H2   H N N 443 
TRP   HA   H N N 444 
TRP   HB2  H N N 445 
TRP   HB3  H N N 446 
TRP   HD1  H N N 447 
TRP   HE1  H N N 448 
TRP   HE3  H N N 449 
TRP   HZ2  H N N 450 
TRP   HZ3  H N N 451 
TRP   HH2  H N N 452 
TRP   HXT  H N N 453 
TYR   N    N N N 454 
TYR   CA   C N S 455 
TYR   C    C N N 456 
TYR   O    O N N 457 
TYR   CB   C N N 458 
TYR   CG   C Y N 459 
TYR   CD1  C Y N 460 
TYR   CD2  C Y N 461 
TYR   CE1  C Y N 462 
TYR   CE2  C Y N 463 
TYR   CZ   C Y N 464 
TYR   OH   O N N 465 
TYR   OXT  O N N 466 
TYR   H    H N N 467 
TYR   H2   H N N 468 
TYR   HA   H N N 469 
TYR   HB2  H N N 470 
TYR   HB3  H N N 471 
TYR   HD1  H N N 472 
TYR   HD2  H N N 473 
TYR   HE1  H N N 474 
TYR   HE2  H N N 475 
TYR   HH   H N N 476 
TYR   HXT  H N N 477 
VAL   N    N N N 478 
VAL   CA   C N S 479 
VAL   C    C N N 480 
VAL   O    O N N 481 
VAL   CB   C N N 482 
VAL   CG1  C N N 483 
VAL   CG2  C N N 484 
VAL   OXT  O N N 485 
VAL   H    H N N 486 
VAL   H2   H N N 487 
VAL   HA   H N N 488 
VAL   HB   H N N 489 
VAL   HG11 H N N 490 
VAL   HG12 H N N 491 
VAL   HG13 H N N 492 
VAL   HG21 H N N 493 
VAL   HG22 H N N 494 
VAL   HG23 H N N 495 
VAL   HXT  H N N 496 
# 
loop_
_chem_comp_bond.comp_id 
_chem_comp_bond.atom_id_1 
_chem_comp_bond.atom_id_2 
_chem_comp_bond.value_order 
_chem_comp_bond.pdbx_aromatic_flag 
_chem_comp_bond.pdbx_stereo_config 
_chem_comp_bond.pdbx_ordinal 
A1AZI C1  C6   doub Y N 1   
A1AZI C1  C2   sing Y N 2   
A1AZI C2  C3   doub Y N 3   
A1AZI C2  O11  sing N N 4   
A1AZI C3  C4   sing Y N 5   
A1AZI C3  O10  sing N N 6   
A1AZI C4  C5   doub Y N 7   
A1AZI C5  C6   sing Y N 8   
A1AZI C5  C7   sing N N 9   
A1AZI C7  C8   sing N N 10  
A1AZI C8  C9   sing N N 11  
A1AZI C9  O5   sing N N 12  
A1AZI C9  C10  sing N N 13  
A1AZI C10 C15  doub Y N 14  
A1AZI C10 C11  sing Y N 15  
A1AZI C11 C12  doub Y N 16  
A1AZI C12 C13  sing Y N 17  
A1AZI C13 C14  doub Y N 18  
A1AZI C14 C15  sing Y N 19  
A1AZI C14 O1   sing N N 20  
A1AZI O1  C16  sing N N 21  
A1AZI C16 C17  sing N N 22  
A1AZI C17 O2   doub N N 23  
A1AZI C17 N1   sing N N 24  
A1AZI N1  C22  sing N N 25  
A1AZI N1  C18  sing N N 26  
A1AZI C18 C19  sing N N 27  
A1AZI C19 C20  sing N N 28  
A1AZI C20 C21  sing N N 29  
A1AZI C20 C39  doub N N 30  
A1AZI C22 C21  sing N N 31  
A1AZI C22 C23  sing N N 32  
A1AZI C23 O3   doub N N 33  
A1AZI C23 N2   sing N N 34  
A1AZI C24 N2   sing N N 35  
A1AZI C24 C25  sing N N 36  
A1AZI C24 C38  sing N N 37  
A1AZI C25 O4   sing N N 38  
A1AZI C25 O9   doub N N 39  
A1AZI O4  C26  sing N N 40  
A1AZI C26 C27  sing N N 41  
A1AZI C27 C28  sing N N 42  
A1AZI C27 C36  sing N N 43  
A1AZI C27 C37  sing N N 44  
A1AZI C28 C29  sing N N 45  
A1AZI C28 O8   doub N N 46  
A1AZI C29 N3   sing N N 47  
A1AZI C29 O7   doub N N 48  
A1AZI N3  C35  sing N N 49  
A1AZI N3  C30  sing N N 50  
A1AZI C30 C31  sing N N 51  
A1AZI C30 C32  sing N N 52  
A1AZI C31 O5   sing N N 53  
A1AZI C31 O6   doub N N 54  
A1AZI C32 C33  sing N N 55  
A1AZI C33 C34  sing N N 56  
A1AZI C34 C35  sing N N 57  
A1AZI O10 C40  sing N N 58  
A1AZI O11 C41  sing N N 59  
A1AZI C1  H5   sing N N 60  
A1AZI C41 H51  sing N N 61  
A1AZI C41 H49  sing N N 62  
A1AZI C41 H50  sing N N 63  
A1AZI C11 H12  sing N N 64  
A1AZI C12 H13  sing N N 65  
A1AZI C13 H14  sing N N 66  
A1AZI C15 H15  sing N N 67  
A1AZI C16 H16  sing N N 68  
A1AZI C16 H17  sing N N 69  
A1AZI C18 H18  sing N N 70  
A1AZI C18 H19  sing N N 71  
A1AZI C19 H20  sing N N 72  
A1AZI C19 H21  sing N N 73  
A1AZI C21 H22  sing N N 74  
A1AZI C21 H23  sing N N 75  
A1AZI C22 H2   sing N N 76  
A1AZI C24 H3   sing N N 77  
A1AZI C26 H26  sing N N 78  
A1AZI C26 H25  sing N N 79  
A1AZI C30 H4   sing N N 80  
A1AZI C32 H27  sing N N 81  
A1AZI C32 H28  sing N N 82  
A1AZI C33 H30  sing N N 83  
A1AZI C33 H29  sing N N 84  
A1AZI C34 H32  sing N N 85  
A1AZI C34 H31  sing N N 86  
A1AZI C35 H33  sing N N 87  
A1AZI C35 H34  sing N N 88  
A1AZI C36 H36  sing N N 89  
A1AZI C36 H35  sing N N 90  
A1AZI C36 H37  sing N N 91  
A1AZI C37 H40  sing N N 92  
A1AZI C37 H39  sing N N 93  
A1AZI C37 H38  sing N N 94  
A1AZI C38 H42  sing N N 95  
A1AZI C38 H43  sing N N 96  
A1AZI C38 H41  sing N N 97  
A1AZI C39 H45  sing N N 98  
A1AZI C39 H44  sing N N 99  
A1AZI C4  H6   sing N N 100 
A1AZI C40 H46  sing N N 101 
A1AZI C40 H47  sing N N 102 
A1AZI C40 H48  sing N N 103 
A1AZI C6  H7   sing N N 104 
A1AZI C7  H8   sing N N 105 
A1AZI C7  H9   sing N N 106 
A1AZI C8  H10  sing N N 107 
A1AZI C8  H11  sing N N 108 
A1AZI C9  H1   sing N N 109 
A1AZI N2  H24  sing N N 110 
ALA   N   CA   sing N N 111 
ALA   N   H    sing N N 112 
ALA   N   H2   sing N N 113 
ALA   CA  C    sing N N 114 
ALA   CA  CB   sing N N 115 
ALA   CA  HA   sing N N 116 
ALA   C   O    doub N N 117 
ALA   C   OXT  sing N N 118 
ALA   CB  HB1  sing N N 119 
ALA   CB  HB2  sing N N 120 
ALA   CB  HB3  sing N N 121 
ALA   OXT HXT  sing N N 122 
ARG   N   CA   sing N N 123 
ARG   N   H    sing N N 124 
ARG   N   H2   sing N N 125 
ARG   CA  C    sing N N 126 
ARG   CA  CB   sing N N 127 
ARG   CA  HA   sing N N 128 
ARG   C   O    doub N N 129 
ARG   C   OXT  sing N N 130 
ARG   CB  CG   sing N N 131 
ARG   CB  HB2  sing N N 132 
ARG   CB  HB3  sing N N 133 
ARG   CG  CD   sing N N 134 
ARG   CG  HG2  sing N N 135 
ARG   CG  HG3  sing N N 136 
ARG   CD  NE   sing N N 137 
ARG   CD  HD2  sing N N 138 
ARG   CD  HD3  sing N N 139 
ARG   NE  CZ   sing N N 140 
ARG   NE  HE   sing N N 141 
ARG   CZ  NH1  sing N N 142 
ARG   CZ  NH2  doub N N 143 
ARG   NH1 HH11 sing N N 144 
ARG   NH1 HH12 sing N N 145 
ARG   NH2 HH21 sing N N 146 
ARG   NH2 HH22 sing N N 147 
ARG   OXT HXT  sing N N 148 
ASN   N   CA   sing N N 149 
ASN   N   H    sing N N 150 
ASN   N   H2   sing N N 151 
ASN   CA  C    sing N N 152 
ASN   CA  CB   sing N N 153 
ASN   CA  HA   sing N N 154 
ASN   C   O    doub N N 155 
ASN   C   OXT  sing N N 156 
ASN   CB  CG   sing N N 157 
ASN   CB  HB2  sing N N 158 
ASN   CB  HB3  sing N N 159 
ASN   CG  OD1  doub N N 160 
ASN   CG  ND2  sing N N 161 
ASN   ND2 HD21 sing N N 162 
ASN   ND2 HD22 sing N N 163 
ASN   OXT HXT  sing N N 164 
ASP   N   CA   sing N N 165 
ASP   N   H    sing N N 166 
ASP   N   H2   sing N N 167 
ASP   CA  C    sing N N 168 
ASP   CA  CB   sing N N 169 
ASP   CA  HA   sing N N 170 
ASP   C   O    doub N N 171 
ASP   C   OXT  sing N N 172 
ASP   CB  CG   sing N N 173 
ASP   CB  HB2  sing N N 174 
ASP   CB  HB3  sing N N 175 
ASP   CG  OD1  doub N N 176 
ASP   CG  OD2  sing N N 177 
ASP   OD2 HD2  sing N N 178 
ASP   OXT HXT  sing N N 179 
CYS   N   CA   sing N N 180 
CYS   N   H    sing N N 181 
CYS   N   H2   sing N N 182 
CYS   CA  C    sing N N 183 
CYS   CA  CB   sing N N 184 
CYS   CA  HA   sing N N 185 
CYS   C   O    doub N N 186 
CYS   C   OXT  sing N N 187 
CYS   CB  SG   sing N N 188 
CYS   CB  HB2  sing N N 189 
CYS   CB  HB3  sing N N 190 
CYS   SG  HG   sing N N 191 
CYS   OXT HXT  sing N N 192 
GLN   N   CA   sing N N 193 
GLN   N   H    sing N N 194 
GLN   N   H2   sing N N 195 
GLN   CA  C    sing N N 196 
GLN   CA  CB   sing N N 197 
GLN   CA  HA   sing N N 198 
GLN   C   O    doub N N 199 
GLN   C   OXT  sing N N 200 
GLN   CB  CG   sing N N 201 
GLN   CB  HB2  sing N N 202 
GLN   CB  HB3  sing N N 203 
GLN   CG  CD   sing N N 204 
GLN   CG  HG2  sing N N 205 
GLN   CG  HG3  sing N N 206 
GLN   CD  OE1  doub N N 207 
GLN   CD  NE2  sing N N 208 
GLN   NE2 HE21 sing N N 209 
GLN   NE2 HE22 sing N N 210 
GLN   OXT HXT  sing N N 211 
GLU   N   CA   sing N N 212 
GLU   N   H    sing N N 213 
GLU   N   H2   sing N N 214 
GLU   CA  C    sing N N 215 
GLU   CA  CB   sing N N 216 
GLU   CA  HA   sing N N 217 
GLU   C   O    doub N N 218 
GLU   C   OXT  sing N N 219 
GLU   CB  CG   sing N N 220 
GLU   CB  HB2  sing N N 221 
GLU   CB  HB3  sing N N 222 
GLU   CG  CD   sing N N 223 
GLU   CG  HG2  sing N N 224 
GLU   CG  HG3  sing N N 225 
GLU   CD  OE1  doub N N 226 
GLU   CD  OE2  sing N N 227 
GLU   OE2 HE2  sing N N 228 
GLU   OXT HXT  sing N N 229 
GLY   N   CA   sing N N 230 
GLY   N   H    sing N N 231 
GLY   N   H2   sing N N 232 
GLY   CA  C    sing N N 233 
GLY   CA  HA2  sing N N 234 
GLY   CA  HA3  sing N N 235 
GLY   C   O    doub N N 236 
GLY   C   OXT  sing N N 237 
GLY   OXT HXT  sing N N 238 
HIS   N   CA   sing N N 239 
HIS   N   H    sing N N 240 
HIS   N   H2   sing N N 241 
HIS   CA  C    sing N N 242 
HIS   CA  CB   sing N N 243 
HIS   CA  HA   sing N N 244 
HIS   C   O    doub N N 245 
HIS   C   OXT  sing N N 246 
HIS   CB  CG   sing N N 247 
HIS   CB  HB2  sing N N 248 
HIS   CB  HB3  sing N N 249 
HIS   CG  ND1  sing Y N 250 
HIS   CG  CD2  doub Y N 251 
HIS   ND1 CE1  doub Y N 252 
HIS   ND1 HD1  sing N N 253 
HIS   CD2 NE2  sing Y N 254 
HIS   CD2 HD2  sing N N 255 
HIS   CE1 NE2  sing Y N 256 
HIS   CE1 HE1  sing N N 257 
HIS   NE2 HE2  sing N N 258 
HIS   OXT HXT  sing N N 259 
HOH   O   H1   sing N N 260 
HOH   O   H2   sing N N 261 
ILE   N   CA   sing N N 262 
ILE   N   H    sing N N 263 
ILE   N   H2   sing N N 264 
ILE   CA  C    sing N N 265 
ILE   CA  CB   sing N N 266 
ILE   CA  HA   sing N N 267 
ILE   C   O    doub N N 268 
ILE   C   OXT  sing N N 269 
ILE   CB  CG1  sing N N 270 
ILE   CB  CG2  sing N N 271 
ILE   CB  HB   sing N N 272 
ILE   CG1 CD1  sing N N 273 
ILE   CG1 HG12 sing N N 274 
ILE   CG1 HG13 sing N N 275 
ILE   CG2 HG21 sing N N 276 
ILE   CG2 HG22 sing N N 277 
ILE   CG2 HG23 sing N N 278 
ILE   CD1 HD11 sing N N 279 
ILE   CD1 HD12 sing N N 280 
ILE   CD1 HD13 sing N N 281 
ILE   OXT HXT  sing N N 282 
LEU   N   CA   sing N N 283 
LEU   N   H    sing N N 284 
LEU   N   H2   sing N N 285 
LEU   CA  C    sing N N 286 
LEU   CA  CB   sing N N 287 
LEU   CA  HA   sing N N 288 
LEU   C   O    doub N N 289 
LEU   C   OXT  sing N N 290 
LEU   CB  CG   sing N N 291 
LEU   CB  HB2  sing N N 292 
LEU   CB  HB3  sing N N 293 
LEU   CG  CD1  sing N N 294 
LEU   CG  CD2  sing N N 295 
LEU   CG  HG   sing N N 296 
LEU   CD1 HD11 sing N N 297 
LEU   CD1 HD12 sing N N 298 
LEU   CD1 HD13 sing N N 299 
LEU   CD2 HD21 sing N N 300 
LEU   CD2 HD22 sing N N 301 
LEU   CD2 HD23 sing N N 302 
LEU   OXT HXT  sing N N 303 
LYS   N   CA   sing N N 304 
LYS   N   H    sing N N 305 
LYS   N   H2   sing N N 306 
LYS   CA  C    sing N N 307 
LYS   CA  CB   sing N N 308 
LYS   CA  HA   sing N N 309 
LYS   C   O    doub N N 310 
LYS   C   OXT  sing N N 311 
LYS   CB  CG   sing N N 312 
LYS   CB  HB2  sing N N 313 
LYS   CB  HB3  sing N N 314 
LYS   CG  CD   sing N N 315 
LYS   CG  HG2  sing N N 316 
LYS   CG  HG3  sing N N 317 
LYS   CD  CE   sing N N 318 
LYS   CD  HD2  sing N N 319 
LYS   CD  HD3  sing N N 320 
LYS   CE  NZ   sing N N 321 
LYS   CE  HE2  sing N N 322 
LYS   CE  HE3  sing N N 323 
LYS   NZ  HZ1  sing N N 324 
LYS   NZ  HZ2  sing N N 325 
LYS   NZ  HZ3  sing N N 326 
LYS   OXT HXT  sing N N 327 
MET   N   CA   sing N N 328 
MET   N   H    sing N N 329 
MET   N   H2   sing N N 330 
MET   CA  C    sing N N 331 
MET   CA  CB   sing N N 332 
MET   CA  HA   sing N N 333 
MET   C   O    doub N N 334 
MET   C   OXT  sing N N 335 
MET   CB  CG   sing N N 336 
MET   CB  HB2  sing N N 337 
MET   CB  HB3  sing N N 338 
MET   CG  SD   sing N N 339 
MET   CG  HG2  sing N N 340 
MET   CG  HG3  sing N N 341 
MET   SD  CE   sing N N 342 
MET   CE  HE1  sing N N 343 
MET   CE  HE2  sing N N 344 
MET   CE  HE3  sing N N 345 
MET   OXT HXT  sing N N 346 
PHE   N   CA   sing N N 347 
PHE   N   H    sing N N 348 
PHE   N   H2   sing N N 349 
PHE   CA  C    sing N N 350 
PHE   CA  CB   sing N N 351 
PHE   CA  HA   sing N N 352 
PHE   C   O    doub N N 353 
PHE   C   OXT  sing N N 354 
PHE   CB  CG   sing N N 355 
PHE   CB  HB2  sing N N 356 
PHE   CB  HB3  sing N N 357 
PHE   CG  CD1  doub Y N 358 
PHE   CG  CD2  sing Y N 359 
PHE   CD1 CE1  sing Y N 360 
PHE   CD1 HD1  sing N N 361 
PHE   CD2 CE2  doub Y N 362 
PHE   CD2 HD2  sing N N 363 
PHE   CE1 CZ   doub Y N 364 
PHE   CE1 HE1  sing N N 365 
PHE   CE2 CZ   sing Y N 366 
PHE   CE2 HE2  sing N N 367 
PHE   CZ  HZ   sing N N 368 
PHE   OXT HXT  sing N N 369 
PRO   N   CA   sing N N 370 
PRO   N   CD   sing N N 371 
PRO   N   H    sing N N 372 
PRO   CA  C    sing N N 373 
PRO   CA  CB   sing N N 374 
PRO   CA  HA   sing N N 375 
PRO   C   O    doub N N 376 
PRO   C   OXT  sing N N 377 
PRO   CB  CG   sing N N 378 
PRO   CB  HB2  sing N N 379 
PRO   CB  HB3  sing N N 380 
PRO   CG  CD   sing N N 381 
PRO   CG  HG2  sing N N 382 
PRO   CG  HG3  sing N N 383 
PRO   CD  HD2  sing N N 384 
PRO   CD  HD3  sing N N 385 
PRO   OXT HXT  sing N N 386 
SER   N   CA   sing N N 387 
SER   N   H    sing N N 388 
SER   N   H2   sing N N 389 
SER   CA  C    sing N N 390 
SER   CA  CB   sing N N 391 
SER   CA  HA   sing N N 392 
SER   C   O    doub N N 393 
SER   C   OXT  sing N N 394 
SER   CB  OG   sing N N 395 
SER   CB  HB2  sing N N 396 
SER   CB  HB3  sing N N 397 
SER   OG  HG   sing N N 398 
SER   OXT HXT  sing N N 399 
THR   N   CA   sing N N 400 
THR   N   H    sing N N 401 
THR   N   H2   sing N N 402 
THR   CA  C    sing N N 403 
THR   CA  CB   sing N N 404 
THR   CA  HA   sing N N 405 
THR   C   O    doub N N 406 
THR   C   OXT  sing N N 407 
THR   CB  OG1  sing N N 408 
THR   CB  CG2  sing N N 409 
THR   CB  HB   sing N N 410 
THR   OG1 HG1  sing N N 411 
THR   CG2 HG21 sing N N 412 
THR   CG2 HG22 sing N N 413 
THR   CG2 HG23 sing N N 414 
THR   OXT HXT  sing N N 415 
TRP   N   CA   sing N N 416 
TRP   N   H    sing N N 417 
TRP   N   H2   sing N N 418 
TRP   CA  C    sing N N 419 
TRP   CA  CB   sing N N 420 
TRP   CA  HA   sing N N 421 
TRP   C   O    doub N N 422 
TRP   C   OXT  sing N N 423 
TRP   CB  CG   sing N N 424 
TRP   CB  HB2  sing N N 425 
TRP   CB  HB3  sing N N 426 
TRP   CG  CD1  doub Y N 427 
TRP   CG  CD2  sing Y N 428 
TRP   CD1 NE1  sing Y N 429 
TRP   CD1 HD1  sing N N 430 
TRP   CD2 CE2  doub Y N 431 
TRP   CD2 CE3  sing Y N 432 
TRP   NE1 CE2  sing Y N 433 
TRP   NE1 HE1  sing N N 434 
TRP   CE2 CZ2  sing Y N 435 
TRP   CE3 CZ3  doub Y N 436 
TRP   CE3 HE3  sing N N 437 
TRP   CZ2 CH2  doub Y N 438 
TRP   CZ2 HZ2  sing N N 439 
TRP   CZ3 CH2  sing Y N 440 
TRP   CZ3 HZ3  sing N N 441 
TRP   CH2 HH2  sing N N 442 
TRP   OXT HXT  sing N N 443 
TYR   N   CA   sing N N 444 
TYR   N   H    sing N N 445 
TYR   N   H2   sing N N 446 
TYR   CA  C    sing N N 447 
TYR   CA  CB   sing N N 448 
TYR   CA  HA   sing N N 449 
TYR   C   O    doub N N 450 
TYR   C   OXT  sing N N 451 
TYR   CB  CG   sing N N 452 
TYR   CB  HB2  sing N N 453 
TYR   CB  HB3  sing N N 454 
TYR   CG  CD1  doub Y N 455 
TYR   CG  CD2  sing Y N 456 
TYR   CD1 CE1  sing Y N 457 
TYR   CD1 HD1  sing N N 458 
TYR   CD2 CE2  doub Y N 459 
TYR   CD2 HD2  sing N N 460 
TYR   CE1 CZ   doub Y N 461 
TYR   CE1 HE1  sing N N 462 
TYR   CE2 CZ   sing Y N 463 
TYR   CE2 HE2  sing N N 464 
TYR   CZ  OH   sing N N 465 
TYR   OH  HH   sing N N 466 
TYR   OXT HXT  sing N N 467 
VAL   N   CA   sing N N 468 
VAL   N   H    sing N N 469 
VAL   N   H2   sing N N 470 
VAL   CA  C    sing N N 471 
VAL   CA  CB   sing N N 472 
VAL   CA  HA   sing N N 473 
VAL   C   O    doub N N 474 
VAL   C   OXT  sing N N 475 
VAL   CB  CG1  sing N N 476 
VAL   CB  CG2  sing N N 477 
VAL   CB  HB   sing N N 478 
VAL   CG1 HG11 sing N N 479 
VAL   CG1 HG12 sing N N 480 
VAL   CG1 HG13 sing N N 481 
VAL   CG2 HG21 sing N N 482 
VAL   CG2 HG22 sing N N 483 
VAL   CG2 HG23 sing N N 484 
VAL   OXT HXT  sing N N 485 
# 
_pdbx_audit_support.funding_organization   'Not funded' 
_pdbx_audit_support.country                ? 
_pdbx_audit_support.grant_number           ? 
_pdbx_audit_support.ordinal                1 
# 
loop_
_pdbx_initial_refinement_model.id 
_pdbx_initial_refinement_model.entity_id_list 
_pdbx_initial_refinement_model.type 
_pdbx_initial_refinement_model.source_name 
_pdbx_initial_refinement_model.accession_code 
_pdbx_initial_refinement_model.details 
1 ? 'experimental model' PDB 3mdy ? 
2 ? 'experimental model' PDB 1txq ? 
# 
_space_group.name_H-M_alt     'P 61 2 2' 
_space_group.name_Hall        'P 61 2 (x,y,z+5/12)' 
_space_group.IT_number        178 
_space_group.crystal_system   hexagonal 
_space_group.id               1 
# 
_atom_sites.entry_id                    9CO5 
_atom_sites.Cartn_transf_matrix[1][1]   ? 
_atom_sites.Cartn_transf_matrix[1][2]   ? 
_atom_sites.Cartn_transf_matrix[1][3]   ? 
_atom_sites.Cartn_transf_matrix[2][1]   ? 
_atom_sites.Cartn_transf_matrix[2][2]   ? 
_atom_sites.Cartn_transf_matrix[2][3]   ? 
_atom_sites.Cartn_transf_matrix[3][1]   ? 
_atom_sites.Cartn_transf_matrix[3][2]   ? 
_atom_sites.Cartn_transf_matrix[3][3]   ? 
_atom_sites.Cartn_transf_vector[1]      ? 
_atom_sites.Cartn_transf_vector[2]      ? 
_atom_sites.Cartn_transf_vector[3]      ? 
_atom_sites.Cartn_transform_axes        ? 
_atom_sites.fract_transf_matrix[1][1]   -0.00007001 
_atom_sites.fract_transf_matrix[1][2]   -0.00835320 
_atom_sites.fract_transf_matrix[1][3]   0.00189472 
_atom_sites.fract_transf_matrix[2][1]   -0.00399888 
_atom_sites.fract_transf_matrix[2][2]   -0.00553237 
_atom_sites.fract_transf_matrix[2][3]   -0.00517477 
_atom_sites.fract_transf_matrix[3][1]   0.01581681 
_atom_sites.fract_transf_matrix[3][2]   -0.00233801 
_atom_sites.fract_transf_matrix[3][3]   -0.00972309 
_atom_sites.fract_transf_vector[1]      0.114991 
_atom_sites.fract_transf_vector[2]      -0.362492 
_atom_sites.fract_transf_vector[3]      -0.081369 
_atom_sites.solution_primary            ? 
_atom_sites.solution_secondary          ? 
_atom_sites.solution_hydrogens          ? 
_atom_sites.special_details             ? 
# 
loop_
_atom_type.symbol 
_atom_type.scat_dispersion_real 
_atom_type.scat_dispersion_imag 
_atom_type.scat_Cromer_Mann_a1 
_atom_type.scat_Cromer_Mann_a2 
_atom_type.scat_Cromer_Mann_a3 
_atom_type.scat_Cromer_Mann_a4 
_atom_type.scat_Cromer_Mann_b1 
_atom_type.scat_Cromer_Mann_b2 
_atom_type.scat_Cromer_Mann_b3 
_atom_type.scat_Cromer_Mann_b4 
_atom_type.scat_Cromer_Mann_c 
_atom_type.scat_source 
_atom_type.scat_dispersion_source 
C ? ? 3.54356 2.42580 ? ? 25.62398 1.50364  ? ? 0.0 
;2-Gaussian fit: Grosse-Kunstleve RW, Sauter NK, Adams PD: Newsletter of the IUCr Commission on Crystallographic Computing 2004, 3, 22-31.
;
? 
H ? ? 0.51345 0.48472 ? ? 24.73122 6.32584  ? ? 0.0 
;2-Gaussian fit: Grosse-Kunstleve RW, Sauter NK, Adams PD: Newsletter of the IUCr Commission on Crystallographic Computing 2004, 3, 22-31.
;
? 
N ? ? 4.01032 2.96436 ? ? 19.97189 1.75589  ? ? 0.0 
;2-Gaussian fit: Grosse-Kunstleve RW, Sauter NK, Adams PD: Newsletter of the IUCr Commission on Crystallographic Computing 2004, 3, 22-31.
;
? 
O ? ? 7.96527 ?       ? ? 9.05267  ?        ? ? 0.0 
;1-Gaussian fit: Grosse-Kunstleve RW, Sauter NK, Adams PD: Newsletter of the IUCr Commission on Crystallographic Computing 2004, 3, 22-31.
;
? 
S ? ? 9.55732 6.39887 ? ? 1.23737  29.19336 ? ? 0.0 
;2-Gaussian fit: Grosse-Kunstleve RW, Sauter NK, Adams PD: Newsletter of the IUCr Commission on Crystallographic Computing 2004, 3, 22-31.
;
? 
# 
loop_
_atom_site.group_PDB 
_atom_site.id 
_atom_site.type_symbol 
_atom_site.label_atom_id 
_atom_site.label_alt_id 
_atom_site.label_comp_id 
_atom_site.label_asym_id 
_atom_site.label_entity_id 
_atom_site.label_seq_id 
_atom_site.pdbx_PDB_ins_code 
_atom_site.Cartn_x 
_atom_site.Cartn_y 
_atom_site.Cartn_z 
_atom_site.occupancy 
_atom_site.B_iso_or_equiv 
_atom_site.pdbx_formal_charge 
_atom_site.auth_seq_id 
_atom_site.auth_comp_id 
_atom_site.auth_asym_id 
_atom_site.auth_atom_id 
_atom_site.pdbx_PDB_model_num 
ATOM   1    N N   . SER   A 1 1   ? 5.72581   -5.99445  18.71927  1.000 71.11438  ? -1  SER   A N   1 
ATOM   2    C CA  . SER   A 1 1   ? 5.67262   -7.10428  17.75625  1.000 56.45424  ? -1  SER   A CA  1 
ATOM   3    C C   . SER   A 1 1   ? 6.29987   -6.74811  16.40440  1.000 52.91168  ? -1  SER   A C   1 
ATOM   4    O O   . SER   A 1 1   ? 6.63997   -5.58635  16.14139  1.000 67.38758  ? -1  SER   A O   1 
ATOM   5    C CB  . SER   A 1 1   ? 4.24097   -7.56819  17.52854  1.000 51.72835  ? -1  SER   A CB  1 
ATOM   6    O OG  . SER   A 1 1   ? 4.22433   -8.47983  16.44958  1.000 42.14987  ? -1  SER   A OG  1 
ATOM   7    N N   . MET   A 1 2   ? 6.42363   -7.74544  15.54083  1.000 36.82685  ? 0   MET   A N   1 
ATOM   8    C CA  . MET   A 1 2   ? 7.34512   -7.65816  14.41638  1.000 37.55751  ? 0   MET   A CA  1 
ATOM   9    C C   . MET   A 1 2   ? 6.78483   -6.82055  13.26812  1.000 44.54676  ? 0   MET   A C   1 
ATOM   10   O O   . MET   A 1 2   ? 5.65603   -7.03637  12.81009  1.000 42.98146  ? 0   MET   A O   1 
ATOM   11   C CB  . MET   A 1 2   ? 7.67792   -9.05664  13.93363  1.000 41.98981  ? 0   MET   A CB  1 
ATOM   12   C CG  . MET   A 1 2   ? 8.73915   -9.09147  12.90455  1.000 43.06256  ? 0   MET   A CG  1 
ATOM   13   S SD  . MET   A 1 2   ? 9.03120   -10.76654 12.30942  1.000 58.79324  ? 0   MET   A SD  1 
ATOM   14   C CE  . MET   A 1 2   ? 10.66593  -10.43995 11.65515  1.000 39.34369  ? 0   MET   A CE  1 
ATOM   15   N N   . GLY   A 1 3   ? 7.60409   -5.88678  12.77301  1.000 49.60628  ? 1   GLY   A N   1 
ATOM   16   C CA  . GLY   A 1 3   ? 7.10739   -4.90131  11.82374  1.000 38.74870  ? 1   GLY   A CA  1 
ATOM   17   C C   . GLY   A 1 3   ? 6.39506   -5.52396  10.64687  1.000 44.81130  ? 1   GLY   A C   1 
ATOM   18   O O   . GLY   A 1 3   ? 5.29792   -5.10094  10.27200  1.000 44.38830  ? 1   GLY   A O   1 
ATOM   19   N N   . VAL   A 1 4   ? 7.03759   -6.50104  10.01003  1.000 42.21559  ? 2   VAL   A N   1 
ATOM   20   C CA  . VAL   A 1 4   ? 6.41241   -7.32466  8.98787   1.000 36.23772  ? 2   VAL   A CA  1 
ATOM   21   C C   . VAL   A 1 4   ? 6.94815   -8.73597  9.15132   1.000 37.32891  ? 2   VAL   A C   1 
ATOM   22   O O   . VAL   A 1 4   ? 8.15634   -8.94264  9.27337   1.000 37.22020  ? 2   VAL   A O   1 
ATOM   23   C CB  . VAL   A 1 4   ? 6.62339   -6.78465  7.54526   1.000 41.39103  ? 2   VAL   A CB  1 
ATOM   24   C CG1 . VAL   A 1 4   ? 8.06672   -6.51199  7.21510   1.000 35.80243  ? 2   VAL   A CG1 1 
ATOM   25   C CG2 . VAL   A 1 4   ? 5.95776   -7.71636  6.47251   1.000 35.55351  ? 2   VAL   A CG2 1 
ATOM   26   N N   . GLN   A 1 5   ? 6.04753   -9.70484  9.17888   1.000 39.30850  ? 3   GLN   A N   1 
ATOM   27   C CA  . GLN   A 1 5   ? 6.41032   -11.11087 9.12606   1.000 39.87921  ? 3   GLN   A CA  1 
ATOM   28   C C   . GLN   A 1 5   ? 5.99339   -11.68374 7.78068   1.000 38.16109  ? 3   GLN   A C   1 
ATOM   29   O O   . GLN   A 1 5   ? 4.87065   -11.46007 7.33796   1.000 39.94443  ? 3   GLN   A O   1 
ATOM   30   C CB  . GLN   A 1 5   ? 5.75652   -11.89501 10.25933  1.000 41.62907  ? 3   GLN   A CB  1 
ATOM   31   C CG  . GLN   A 1 5   ? 6.26337   -13.30928 10.33587  1.000 50.27680  ? 3   GLN   A CG  1 
ATOM   32   C CD  . GLN   A 1 5   ? 5.50193   -14.12533 11.33483  1.000 51.93290  ? 3   GLN   A CD  1 
ATOM   33   O OE1 . GLN   A 1 5   ? 5.00360   -13.59199 12.32684  1.000 60.37376  ? 3   GLN   A OE1 1 
ATOM   34   N NE2 . GLN   A 1 5   ? 5.38415   -15.42208 11.07583  1.000 42.96819  ? 3   GLN   A NE2 1 
ATOM   35   N N   . VAL   A 1 6   ? 6.90690   -12.39962 7.13103   1.000 40.56437  ? 4   VAL   A N   1 
ATOM   36   C CA  . VAL   A 1 6   ? 6.69665   -12.98464 5.80997   1.000 38.68597  ? 4   VAL   A CA  1 
ATOM   37   C C   . VAL   A 1 6   ? 6.68312   -14.50617 5.94886   1.000 40.28637  ? 4   VAL   A C   1 
ATOM   38   O O   . VAL   A 1 6   ? 7.61639   -15.10043 6.50078   1.000 42.90090  ? 4   VAL   A O   1 
ATOM   39   C CB  . VAL   A 1 6   ? 7.78385   -12.52837 4.81804   1.000 40.82989  ? 4   VAL   A CB  1 
ATOM   40   C CG1 . VAL   A 1 6   ? 7.61255   -13.25342 3.50124   1.000 39.17943  ? 4   VAL   A CG1 1 
ATOM   41   C CG2 . VAL   A 1 6   ? 7.73838   -11.01019 4.59468   1.000 34.77220  ? 4   VAL   A CG2 1 
ATOM   42   N N   . GLU   A 1 7   ? 5.62291   -15.13429 5.46626   1.000 37.75249  ? 5   GLU   A N   1 
ATOM   43   C CA  . GLU   A 1 7   ? 5.47900   -16.58163 5.53226   1.000 33.44960  ? 5   GLU   A CA  1 
ATOM   44   C C   . GLU   A 1 7   ? 5.16291   -17.13156 4.14322   1.000 36.16199  ? 5   GLU   A C   1 
ATOM   45   O O   . GLU   A 1 7   ? 4.28919   -16.60877 3.44628   1.000 36.04741  ? 5   GLU   A O   1 
ATOM   46   C CB  . GLU   A 1 7   ? 4.38653   -16.96662 6.52171   1.000 29.09843  ? 5   GLU   A CB  1 
ATOM   47   C CG  . GLU   A 1 7   ? 4.70857   -16.63500 7.93917   1.000 37.91682  ? 5   GLU   A CG  1 
ATOM   48   C CD  . GLU   A 1 7   ? 3.56103   -16.97177 8.89561   1.000 48.59706  ? 5   GLU   A CD  1 
ATOM   49   O OE1 . GLU   A 1 7   ? 3.51295   -18.11898 9.39090   1.000 62.71057  ? 5   GLU   A OE1 1 
ATOM   50   O OE2 . GLU   A 1 7   ? 2.70517   -16.09330 9.16332   1.000 52.37089  ? 5   GLU   A OE2 1 
ATOM   51   N N   . THR   A 1 8   ? 5.85889   -18.19184 3.75097   1.000 35.69584  ? 6   THR   A N   1 
ATOM   52   C CA  . THR   A 1 8   ? 5.67337   -18.75407 2.42332   1.000 36.49929  ? 6   THR   A CA  1 
ATOM   53   C C   . THR   A 1 8   ? 4.32506   -19.43297 2.28041   1.000 37.48214  ? 6   THR   A C   1 
ATOM   54   O O   . THR   A 1 8   ? 3.95748   -20.26912 3.10638   1.000 46.83213  ? 6   THR   A O   1 
ATOM   55   C CB  . THR   A 1 8   ? 6.75000   -19.77069 2.11348   1.000 30.74234  ? 6   THR   A CB  1 
ATOM   56   O OG1 . THR   A 1 8   ? 8.02197   -19.11558 2.10158   1.000 30.42251  ? 6   THR   A OG1 1 
ATOM   57   C CG2 . THR   A 1 8   ? 6.46123   -20.38412 0.74818   1.000 34.20162  ? 6   THR   A CG2 1 
ATOM   58   N N   . ILE   A 1 9   ? 3.60057   -19.08108 1.22142   1.000 34.23318  ? 7   ILE   A N   1 
ATOM   59   C CA  . ILE   A 1 9   ? 2.46694   -19.87699 0.76946   1.000 39.65840  ? 7   ILE   A CA  1 
ATOM   60   C C   . ILE   A 1 9   ? 2.90506   -20.90990 -0.26576  1.000 40.37779  ? 7   ILE   A C   1 
ATOM   61   O O   . ILE   A 1 9   ? 2.61968   -22.09508 -0.12472  1.000 45.97092  ? 7   ILE   A O   1 
ATOM   62   C CB  . ILE   A 1 9   ? 1.34758   -18.96236 0.22621   1.000 41.59469  ? 7   ILE   A CB  1 
ATOM   63   C CG1 . ILE   A 1 9   ? 0.61723   -18.25821 1.38005   1.000 44.23337  ? 7   ILE   A CG1 1 
ATOM   64   C CG2 . ILE   A 1 9   ? 0.37481   -19.76148 -0.60795  1.000 37.43550  ? 7   ILE   A CG2 1 
ATOM   65   C CD1 . ILE   A 1 9   ? -0.19624  -17.02715 0.93958   1.000 40.15235  ? 7   ILE   A CD1 1 
ATOM   66   N N   . SER   A 1 10  ? 3.60691   -20.49179 -1.31779  1.000 39.01534  ? 8   SER   A N   1 
ATOM   67   C CA  . SER   A 1 10  ? 4.37694   -21.36568 -2.19627  1.000 37.44174  ? 8   SER   A CA  1 
ATOM   68   C C   . SER   A 1 10  ? 5.72793   -20.73220 -2.53246  1.000 46.18523  ? 8   SER   A C   1 
ATOM   69   O O   . SER   A 1 10  ? 5.82865   -19.50696 -2.72014  1.000 44.21716  ? 8   SER   A O   1 
ATOM   70   C CB  . SER   A 1 10  ? 3.62747   -21.68927 -3.48926  1.000 42.46535  ? 8   SER   A CB  1 
ATOM   71   O OG  . SER   A 1 10  ? 2.85509   -20.59079 -3.91464  1.000 47.85326  ? 8   SER   A OG  1 
ATOM   72   N N   . PRO   A 1 11  ? 6.78428   -21.52984 -2.60774  1.000 45.00363  ? 9   PRO   A N   1 
ATOM   73   C CA  . PRO   A 1 11  ? 8.11339   -20.95762 -2.82303  1.000 43.83297  ? 9   PRO   A CA  1 
ATOM   74   C C   . PRO   A 1 11  ? 8.24905   -20.27164 -4.17761  1.000 41.73744  ? 9   PRO   A C   1 
ATOM   75   O O   . PRO   A 1 11  ? 7.51226   -20.54166 -5.13028  1.000 45.73625  ? 9   PRO   A O   1 
ATOM   76   C CB  . PRO   A 1 11  ? 9.03377   -22.17851 -2.72317  1.000 38.28941  ? 9   PRO   A CB  1 
ATOM   77   C CG  . PRO   A 1 11  ? 8.13945   -23.33745 -2.98949  1.000 37.73279  ? 9   PRO   A CG  1 
ATOM   78   C CD  . PRO   A 1 11  ? 6.83564   -22.98718 -2.42299  1.000 38.87582  ? 9   PRO   A CD  1 
ATOM   79   N N   . GLY   A 1 12  ? 9.21418   -19.35578 -4.23818  1.000 40.68687  ? 10  GLY   A N   1 
ATOM   80   C CA  . GLY   A 1 12  ? 9.71509   -18.81249 -5.48268  1.000 36.69706  ? 10  GLY   A CA  1 
ATOM   81   C C   . GLY   A 1 12  ? 10.91317  -19.60278 -5.96373  1.000 42.03235  ? 10  GLY   A C   1 
ATOM   82   O O   . GLY   A 1 12  ? 11.16870  -20.72477 -5.51814  1.000 42.81667  ? 10  GLY   A O   1 
ATOM   83   N N   . ASP   A 1 13  ? 11.66236  -19.01205 -6.89859  1.000 41.40736  ? 11  ASP   A N   1 
ATOM   84   C CA  . ASP   A 1 13  ? 12.82835  -19.72258 -7.41170  1.000 39.86308  ? 11  ASP   A CA  1 
ATOM   85   C C   . ASP   A 1 13  ? 13.93148  -19.86263 -6.36700  1.000 47.67046  ? 11  ASP   A C   1 
ATOM   86   O O   . ASP   A 1 13  ? 14.83597  -20.68564 -6.54729  1.000 50.35556  ? 11  ASP   A O   1 
ATOM   87   C CB  . ASP   A 1 13  ? 13.36096  -19.04503 -8.68021  1.000 41.74866  ? 11  ASP   A CB  1 
ATOM   88   C CG  . ASP   A 1 13  ? 14.08207  -17.73062 -8.42111  1.000 45.96123  ? 11  ASP   A CG  1 
ATOM   89   O OD1 . ASP   A 1 13  ? 14.28292  -17.34224 -7.26566  1.000 48.38505  ? 11  ASP   A OD1 1 
ATOM   90   O OD2 . ASP   A 1 13  ? 14.47495  -17.07433 -9.40054  1.000 46.89577  ? 11  ASP   A OD2 1 
ATOM   91   N N   . GLY   A 1 14  ? 13.86909  -19.09286 -5.27723  1.000 45.24541  ? 12  GLY   A N   1 
ATOM   92   C CA  . GLY   A 1 14  ? 14.89985  -19.08595 -4.26710  1.000 36.62777  ? 12  GLY   A CA  1 
ATOM   93   C C   . GLY   A 1 14  ? 16.16508  -18.35004 -4.64107  1.000 45.54095  ? 12  GLY   A C   1 
ATOM   94   O O   . GLY   A 1 14  ? 17.10023  -18.32581 -3.84258  1.000 51.53561  ? 12  GLY   A O   1 
ATOM   95   N N   . ARG   A 1 15  ? 16.23658  -17.74914 -5.82068  1.000 49.65929  ? 13  ARG   A N   1 
ATOM   96   C CA  . ARG   A 1 15  ? 17.47323  -17.13730 -6.28918  1.000 51.56798  ? 13  ARG   A CA  1 
ATOM   97   C C   . ARG   A 1 15  ? 17.31125  -15.66032 -6.60604  1.000 54.87119  ? 13  ARG   A C   1 
ATOM   98   O O   . ARG   A 1 15  ? 18.13513  -14.84191 -6.17361  1.000 59.38398  ? 13  ARG   A O   1 
ATOM   99   C CB  . ARG   A 1 15  ? 18.00092  -17.89256 -7.52479  1.000 60.45619  ? 13  ARG   A CB  1 
ATOM   100  C CG  . ARG   A 1 15  ? 18.39129  -19.35684 -7.23917  1.000 68.79062  ? 13  ARG   A CG  1 
ATOM   101  C CD  . ARG   A 1 15  ? 19.79635  -19.70582 -7.73957  1.000 79.96392  ? 13  ARG   A CD  1 
ATOM   102  N NE  . ARG   A 1 15  ? 19.80489  -20.15438 -9.13438  1.000 99.85627  ? 13  ARG   A NE  1 
ATOM   103  C CZ  . ARG   A 1 15  ? 20.18252  -19.41097 -10.17459 1.000 102.52425 ? 13  ARG   A CZ  1 
ATOM   104  N NH1 . ARG   A 1 15  ? 20.59469  -18.16114 -9.99966  1.000 88.41097  ? 13  ARG   A NH1 1 
ATOM   105  N NH2 . ARG   A 1 15  ? 20.15279  -19.92530 -11.39813 1.000 102.38322 ? 13  ARG   A NH2 1 
ATOM   106  N N   . THR   A 1 16  ? 16.25440  -15.28979 -7.32060  1.000 49.23378  ? 14  THR   A N   1 
ATOM   107  C CA  . THR   A 1 16  ? 16.07518  -13.93044 -7.81781  1.000 45.04396  ? 14  THR   A CA  1 
ATOM   108  C C   . THR   A 1 16  ? 15.30101  -13.10731 -6.80004  1.000 43.76987  ? 14  THR   A C   1 
ATOM   109  O O   . THR   A 1 16  ? 14.07594  -13.23946 -6.69344  1.000 41.54757  ? 14  THR   A O   1 
ATOM   110  C CB  . THR   A 1 16  ? 15.32869  -13.95507 -9.14881  1.000 49.20219  ? 14  THR   A CB  1 
ATOM   111  O OG1 . THR   A 1 16  ? 15.91537  -14.94008 -10.01258 1.000 56.48674  ? 14  THR   A OG1 1 
ATOM   112  C CG2 . THR   A 1 16  ? 15.36212  -12.59948 -9.80690  1.000 33.73112  ? 14  THR   A CG2 1 
ATOM   113  N N   . PHE   A 1 17  ? 16.01135  -12.22549 -6.08330  1.000 49.79186  ? 15  PHE   A N   1 
ATOM   114  C CA  . PHE   A 1 17  ? 15.43599  -11.31890 -5.10730  1.000 42.61663  ? 15  PHE   A CA  1 
ATOM   115  C C   . PHE   A 1 17  ? 15.50975  -9.89026  -5.58971  1.000 42.00123  ? 15  PHE   A C   1 
ATOM   116  O O   . PHE   A 1 17  ? 16.52408  -9.49073  -6.16217  1.000 55.21254  ? 15  PHE   A O   1 
ATOM   117  C CB  . PHE   A 1 17  ? 16.16274  -11.41245 -3.76914  1.000 44.87692  ? 15  PHE   A CB  1 
ATOM   118  C CG  . PHE   A 1 17  ? 16.09431  -12.75494 -3.15216  1.000 38.94489  ? 15  PHE   A CG  1 
ATOM   119  C CD1 . PHE   A 1 17  ? 17.00286  -13.72636 -3.49734  1.000 44.64200  ? 15  PHE   A CD1 1 
ATOM   120  C CD2 . PHE   A 1 17  ? 15.10864  -13.05904 -2.24404  1.000 41.50858  ? 15  PHE   A CD2 1 
ATOM   121  C CE1 . PHE   A 1 17  ? 16.93860  -14.98629 -2.93708  1.000 40.89651  ? 15  PHE   A CE1 1 
ATOM   122  C CE2 . PHE   A 1 17  ? 15.04658  -14.29425 -1.68198  1.000 40.18191  ? 15  PHE   A CE2 1 
ATOM   123  C CZ  . PHE   A 1 17  ? 15.96909  -15.26414 -2.03277  1.000 37.15937  ? 15  PHE   A CZ  1 
ATOM   124  N N   . PRO   A 1 18  ? 14.48032  -9.09395  -5.32079  1.000 44.84349  ? 16  PRO   A N   1 
ATOM   125  C CA  . PRO   A 1 18  ? 14.51517  -7.68059  -5.69605  1.000 44.77526  ? 16  PRO   A CA  1 
ATOM   126  C C   . PRO   A 1 18  ? 15.75771  -6.97730  -5.16618  1.000 45.58100  ? 16  PRO   A C   1 
ATOM   127  O O   . PRO   A 1 18  ? 16.19146  -7.21713  -4.03858  1.000 50.88674  ? 16  PRO   A O   1 
ATOM   128  C CB  . PRO   A 1 18  ? 13.24410  -7.12109  -5.05067  1.000 43.34926  ? 16  PRO   A CB  1 
ATOM   129  C CG  . PRO   A 1 18  ? 12.37466  -8.27319  -4.84221  1.000 38.72684  ? 16  PRO   A CG  1 
ATOM   130  C CD  . PRO   A 1 18  ? 13.25872  -9.42992  -4.57387  1.000 41.74622  ? 16  PRO   A CD  1 
ATOM   131  N N   . LYS   A 1 19  ? 16.32897  -6.10409  -6.00423  1.000 53.85466  ? 17  LYS   A N   1 
ATOM   132  C CA  . LYS   A 1 19  ? 17.33677  -5.11422  -5.63293  1.000 54.79245  ? 17  LYS   A CA  1 
ATOM   133  C C   . LYS   A 1 19  ? 16.70213  -3.72265  -5.67106  1.000 50.57973  ? 17  LYS   A C   1 
ATOM   134  O O   . LYS   A 1 19  ? 15.67909  -3.50616  -6.32314  1.000 49.88844  ? 17  LYS   A O   1 
ATOM   135  C CB  . LYS   A 1 19  ? 18.57428  -5.17610  -6.56383  1.000 44.90730  ? 17  LYS   A CB  1 
ATOM   136  C CG  . LYS   A 1 19  ? 18.75896  -6.50904  -7.29165  1.000 53.73716  ? 17  LYS   A CG  1 
ATOM   137  C CD  . LYS   A 1 19  ? 20.21818  -6.94535  -7.54756  1.000 54.64404  ? 17  LYS   A CD  1 
ATOM   138  C CE  . LYS   A 1 19  ? 20.24865  -8.48420  -7.79864  1.000 77.91085  ? 17  LYS   A CE  1 
ATOM   139  N NZ  . LYS   A 1 19  ? 21.59629  -9.15140  -7.90452  1.000 83.18186  ? 17  LYS   A NZ  1 
ATOM   140  N N   . ARG   A 1 20  ? 17.29709  -2.77568  -4.94375  1.000 49.52621  ? 18  ARG   A N   1 
ATOM   141  C CA  . ARG   A 1 20  ? 16.79227  -1.40862  -4.98897  1.000 50.14512  ? 18  ARG   A CA  1 
ATOM   142  C C   . ARG   A 1 20  ? 16.95106  -0.85004  -6.38933  1.000 49.75189  ? 18  ARG   A C   1 
ATOM   143  O O   . ARG   A 1 20  ? 17.95750  -1.08855  -7.05952  1.000 51.33218  ? 18  ARG   A O   1 
ATOM   144  C CB  . ARG   A 1 20  ? 17.52178  -0.50939  -4.00066  1.000 49.28189  ? 18  ARG   A CB  1 
ATOM   145  C CG  . ARG   A 1 20  ? 17.28156  -0.85786  -2.54099  1.000 56.38958  ? 18  ARG   A CG  1 
ATOM   146  C CD  . ARG   A 1 20  ? 18.37308  -0.24325  -1.66646  1.000 57.11120  ? 18  ARG   A CD  1 
ATOM   147  N NE  . ARG   A 1 20  ? 18.54039  1.16946   -1.98283  1.000 54.60061  ? 18  ARG   A NE  1 
ATOM   148  C CZ  . ARG   A 1 20  ? 17.80199  2.11938   -1.43572  1.000 59.63618  ? 18  ARG   A CZ  1 
ATOM   149  N NH1 . ARG   A 1 20  ? 17.98985  3.38888   -1.78024  1.000 50.08239  ? 18  ARG   A NH1 1 
ATOM   150  N NH2 . ARG   A 1 20  ? 16.87137  1.78120   -0.54350  1.000 52.58510  ? 18  ARG   A NH2 1 
ATOM   151  N N   . GLY   A 1 21  ? 15.95195  -0.10073  -6.83088  1.000 46.26724  ? 19  GLY   A N   1 
ATOM   152  C CA  . GLY   A 1 21  ? 15.91810  0.38480   -8.17778  1.000 42.85160  ? 19  GLY   A CA  1 
ATOM   153  C C   . GLY   A 1 21  ? 15.13337  -0.47754  -9.13618  1.000 55.38767  ? 19  GLY   A C   1 
ATOM   154  O O   . GLY   A 1 21  ? 14.76387  0.00047   -10.21526 1.000 63.26471  ? 19  GLY   A O   1 
ATOM   155  N N   . GLN   A 1 22  ? 14.85827  -1.72837  -8.77620  1.000 53.59213  ? 20  GLN   A N   1 
ATOM   156  C CA  . GLN   A 1 22  ? 14.04423  -2.58894  -9.61939  1.000 51.26604  ? 20  GLN   A CA  1 
ATOM   157  C C   . GLN   A 1 22  ? 12.56321  -2.35572  -9.37508  1.000 51.84335  ? 20  GLN   A C   1 
ATOM   158  O O   . GLN   A 1 22  ? 12.14023  -1.96246  -8.28891  1.000 53.49384  ? 20  GLN   A O   1 
ATOM   159  C CB  . GLN   A 1 22  ? 14.35927  -4.05548  -9.37438  1.000 49.91089  ? 20  GLN   A CB  1 
ATOM   160  C CG  . GLN   A 1 22  ? 15.60891  -4.52123  -10.04577 1.000 56.06712  ? 20  GLN   A CG  1 
ATOM   161  C CD  . GLN   A 1 22  ? 15.78156  -6.01235  -9.91760  1.000 60.39138  ? 20  GLN   A CD  1 
ATOM   162  O OE1 . GLN   A 1 22  ? 15.65128  -6.56694  -8.82714  1.000 60.06726  ? 20  GLN   A OE1 1 
ATOM   163  N NE2 . GLN   A 1 22  ? 16.05632  -6.67868  -11.03443 1.000 66.05507  ? 20  GLN   A NE2 1 
ATOM   164  N N   . THR   A 1 23  ? 11.77364  -2.60211  -10.40575 1.000 54.65813  ? 21  THR   A N   1 
ATOM   165  C CA  . THR   A 1 23  ? 10.33056  -2.56292  -10.28232 1.000 51.65946  ? 21  THR   A CA  1 
ATOM   166  C C   . THR   A 1 23  ? 9.83541   -3.96678  -9.96506  1.000 56.61026  ? 21  THR   A C   1 
ATOM   167  O O   . THR   A 1 23  ? 10.16688  -4.92247  -10.67057 1.000 56.12007  ? 21  THR   A O   1 
ATOM   168  C CB  . THR   A 1 23  ? 9.70112   -2.03063  -11.56729 1.000 51.02286  ? 21  THR   A CB  1 
ATOM   169  O OG1 . THR   A 1 23  ? 9.93920   -0.62024  -11.65513 1.000 55.57822  ? 21  THR   A OG1 1 
ATOM   170  C CG2 . THR   A 1 23  ? 8.21299   -2.29672  -11.58906 1.000 49.73921  ? 21  THR   A CG2 1 
ATOM   171  N N   . CYS   A 1 24  ? 9.08128   -4.09499  -8.88123  1.000 56.25577  ? 22  CYS   A N   1 
ATOM   172  C CA  . CYS   A 1 24  ? 8.47344   -5.36204  -8.51410  1.000 50.38043  ? 22  CYS   A CA  1 
ATOM   173  C C   . CYS   A 1 24  ? 7.07395   -5.41294  -9.10616  1.000 46.73870  ? 22  CYS   A C   1 
ATOM   174  O O   . CYS   A 1 24  ? 6.31944   -4.44570  -9.00121  1.000 47.92307  ? 22  CYS   A O   1 
ATOM   175  C CB  . CYS   A 1 24  ? 8.42429   -5.51750  -6.99162  1.000 50.56217  ? 22  CYS   A CB  1 
ATOM   176  S SG  . CYS   A 1 24  ? 10.00968  -5.29704  -6.13840  1.000 54.64397  ? 22  CYS   A SG  1 
ATOM   177  N N   . VAL   A 1 25  ? 6.72956   -6.53109  -9.73478  1.000 45.54166  ? 23  VAL   A N   1 
ATOM   178  C CA  . VAL   A 1 25  ? 5.40337   -6.72526  -10.31797 1.000 49.90059  ? 23  VAL   A CA  1 
ATOM   179  C C   . VAL   A 1 25  ? 4.70203   -7.83084  -9.53614  1.000 45.96940  ? 23  VAL   A C   1 
ATOM   180  O O   . VAL   A 1 25  ? 5.22194   -8.94800  -9.41052  1.000 40.67737  ? 23  VAL   A O   1 
ATOM   181  C CB  . VAL   A 1 25  ? 5.47125   -7.03574  -11.82914 1.000 52.88700  ? 23  VAL   A CB  1 
ATOM   182  C CG1 . VAL   A 1 25  ? 4.09622   -7.30193  -12.36659 1.000 42.44365  ? 23  VAL   A CG1 1 
ATOM   183  C CG2 . VAL   A 1 25  ? 6.10798   -5.86952  -12.59035 1.000 47.56759  ? 23  VAL   A CG2 1 
ATOM   184  N N   . VAL   A 1 26  ? 3.50319   -7.51730  -9.04466  1.000 49.75588  ? 24  VAL   A N   1 
ATOM   185  C CA  . VAL   A 1 26  ? 2.90610   -8.15536  -7.87967  1.000 39.21772  ? 24  VAL   A CA  1 
ATOM   186  C C   . VAL   A 1 26  ? 1.40726   -8.30646  -8.09329  1.000 40.70017  ? 24  VAL   A C   1 
ATOM   187  O O   . VAL   A 1 26  ? 0.76038   -7.42217  -8.65657  1.000 44.21839  ? 24  VAL   A O   1 
ATOM   188  C CB  . VAL   A 1 26  ? 3.17087   -7.31222  -6.60981  1.000 41.22886  ? 24  VAL   A CB  1 
ATOM   189  C CG1 . VAL   A 1 26  ? 2.28715   -7.76596  -5.49114  1.000 51.84747  ? 24  VAL   A CG1 1 
ATOM   190  C CG2 . VAL   A 1 26  ? 4.63095   -7.36807  -6.19262  1.000 37.56922  ? 24  VAL   A CG2 1 
ATOM   191  N N   . HIS   A 1 27  ? 0.85131   -9.41614  -7.62665  1.000 39.41781  ? 25  HIS   A N   1 
ATOM   192  C CA  . HIS   A 1 27  ? -0.57581  -9.52638  -7.36695  1.000 38.89723  ? 25  HIS   A CA  1 
ATOM   193  C C   . HIS   A 1 27  ? -0.79209  -9.64603  -5.86601  1.000 40.23413  ? 25  HIS   A C   1 
ATOM   194  O O   . HIS   A 1 27  ? 0.03410   -10.21975 -5.14940  1.000 40.54053  ? 25  HIS   A O   1 
ATOM   195  C CB  . HIS   A 1 27  ? -1.20474  -10.72513 -8.09199  1.000 44.38500  ? 25  HIS   A CB  1 
ATOM   196  C CG  . HIS   A 1 27  ? -1.77264  -10.38509 -9.43982  1.000 62.46170  ? 25  HIS   A CG  1 
ATOM   197  N ND1 . HIS   A 1 27  ? -2.76158  -9.43628  -9.61488  1.000 65.28019  ? 25  HIS   A ND1 1 
ATOM   198  C CD2 . HIS   A 1 27  ? -1.48617  -10.85798 -10.67618 1.000 53.73272  ? 25  HIS   A CD2 1 
ATOM   199  C CE1 . HIS   A 1 27  ? -3.05984  -9.34200  -10.89734 1.000 57.21983  ? 25  HIS   A CE1 1 
ATOM   200  N NE2 . HIS   A 1 27  ? -2.29431  -10.18832 -11.56270 1.000 60.47368  ? 25  HIS   A NE2 1 
ATOM   201  N N   . TYR   A 1 28  ? -1.89938  -9.08787  -5.38592  1.000 37.75828  ? 26  TYR   A N   1 
ATOM   202  C CA  . TYR   A 1 28  ? -2.08933  -9.00716  -3.94912  1.000 38.03703  ? 26  TYR   A CA  1 
ATOM   203  C C   . TYR   A 1 28  ? -3.56186  -8.91328  -3.60990  1.000 43.18961  ? 26  TYR   A C   1 
ATOM   204  O O   . TYR   A 1 28  ? -4.36738  -8.39749  -4.38340  1.000 44.38317  ? 26  TYR   A O   1 
ATOM   205  C CB  . TYR   A 1 28  ? -1.35826  -7.80137  -3.35028  1.000 41.48523  ? 26  TYR   A CB  1 
ATOM   206  C CG  . TYR   A 1 28  ? -2.02883  -6.48232  -3.61117  1.000 39.39650  ? 26  TYR   A CG  1 
ATOM   207  C CD1 . TYR   A 1 28  ? -3.05026  -6.02987  -2.78907  1.000 42.43013  ? 26  TYR   A CD1 1 
ATOM   208  C CD2 . TYR   A 1 28  ? -1.63011  -5.67514  -4.66415  1.000 41.30592  ? 26  TYR   A CD2 1 
ATOM   209  C CE1 . TYR   A 1 28  ? -3.66339  -4.83327  -3.01209  1.000 40.49770  ? 26  TYR   A CE1 1 
ATOM   210  C CE2 . TYR   A 1 28  ? -2.23403  -4.46990  -4.89430  1.000 40.14445  ? 26  TYR   A CE2 1 
ATOM   211  C CZ  . TYR   A 1 28  ? -3.25191  -4.05339  -4.06147  1.000 45.62606  ? 26  TYR   A CZ  1 
ATOM   212  O OH  . TYR   A 1 28  ? -3.88250  -2.85291  -4.28724  1.000 51.10532  ? 26  TYR   A OH  1 
ATOM   213  N N   . THR   A 1 29  ? -3.89276  -9.41986  -2.43555  1.000 44.48669  ? 27  THR   A N   1 
ATOM   214  C CA  . THR   A 1 29  ? -5.14611  -9.13049  -1.77010  1.000 43.88042  ? 27  THR   A CA  1 
ATOM   215  C C   . THR   A 1 29  ? -4.78829  -8.66882  -0.36951  1.000 44.55789  ? 27  THR   A C   1 
ATOM   216  O O   . THR   A 1 29  ? -3.91089  -9.25103  0.27313   1.000 46.77415  ? 27  THR   A O   1 
ATOM   217  C CB  . THR   A 1 29  ? -6.07171  -10.34896 -1.70023  1.000 46.21233  ? 27  THR   A CB  1 
ATOM   218  O OG1 . THR   A 1 29  ? -6.11794  -11.00287 -2.97018  1.000 48.89784  ? 27  THR   A OG1 1 
ATOM   219  C CG2 . THR   A 1 29  ? -7.46921  -9.92002  -1.29186  1.000 50.81583  ? 27  THR   A CG2 1 
ATOM   220  N N   . GLY   A 1 30  ? -5.45831  -7.62677  0.09869   1.000 40.68491  ? 28  GLY   A N   1 
ATOM   221  C CA  . GLY   A 1 30  ? -5.21827  -7.06955  1.41636   1.000 42.21651  ? 28  GLY   A CA  1 
ATOM   222  C C   . GLY   A 1 30  ? -6.43832  -7.30465  2.28468   1.000 46.14012  ? 28  GLY   A C   1 
ATOM   223  O O   . GLY   A 1 30  ? -7.56845  -7.18446  1.81381   1.000 47.28387  ? 28  GLY   A O   1 
ATOM   224  N N   . MET   A 1 31  ? -6.19552  -7.65969  3.54521   1.000 45.16663  ? 29  MET   A N   1 
ATOM   225  C CA  . MET   A 1 31  ? -7.24828  -7.89673  4.52022   1.000 45.09722  ? 29  MET   A CA  1 
ATOM   226  C C   . MET   A 1 31  ? -6.91889  -7.18566  5.81776   1.000 44.10689  ? 29  MET   A C   1 
ATOM   227  O O   . MET   A 1 31  ? -5.75074  -6.99719  6.15691   1.000 43.34973  ? 29  MET   A O   1 
ATOM   228  C CB  . MET   A 1 31  ? -7.43276  -9.38134  4.83420   1.000 47.29894  ? 29  MET   A CB  1 
ATOM   229  C CG  . MET   A 1 31  ? -7.84195  -10.22432 3.67431   1.000 48.43837  ? 29  MET   A CG  1 
ATOM   230  S SD  . MET   A 1 31  ? -6.43740  -11.16188 3.07810   1.000 59.33319  ? 29  MET   A SD  1 
ATOM   231  C CE  . MET   A 1 31  ? -6.42800  -10.57821 1.40989   1.000 47.29986  ? 29  MET   A CE  1 
ATOM   232  N N   . LEU   A 1 32  ? -7.96349  -6.80489  6.54595   1.000 44.88120  ? 30  LEU   A N   1 
ATOM   233  C CA  . LEU   A 1 32  ? -7.77455  -6.39723  7.92528   1.000 43.07756  ? 30  LEU   A CA  1 
ATOM   234  C C   . LEU   A 1 32  ? -7.38848  -7.60844  8.75633   1.000 42.97287  ? 30  LEU   A C   1 
ATOM   235  O O   . LEU   A 1 32  ? -7.40646  -8.74330  8.28410   1.000 46.88880  ? 30  LEU   A O   1 
ATOM   236  C CB  . LEU   A 1 32  ? -9.03834  -5.75306  8.48692   1.000 44.14165  ? 30  LEU   A CB  1 
ATOM   237  C CG  . LEU   A 1 32  ? -9.40946  -4.36886  7.96154   1.000 42.26432  ? 30  LEU   A CG  1 
ATOM   238  C CD1 . LEU   A 1 32  ? -10.68521 -3.94978  8.61739   1.000 38.72958  ? 30  LEU   A CD1 1 
ATOM   239  C CD2 . LEU   A 1 32  ? -8.29211  -3.33275  8.16168   1.000 37.16719  ? 30  LEU   A CD2 1 
ATOM   240  N N   . GLU   A 1 33  ? -7.03800  -7.36619  10.01612  1.000 44.33491  ? 31  GLU   A N   1 
ATOM   241  C CA  . GLU   A 1 33  ? -6.57714  -8.47027  10.84463  1.000 43.35966  ? 31  GLU   A CA  1 
ATOM   242  C C   . GLU   A 1 33  ? -7.68687  -9.45591  11.17234  1.000 41.03936  ? 31  GLU   A C   1 
ATOM   243  O O   . GLU   A 1 33  ? -7.40253  -10.61711 11.45873  1.000 47.87804  ? 31  GLU   A O   1 
ATOM   244  C CB  . GLU   A 1 33  ? -5.95813  -7.93627  12.11868  1.000 48.58725  ? 31  GLU   A CB  1 
ATOM   245  C CG  . GLU   A 1 33  ? -5.67853  -8.98963  13.15840  1.000 49.66393  ? 31  GLU   A CG  1 
ATOM   246  C CD  . GLU   A 1 33  ? -4.95485  -8.42629  14.36790  1.000 56.58391  ? 31  GLU   A CD  1 
ATOM   247  O OE1 . GLU   A 1 33  ? -5.47721  -7.48984  15.01261  1.000 68.15562  ? 31  GLU   A OE1 1 
ATOM   248  O OE2 . GLU   A 1 33  ? -3.84537  -8.90536  14.65762  1.000 54.85505  ? 31  GLU   A OE2 1 
ATOM   249  N N   . ASP   A 1 34  ? -8.93482  -9.03980  11.11681  1.000 40.06367  ? 32  ASP   A N   1 
ATOM   250  C CA  . ASP   A 1 34  ? -10.04262 -9.96003  11.28555  1.000 41.28182  ? 32  ASP   A CA  1 
ATOM   251  C C   . ASP   A 1 34  ? -10.48568 -10.61823 9.97839   1.000 43.27401  ? 32  ASP   A C   1 
ATOM   252  O O   . ASP   A 1 34  ? -11.46492 -11.36679 9.98404   1.000 44.81966  ? 32  ASP   A O   1 
ATOM   253  C CB  . ASP   A 1 34  ? -11.21771 -9.22894  11.92590  1.000 42.97045  ? 32  ASP   A CB  1 
ATOM   254  C CG  . ASP   A 1 34  ? -11.77600 -8.13372  11.04868  1.000 49.36395  ? 32  ASP   A CG  1 
ATOM   255  O OD1 . ASP   A 1 34  ? -11.47255 -8.08881  9.83839   1.000 59.32043  ? 32  ASP   A OD1 1 
ATOM   256  O OD2 . ASP   A 1 34  ? -12.53634 -7.30348  11.57188  1.000 63.00594  ? 32  ASP   A OD2 1 
ATOM   257  N N   . GLY   A 1 35  ? -9.81579  -10.33721 8.86232   1.000 41.41824  ? 33  GLY   A N   1 
ATOM   258  C CA  . GLY   A 1 35  ? -10.05710 -11.03298 7.62466   1.000 42.56868  ? 33  GLY   A CA  1 
ATOM   259  C C   . GLY   A 1 35  ? -10.92664 -10.30645 6.63340   1.000 48.55565  ? 33  GLY   A C   1 
ATOM   260  O O   . GLY   A 1 35  ? -11.22987 -10.86847 5.57319   1.000 48.04942  ? 33  GLY   A O   1 
ATOM   261  N N   . LYS   A 1 36  ? -11.33940 -9.08133  6.92674   1.000 50.29924  ? 34  LYS   A N   1 
ATOM   262  C CA  . LYS   A 1 36  ? -12.16429 -8.35525  5.97012   1.000 51.29913  ? 34  LYS   A CA  1 
ATOM   263  C C   . LYS   A 1 36  ? -11.30182 -7.88822  4.79721   1.000 49.91870  ? 34  LYS   A C   1 
ATOM   264  O O   . LYS   A 1 36  ? -10.42110 -7.04112  4.97178   1.000 45.98308  ? 34  LYS   A O   1 
ATOM   265  C CB  . LYS   A 1 36  ? -12.86096 -7.18134  6.65057   1.000 51.26296  ? 34  LYS   A CB  1 
ATOM   266  C CG  . LYS   A 1 36  ? -13.31919 -6.12730  5.64416   1.000 56.15127  ? 34  LYS   A CG  1 
ATOM   267  C CD  . LYS   A 1 36  ? -14.54973 -5.36301  6.08050   1.000 58.34661  ? 34  LYS   A CD  1 
ATOM   268  C CE  . LYS   A 1 36  ? -15.06070 -4.51302  4.92096   1.000 68.18528  ? 34  LYS   A CE  1 
ATOM   269  N NZ  . LYS   A 1 36  ? -16.38066 -3.88422  5.20903   1.000 79.00395  ? 34  LYS   A NZ  1 
ATOM   270  N N   . LYS   A 1 37  ? -11.52176 -8.48442  3.61575   1.000 57.19855  ? 35  LYS   A N   1 
ATOM   271  C CA  . LYS   A 1 37  ? -10.92967 -8.00779  2.36521   1.000 52.47273  ? 35  LYS   A CA  1 
ATOM   272  C C   . LYS   A 1 37  ? -11.18633 -6.52104  2.19404   1.000 50.54603  ? 35  LYS   A C   1 
ATOM   273  O O   . LYS   A 1 37  ? -12.28892 -6.03593  2.46075   1.000 57.11012  ? 35  LYS   A O   1 
ATOM   274  C CB  . LYS   A 1 37  ? -11.54388 -8.73868  1.16611   1.000 54.72479  ? 35  LYS   A CB  1 
ATOM   275  C CG  . LYS   A 1 37  ? -10.74521 -9.84541  0.51006   1.000 54.09613  ? 35  LYS   A CG  1 
ATOM   276  C CD  . LYS   A 1 37  ? -11.72696 -10.94446 0.03659   1.000 56.05037  ? 35  LYS   A CD  1 
ATOM   277  C CE  . LYS   A 1 37  ? -11.46026 -11.42647 -1.38654  1.000 64.25969  ? 35  LYS   A CE  1 
ATOM   278  N NZ  . LYS   A 1 37  ? -12.72666 -11.82179 -2.08063  1.000 63.53407  ? 35  LYS   A NZ  1 
ATOM   279  N N   . PHE   A 1 38  ? -10.17361 -5.79352  1.72280   1.000 45.77635  ? 36  PHE   A N   1 
ATOM   280  C CA  . PHE   A 1 38  ? -10.40997 -4.43380  1.27929   1.000 45.94618  ? 36  PHE   A CA  1 
ATOM   281  C C   . PHE   A 1 38  ? -9.75711  -4.11063  -0.05206  1.000 50.93633  ? 36  PHE   A C   1 
ATOM   282  O O   . PHE   A 1 38  ? -10.02266 -3.03318  -0.58986  1.000 56.62502  ? 36  PHE   A O   1 
ATOM   283  C CB  . PHE   A 1 38  ? -9.97438  -3.39986  2.34116   1.000 54.16190  ? 36  PHE   A CB  1 
ATOM   284  C CG  . PHE   A 1 38  ? -8.51543  -3.44843  2.70542   1.000 51.45410  ? 36  PHE   A CG  1 
ATOM   285  C CD1 . PHE   A 1 38  ? -7.54720  -2.97432  1.83294   1.000 53.97552  ? 36  PHE   A CD1 1 
ATOM   286  C CD2 . PHE   A 1 38  ? -8.11929  -3.94246  3.93099   1.000 47.53521  ? 36  PHE   A CD2 1 
ATOM   287  C CE1 . PHE   A 1 38  ? -6.21658  -3.02900  2.15155   1.000 51.35686  ? 36  PHE   A CE1 1 
ATOM   288  C CE2 . PHE   A 1 38  ? -6.79118  -4.00925  4.25448   1.000 50.40660  ? 36  PHE   A CE2 1 
ATOM   289  C CZ  . PHE   A 1 38  ? -5.83660  -3.54072  3.36213   1.000 54.40108  ? 36  PHE   A CZ  1 
ATOM   290  N N   . ASP   A 1 39  ? -8.95099  -4.99949  -0.62424  1.000 49.73685  ? 37  ASP   A N   1 
ATOM   291  C CA  . ASP   A 1 39  ? -8.49747  -4.69453  -1.97314  1.000 52.97063  ? 37  ASP   A CA  1 
ATOM   292  C C   . ASP   A 1 39  ? -7.80433  -5.88985  -2.59409  1.000 54.91130  ? 37  ASP   A C   1 
ATOM   293  O O   . ASP   A 1 39  ? -7.20264  -6.70597  -1.89889  1.000 56.82523  ? 37  ASP   A O   1 
ATOM   294  C CB  . ASP   A 1 39  ? -7.55617  -3.49283  -2.00090  1.000 56.51486  ? 37  ASP   A CB  1 
ATOM   295  C CG  . ASP   A 1 39  ? -7.43013  -2.89516  -3.39330  1.000 60.57316  ? 37  ASP   A CG  1 
ATOM   296  O OD1 . ASP   A 1 39  ? -8.47938  -2.56687  -3.99285  1.000 66.31846  ? 37  ASP   A OD1 1 
ATOM   297  O OD2 . ASP   A 1 39  ? -6.29056  -2.76286  -3.89095  1.000 57.72935  ? 37  ASP   A OD2 1 
ATOM   298  N N   . SER   A 1 40  ? -7.88885  -5.96468  -3.92170  1.000 63.12777  ? 38  SER   A N   1 
ATOM   299  C CA  . SER   A 1 40  ? -7.20527  -6.99674  -4.69016  1.000 59.16018  ? 38  SER   A CA  1 
ATOM   300  C C   . SER   A 1 40  ? -6.82697  -6.44828  -6.05766  1.000 59.36464  ? 38  SER   A C   1 
ATOM   301  O O   . SER   A 1 40  ? -7.70037  -6.02657  -6.81832  1.000 61.13526  ? 38  SER   A O   1 
ATOM   302  C CB  . SER   A 1 40  ? -8.08137  -8.22784  -4.84546  1.000 57.75083  ? 38  SER   A CB  1 
ATOM   303  O OG  . SER   A 1 40  ? -7.42117  -9.17637  -5.67141  1.000 70.78943  ? 38  SER   A OG  1 
ATOM   304  N N   . SER   A 1 41  ? -5.52937  -6.46671  -6.36828  1.000 50.51500  ? 39  SER   A N   1 
ATOM   305  C CA  . SER   A 1 41  ? -5.08140  -6.15412  -7.71890  1.000 54.40008  ? 39  SER   A CA  1 
ATOM   306  C C   . SER   A 1 41  ? -5.78736  -7.01928  -8.76165  1.000 65.96117  ? 39  SER   A C   1 
ATOM   307  O O   . SER   A 1 41  ? -6.07113  -6.56009  -9.87369  1.000 68.18063  ? 39  SER   A O   1 
ATOM   308  C CB  . SER   A 1 41  ? -3.56870  -6.34087  -7.81554  1.000 54.15392  ? 39  SER   A CB  1 
ATOM   309  O OG  . SER   A 1 41  ? -3.20749  -7.70820  -7.82168  1.000 43.66084  ? 39  SER   A OG  1 
ATOM   310  N N   . ARG   A 1 42  ? -6.05398  -8.28709  -8.43152  1.000 68.75816  ? 40  ARG   A N   1 
ATOM   311  C CA  . ARG   A 1 42  ? -6.74393  -9.16254  -9.37312  1.000 67.60356  ? 40  ARG   A CA  1 
ATOM   312  C C   . ARG   A 1 42  ? -8.08969  -8.57409  -9.78486  1.000 71.94201  ? 40  ARG   A C   1 
ATOM   313  O O   . ARG   A 1 42  ? -8.53005  -8.77228  -10.92232 1.000 78.10426  ? 40  ARG   A O   1 
ATOM   314  C CB  . ARG   A 1 42  ? -6.92040  -10.56478 -8.76246  1.000 69.41091  ? 40  ARG   A CB  1 
ATOM   315  C CG  . ARG   A 1 42  ? -6.15571  -11.71386 -9.46993  1.000 71.20327  ? 40  ARG   A CG  1 
ATOM   316  C CD  . ARG   A 1 42  ? -5.21803  -12.43973 -8.50175  1.000 74.61083  ? 40  ARG   A CD  1 
ATOM   317  N NE  . ARG   A 1 42  ? -5.31282  -13.90479 -8.55356  1.000 86.58913  ? 40  ARG   A NE  1 
ATOM   318  C CZ  . ARG   A 1 42  ? -5.06190  -14.71453 -7.51909  1.000 81.17040  ? 40  ARG   A CZ  1 
ATOM   319  N NH1 . ARG   A 1 42  ? -4.71978  -14.21184 -6.33460  1.000 73.00495  ? 40  ARG   A NH1 1 
ATOM   320  N NH2 . ARG   A 1 42  ? -5.16352  -16.02825 -7.66343  1.000 66.45636  ? 40  ARG   A NH2 1 
ATOM   321  N N   . ASP   A 1 43  ? -8.74688  -7.84154  -8.87961  1.000 71.97149  ? 41  ASP   A N   1 
ATOM   322  C CA  . ASP   A 1 43  ? -10.03414 -7.21305  -9.17744  1.000 72.32839  ? 41  ASP   A CA  1 
ATOM   323  C C   . ASP   A 1 43  ? -9.90027  -6.17121  -10.28354 1.000 79.04614  ? 41  ASP   A C   1 
ATOM   324  O O   . ASP   A 1 43  ? -10.54460 -6.27145  -11.33761 1.000 84.02086  ? 41  ASP   A O   1 
ATOM   325  C CB  . ASP   A 1 43  ? -10.60560 -6.55532  -7.91537  1.000 72.22615  ? 41  ASP   A CB  1 
ATOM   326  C CG  . ASP   A 1 43  ? -10.68672 -7.51476  -6.72852  1.000 89.85122  ? 41  ASP   A CG  1 
ATOM   327  O OD1 . ASP   A 1 43  ? -10.85383 -8.74645  -6.94565  1.000 81.53802  ? 41  ASP   A OD1 1 
ATOM   328  O OD2 . ASP   A 1 43  ? -10.57851 -7.02749  -5.57325  1.000 89.81549  ? 41  ASP   A OD2 1 
ATOM   329  N N   . ARG   A 1 44  ? -9.10136  -5.12742  -10.04006 1.000 65.98358  ? 42  ARG   A N   1 
ATOM   330  C CA  . ARG   A 1 44  ? -8.85303  -4.16759  -11.10558 1.000 65.00006  ? 42  ARG   A CA  1 
ATOM   331  C C   . ARG   A 1 44  ? -8.12503  -4.75589  -12.29184 1.000 71.85827  ? 42  ARG   A C   1 
ATOM   332  O O   . ARG   A 1 44  ? -7.82194  -4.01973  -13.24308 1.000 77.31920  ? 42  ARG   A O   1 
ATOM   333  C CB  . ARG   A 1 44  ? -8.11652  -2.97398  -10.51234 1.000 67.17185  ? 42  ARG   A CB  1 
ATOM   334  C CG  . ARG   A 1 44  ? -8.84479  -2.45374  -9.24250  1.000 75.52539  ? 42  ARG   A CG  1 
ATOM   335  C CD  . ARG   A 1 44  ? -7.99146  -1.53598  -8.40768  1.000 64.74769  ? 42  ARG   A CD  1 
ATOM   336  N NE  . ARG   A 1 44  ? -6.57498  -1.79813  -8.60906  1.000 59.85193  ? 42  ARG   A NE  1 
ATOM   337  C CZ  . ARG   A 1 44  ? -5.80376  -2.41132  -7.72279  1.000 61.92751  ? 42  ARG   A CZ  1 
ATOM   338  N NH1 . ARG   A 1 44  ? -6.34444  -2.81562  -6.58111  1.000 59.15667  ? 42  ARG   A NH1 1 
ATOM   339  N NH2 . ARG   A 1 44  ? -4.50309  -2.61516  -7.97696  1.000 59.06084  ? 42  ARG   A NH2 1 
ATOM   340  N N   . ASN   A 1 45  ? -7.88440  -6.05722  -12.23808 1.000 71.27791  ? 43  ASN   A N   1 
ATOM   341  C CA  . ASN   A 1 45  ? -7.42884  -6.86245  -13.35725 1.000 74.77412  ? 43  ASN   A CA  1 
ATOM   342  C C   . ASN   A 1 45  ? -6.14457  -6.31125  -13.95898 1.000 76.57804  ? 43  ASN   A C   1 
ATOM   343  O O   . ASN   A 1 45  ? -6.03693  -6.11097  -15.16669 1.000 77.85234  ? 43  ASN   A O   1 
ATOM   344  C CB  . ASN   A 1 45  ? -8.52098  -6.98925  -14.41230 1.000 81.97835  ? 43  ASN   A CB  1 
ATOM   345  C CG  . ASN   A 1 45  ? -8.45146  -8.29641  -15.13544 1.000 90.43460  ? 43  ASN   A CG  1 
ATOM   346  O OD1 . ASN   A 1 45  ? -7.36113  -8.81566  -15.38780 1.000 94.10850  ? 43  ASN   A OD1 1 
ATOM   347  N ND2 . ASN   A 1 45  ? -9.61401  -8.86554  -15.44701 1.000 90.39433  ? 43  ASN   A ND2 1 
ATOM   348  N N   . LYS   A 1 46  ? -5.15471  -6.09892  -13.10210 1.000 74.46603  ? 44  LYS   A N   1 
ATOM   349  C CA  . LYS   A 1 46  ? -3.87013  -5.54665  -13.50014 1.000 68.28162  ? 44  LYS   A CA  1 
ATOM   350  C C   . LYS   A 1 46  ? -2.87852  -5.74352  -12.36780 1.000 65.58616  ? 44  LYS   A C   1 
ATOM   351  O O   . LYS   A 1 46  ? -3.16385  -5.40458  -11.20882 1.000 61.97957  ? 44  LYS   A O   1 
ATOM   352  C CB  . LYS   A 1 46  ? -3.97003  -4.05624  -13.84561 1.000 70.78035  ? 44  LYS   A CB  1 
ATOM   353  C CG  . LYS   A 1 46  ? -4.26981  -3.75733  -15.30515 1.000 77.54526  ? 44  LYS   A CG  1 
ATOM   354  C CD  . LYS   A 1 46  ? -3.87858  -2.33248  -15.66284 1.000 72.74277  ? 44  LYS   A CD  1 
ATOM   355  C CE  . LYS   A 1 46  ? -4.16108  -2.03090  -17.13023 1.000 80.55257  ? 44  LYS   A CE  1 
ATOM   356  N NZ  . LYS   A 1 46  ? -5.61985  -1.96912  -17.42607 1.000 78.35057  ? 44  LYS   A NZ  1 
ATOM   357  N N   . PRO   A 1 47  ? -1.70203  -6.26769  -12.66347 1.000 58.06793  ? 45  PRO   A N   1 
ATOM   358  C CA  . PRO   A 1 47  ? -0.67732  -6.35200  -11.63463 1.000 54.94272  ? 45  PRO   A CA  1 
ATOM   359  C C   . PRO   A 1 47  ? -0.31669  -4.96055  -11.13741 1.000 54.94266  ? 45  PRO   A C   1 
ATOM   360  O O   . PRO   A 1 47  ? -0.38365  -3.97165  -11.87151 1.000 59.92100  ? 45  PRO   A O   1 
ATOM   361  C CB  . PRO   A 1 47  ? 0.49007   -7.01684  -12.36336 1.000 54.15132  ? 45  PRO   A CB  1 
ATOM   362  C CG  . PRO   A 1 47  ? 0.31542   -6.59828  -13.77072 1.000 48.23655  ? 45  PRO   A CG  1 
ATOM   363  C CD  . PRO   A 1 47  ? -1.16339  -6.56233  -13.99844 1.000 57.48567  ? 45  PRO   A CD  1 
ATOM   364  N N   . PHE   A 1 48  ? 0.05085   -4.89414  -9.86809  1.000 45.65299  ? 46  PHE   A N   1 
ATOM   365  C CA  . PHE   A 1 48  ? 0.52741   -3.67198  -9.24888  1.000 43.22203  ? 46  PHE   A CA  1 
ATOM   366  C C   . PHE   A 1 48  ? 2.04962   -3.65733  -9.33999  1.000 44.60929  ? 46  PHE   A C   1 
ATOM   367  O O   . PHE   A 1 48  ? 2.69589   -4.67781  -9.09718  1.000 49.80988  ? 46  PHE   A O   1 
ATOM   368  C CB  . PHE   A 1 48  ? 0.01728   -3.62953  -7.80597  1.000 48.47769  ? 46  PHE   A CB  1 
ATOM   369  C CG  . PHE   A 1 48  ? 0.61506   -2.55077  -6.95707  1.000 50.93643  ? 46  PHE   A CG  1 
ATOM   370  C CD1 . PHE   A 1 48  ? 0.05991   -1.28162  -6.93131  1.000 52.97804  ? 46  PHE   A CD1 1 
ATOM   371  C CD2 . PHE   A 1 48  ? 1.69682   -2.82118  -6.13756  1.000 49.04413  ? 46  PHE   A CD2 1 
ATOM   372  C CE1 . PHE   A 1 48  ? 0.59466   -0.28694  -6.13968  1.000 52.51687  ? 46  PHE   A CE1 1 
ATOM   373  C CE2 . PHE   A 1 48  ? 2.24420   -1.83705  -5.33644  1.000 51.31290  ? 46  PHE   A CE2 1 
ATOM   374  C CZ  . PHE   A 1 48  ? 1.68832   -0.56196  -5.33480  1.000 56.89991  ? 46  PHE   A CZ  1 
ATOM   375  N N   . LYS   A 1 49  ? 2.61795   -2.52923  -9.75793  1.000 47.95809  ? 47  LYS   A N   1 
ATOM   376  C CA  . LYS   A 1 49  ? 4.06342   -2.38167  -9.92156  1.000 48.33588  ? 47  LYS   A CA  1 
ATOM   377  C C   . LYS   A 1 49  ? 4.56297   -1.29271  -8.99004  1.000 44.15520  ? 47  LYS   A C   1 
ATOM   378  O O   . LYS   A 1 49  ? 3.86034   -0.31007  -8.76643  1.000 54.57237  ? 47  LYS   A O   1 
ATOM   379  C CB  . LYS   A 1 49  ? 4.45666   -2.01156  -11.36956 1.000 40.36180  ? 47  LYS   A CB  1 
ATOM   380  C CG  . LYS   A 1 49  ? 3.92082   -2.93024  -12.45384 1.000 49.91087  ? 47  LYS   A CG  1 
ATOM   381  C CD  . LYS   A 1 49  ? 4.39042   -2.53377  -13.85536 1.000 57.34656  ? 47  LYS   A CD  1 
ATOM   382  C CE  . LYS   A 1 49  ? 3.93579   -3.55491  -14.90572 1.000 58.49609  ? 47  LYS   A CE  1 
ATOM   383  N NZ  . LYS   A 1 49  ? 4.67660   -3.44694  -16.19569 1.000 62.66381  ? 47  LYS   A NZ  1 
ATOM   384  N N   . PHE   A 1 50  ? 5.76804   -1.45996  -8.44964  1.000 38.97409  ? 48  PHE   A N   1 
ATOM   385  C CA  . PHE   A 1 50  ? 6.39565   -0.37834  -7.69983  1.000 48.59148  ? 48  PHE   A CA  1 
ATOM   386  C C   . PHE   A 1 50  ? 7.90453   -0.56169  -7.73494  1.000 50.37123  ? 48  PHE   A C   1 
ATOM   387  O O   . PHE   A 1 50  ? 8.40896   -1.65910  -7.97160  1.000 49.65036  ? 48  PHE   A O   1 
ATOM   388  C CB  . PHE   A 1 50  ? 5.88404   -0.30331  -6.25304  1.000 49.03945  ? 48  PHE   A CB  1 
ATOM   389  C CG  . PHE   A 1 50  ? 6.36992   -1.41388  -5.37996  1.000 49.66213  ? 48  PHE   A CG  1 
ATOM   390  C CD1 . PHE   A 1 50  ? 5.77635   -2.66656  -5.44040  1.000 51.88712  ? 48  PHE   A CD1 1 
ATOM   391  C CD2 . PHE   A 1 50  ? 7.42059   -1.21206  -4.50305  1.000 48.37967  ? 48  PHE   A CD2 1 
ATOM   392  C CE1 . PHE   A 1 50  ? 6.22498   -3.69869  -4.64466  1.000 51.30625  ? 48  PHE   A CE1 1 
ATOM   393  C CE2 . PHE   A 1 50  ? 7.87417   -2.22962  -3.69617  1.000 53.78607  ? 48  PHE   A CE2 1 
ATOM   394  C CZ  . PHE   A 1 50  ? 7.27810   -3.47726  -3.75960  1.000 54.43968  ? 48  PHE   A CZ  1 
ATOM   395  N N   . MET   A 1 51  ? 8.62169   0.53396   -7.51645  1.000 49.93446  ? 49  MET   A N   1 
ATOM   396  C CA  . MET   A 1 51  ? 10.07366  0.49740   -7.46181  1.000 49.32259  ? 49  MET   A CA  1 
ATOM   397  C C   . MET   A 1 51  ? 10.55450  0.41815   -6.01352  1.000 52.70843  ? 49  MET   A C   1 
ATOM   398  O O   . MET   A 1 51  ? 10.16305  1.23006   -5.16569  1.000 52.45537  ? 49  MET   A O   1 
ATOM   399  C CB  . MET   A 1 51  ? 10.67774  1.71076   -8.15667  1.000 52.73825  ? 49  MET   A CB  1 
ATOM   400  C CG  . MET   A 1 51  ? 12.17207  1.60612   -8.28623  1.000 54.70615  ? 49  MET   A CG  1 
ATOM   401  S SD  . MET   A 1 51  ? 12.93285  2.87827   -9.28721  1.000 67.68172  ? 49  MET   A SD  1 
ATOM   402  C CE  . MET   A 1 51  ? 12.21471  2.54252   -10.90022 1.000 71.77524  ? 49  MET   A CE  1 
ATOM   403  N N   . LEU   A 1 52  ? 11.38344  -0.58147  -5.73528  1.000 52.40119  ? 50  LEU   A N   1 
ATOM   404  C CA  . LEU   A 1 52  ? 11.99815  -0.71454  -4.42784  1.000 52.24049  ? 50  LEU   A CA  1 
ATOM   405  C C   . LEU   A 1 52  ? 12.97008  0.43029   -4.19972  1.000 50.29073  ? 50  LEU   A C   1 
ATOM   406  O O   . LEU   A 1 52  ? 13.63405  0.88821   -5.13158  1.000 53.23958  ? 50  LEU   A O   1 
ATOM   407  C CB  . LEU   A 1 52  ? 12.72984  -2.04732  -4.32761  1.000 52.41249  ? 50  LEU   A CB  1 
ATOM   408  C CG  . LEU   A 1 52  ? 12.70654  -2.73748  -2.96835  1.000 52.56044  ? 50  LEU   A CG  1 
ATOM   409  C CD1 . LEU   A 1 52  ? 11.38961  -3.45481  -2.75848  1.000 53.67441  ? 50  LEU   A CD1 1 
ATOM   410  C CD2 . LEU   A 1 52  ? 13.86147  -3.69731  -2.86163  1.000 49.94492  ? 50  LEU   A CD2 1 
ATOM   411  N N   . GLY   A 1 53  ? 13.05403  0.89051   -2.94792  1.000 50.10059  ? 51  GLY   A N   1 
ATOM   412  C CA  . GLY   A 1 53  ? 13.93674  1.97172   -2.56894  1.000 47.92152  ? 51  GLY   A CA  1 
ATOM   413  C C   . GLY   A 1 53  ? 13.39184  3.35957   -2.79854  1.000 51.64045  ? 51  GLY   A C   1 
ATOM   414  O O   . GLY   A 1 53  ? 13.87620  4.30957   -2.18101  1.000 59.54954  ? 51  GLY   A O   1 
ATOM   415  N N   . LYS   A 1 54  ? 12.40160  3.50986   -3.66492  1.000 60.82790  ? 52  LYS   A N   1 
ATOM   416  C CA  . LYS   A 1 54  ? 11.78169  4.79252   -3.95352  1.000 54.63501  ? 52  LYS   A CA  1 
ATOM   417  C C   . LYS   A 1 54  ? 10.74876  5.20107   -2.91488  1.000 57.69032  ? 52  LYS   A C   1 
ATOM   418  O O   . LYS   A 1 54  ? 10.01155  6.15697   -3.15061  1.000 65.78266  ? 52  LYS   A O   1 
ATOM   419  C CB  . LYS   A 1 54  ? 11.13081  4.76922   -5.34408  1.000 51.56967  ? 52  LYS   A CB  1 
ATOM   420  C CG  . LYS   A 1 54  ? 12.07598  5.09695   -6.48742  1.000 55.36502  ? 52  LYS   A CG  1 
ATOM   421  C CD  . LYS   A 1 54  ? 12.57321  6.53269   -6.39173  1.000 61.77232  ? 52  LYS   A CD  1 
ATOM   422  C CE  . LYS   A 1 54  ? 13.44313  6.92891   -7.58190  1.000 71.78069  ? 52  LYS   A CE  1 
ATOM   423  N NZ  . LYS   A 1 54  ? 13.13399  8.31665   -8.07531  1.000 78.91836  ? 52  LYS   A NZ  1 
ATOM   424  N N   . GLN   A 1 55  ? 10.64880  4.52043   -1.77983  1.000 60.73346  ? 53  GLN   A N   1 
ATOM   425  C CA  . GLN   A 1 55  ? 9.72031   4.95288   -0.73953  1.000 58.09136  ? 53  GLN   A CA  1 
ATOM   426  C C   . GLN   A 1 55  ? 8.28006   5.01044   -1.24203  1.000 56.20382  ? 53  GLN   A C   1 
ATOM   427  O O   . GLN   A 1 55  ? 7.47649   5.78877   -0.73474  1.000 52.32614  ? 53  GLN   A O   1 
ATOM   428  C CB  . GLN   A 1 55  ? 10.11700  6.32570   -0.18556  1.000 58.84145  ? 53  GLN   A CB  1 
ATOM   429  C CG  . GLN   A 1 55  ? 11.62363  6.56829   -0.07322  1.000 71.30544  ? 53  GLN   A CG  1 
ATOM   430  C CD  . GLN   A 1 55  ? 12.11378  6.54806   1.36762   1.000 82.66380  ? 53  GLN   A CD  1 
ATOM   431  O OE1 . GLN   A 1 55  ? 11.56513  7.24363   2.22799   1.000 78.83895  ? 53  GLN   A OE1 1 
ATOM   432  N NE2 . GLN   A 1 55  ? 13.14500  5.73805   1.64010   1.000 84.98260  ? 53  GLN   A NE2 1 
ATOM   433  N N   . GLU   A 1 56  ? 7.92379   4.20330   -2.24040  1.000 56.41020  ? 54  GLU   A N   1 
ATOM   434  C CA  . GLU   A 1 56  ? 6.59410   4.32864   -2.81648  1.000 46.34628  ? 54  GLU   A CA  1 
ATOM   435  C C   . GLU   A 1 56  ? 5.51320   3.61622   -2.01283  1.000 51.37632  ? 54  GLU   A C   1 
ATOM   436  O O   . GLU   A 1 56  ? 4.33215   3.86075   -2.25620  1.000 51.79123  ? 54  GLU   A O   1 
ATOM   437  C CB  . GLU   A 1 56  ? 6.58931   3.80067   -4.25138  1.000 51.48573  ? 54  GLU   A CB  1 
ATOM   438  C CG  . GLU   A 1 56  ? 7.64490   4.42482   -5.15387  1.000 51.22580  ? 54  GLU   A CG  1 
ATOM   439  C CD  . GLU   A 1 56  ? 7.59848   3.91209   -6.59864  1.000 64.41088  ? 54  GLU   A CD  1 
ATOM   440  O OE1 . GLU   A 1 56  ? 8.15434   4.59277   -7.48756  1.000 71.79704  ? 54  GLU   A OE1 1 
ATOM   441  O OE2 . GLU   A 1 56  ? 7.01685   2.83159   -6.86035  1.000 67.46971  ? 54  GLU   A OE2 1 
ATOM   442  N N   . VAL   A 1 57  ? 5.86238   2.75593   -1.05934  1.000 54.65395  ? 55  VAL   A N   1 
ATOM   443  C CA  . VAL   A 1 57  ? 4.88076   1.91135   -0.39527  1.000 49.87931  ? 55  VAL   A CA  1 
ATOM   444  C C   . VAL   A 1 57  ? 5.11300   1.94795   1.10556   1.000 49.18996  ? 55  VAL   A C   1 
ATOM   445  O O   . VAL   A 1 57  ? 6.15969   2.38908   1.57969   1.000 56.45414  ? 55  VAL   A O   1 
ATOM   446  C CB  . VAL   A 1 57  ? 4.92874   0.46296   -0.91709  1.000 48.80784  ? 55  VAL   A CB  1 
ATOM   447  C CG1 . VAL   A 1 57  ? 4.44788   0.42208   -2.35225  1.000 51.96894  ? 55  VAL   A CG1 1 
ATOM   448  C CG2 . VAL   A 1 57  ? 6.32587   -0.08579  -0.83085  1.000 43.55293  ? 55  VAL   A CG2 1 
ATOM   449  N N   . ILE   A 1 58  ? 4.11326   1.46493   1.85444   1.000 44.82984  ? 56  ILE   A N   1 
ATOM   450  C CA  . ILE   A 1 58  ? 4.26476   1.31073   3.29880   1.000 44.78594  ? 56  ILE   A CA  1 
ATOM   451  C C   . ILE   A 1 58  ? 5.46684   0.41194   3.59709   1.000 45.08632  ? 56  ILE   A C   1 
ATOM   452  O O   . ILE   A 1 58  ? 5.87771   -0.40879  2.77254   1.000 48.44838  ? 56  ILE   A O   1 
ATOM   453  C CB  . ILE   A 1 58  ? 2.98548   0.74001   3.93294   1.000 48.12151  ? 56  ILE   A CB  1 
ATOM   454  C CG1 . ILE   A 1 58  ? 2.69165   -0.65873  3.39200   1.000 49.15615  ? 56  ILE   A CG1 1 
ATOM   455  C CG2 . ILE   A 1 58  ? 1.81345   1.64086   3.67187   1.000 47.13398  ? 56  ILE   A CG2 1 
ATOM   456  C CD1 . ILE   A 1 58  ? 1.37940   -1.21013  3.85584   1.000 37.91374  ? 56  ILE   A CD1 1 
ATOM   457  N N   . ARG   A 1 59  ? 6.05044   0.57182   4.78191   1.000 43.46348  ? 57  ARG   A N   1 
ATOM   458  C CA  . ARG   A 1 59  ? 7.30804   -0.11981  5.02836   1.000 47.85721  ? 57  ARG   A CA  1 
ATOM   459  C C   . ARG   A 1 59  ? 7.10537   -1.63062  5.09984   1.000 48.38526  ? 57  ARG   A C   1 
ATOM   460  O O   . ARG   A 1 59  ? 8.01651   -2.38818  4.75880   1.000 48.41864  ? 57  ARG   A O   1 
ATOM   461  C CB  . ARG   A 1 59  ? 7.98131   0.42256   6.29928   1.000 46.91270  ? 57  ARG   A CB  1 
ATOM   462  C CG  . ARG   A 1 59  ? 9.47713   0.04463   6.43857   1.000 50.80535  ? 57  ARG   A CG  1 
ATOM   463  C CD  . ARG   A 1 59  ? 10.38370  1.27182   6.62750   1.000 65.43848  ? 57  ARG   A CD  1 
ATOM   464  N NE  . ARG   A 1 59  ? 10.62788  2.01119   5.38713   1.000 67.53915  ? 57  ARG   A NE  1 
ATOM   465  C CZ  . ARG   A 1 59  ? 11.07634  3.26901   5.31945   1.000 71.99811  ? 57  ARG   A CZ  1 
ATOM   466  N NH1 . ARG   A 1 59  ? 11.25001  3.83175   4.12837   1.000 81.47030  ? 57  ARG   A NH1 1 
ATOM   467  N NH2 . ARG   A 1 59  ? 11.34405  3.97377   6.41783   1.000 39.82297  ? 57  ARG   A NH2 1 
ATOM   468  N N   . GLY   A 1 60  ? 5.92617   -2.09177  5.51786   1.000 42.13865  ? 58  GLY   A N   1 
ATOM   469  C CA  . GLY   A 1 60  ? 5.65956   -3.52011  5.49001   1.000 43.94712  ? 58  GLY   A CA  1 
ATOM   470  C C   . GLY   A 1 60  ? 5.83027   -4.13532  4.11494   1.000 41.06656  ? 58  GLY   A C   1 
ATOM   471  O O   . GLY   A 1 60  ? 6.27219   -5.27424  3.98920   1.000 43.60332  ? 58  GLY   A O   1 
ATOM   472  N N   . TRP   A 1 61  ? 5.48539   -3.39505  3.07156   1.000 41.98031  ? 59  TRP   A N   1 
ATOM   473  C CA  . TRP   A 1 61  ? 5.67814   -3.85808  1.70636   1.000 38.00558  ? 59  TRP   A CA  1 
ATOM   474  C C   . TRP   A 1 61  ? 7.12539   -3.76156  1.25485   1.000 40.99597  ? 59  TRP   A C   1 
ATOM   475  O O   . TRP   A 1 61  ? 7.66234   -4.71439  0.69206   1.000 44.60065  ? 59  TRP   A O   1 
ATOM   476  C CB  . TRP   A 1 61  ? 4.79842   -3.05347  0.77927   1.000 43.58065  ? 59  TRP   A CB  1 
ATOM   477  C CG  . TRP   A 1 61  ? 3.54981   -3.74799  0.47576   1.000 47.60701  ? 59  TRP   A CG  1 
ATOM   478  C CD1 . TRP   A 1 61  ? 2.57464   -4.13477  1.35714   1.000 46.85642  ? 59  TRP   A CD1 1 
ATOM   479  C CD2 . TRP   A 1 61  ? 3.11827   -4.15705  -0.80776  1.000 46.08697  ? 59  TRP   A CD2 1 
ATOM   480  N NE1 . TRP   A 1 61  ? 1.55997   -4.75539  0.68974   1.000 39.00135  ? 59  TRP   A NE1 1 
ATOM   481  C CE2 . TRP   A 1 61  ? 1.86833   -4.78629  -0.64581  1.000 45.94950  ? 59  TRP   A CE2 1 
ATOM   482  C CE3 . TRP   A 1 61  ? 3.66306   -4.04890  -2.08914  1.000 47.27307  ? 59  TRP   A CE3 1 
ATOM   483  C CZ2 . TRP   A 1 61  ? 1.15113   -5.29944  -1.72183  1.000 45.42406  ? 59  TRP   A CZ2 1 
ATOM   484  C CZ3 . TRP   A 1 61  ? 2.95146   -4.56609  -3.15183  1.000 51.41897  ? 59  TRP   A CZ3 1 
ATOM   485  C CH2 . TRP   A 1 61  ? 1.71083   -5.18439  -2.96117  1.000 47.53734  ? 59  TRP   A CH2 1 
ATOM   486  N N   . GLU   A 1 62  ? 7.76196   -2.60357  1.44561   1.000 50.98077  ? 60  GLU   A N   1 
ATOM   487  C CA  . GLU   A 1 62  ? 9.16687   -2.45656  1.06693   1.000 51.02829  ? 60  GLU   A CA  1 
ATOM   488  C C   . GLU   A 1 62  ? 10.01666  -3.55598  1.68512   1.000 51.79908  ? 60  GLU   A C   1 
ATOM   489  O O   . GLU   A 1 62  ? 10.80260  -4.21316  0.99763   1.000 55.24193  ? 60  GLU   A O   1 
ATOM   490  C CB  . GLU   A 1 62  ? 9.69307   -1.08705  1.49168   1.000 46.48667  ? 60  GLU   A CB  1 
ATOM   491  C CG  . GLU   A 1 62  ? 9.13792   0.07302   0.67692   1.000 65.68782  ? 60  GLU   A CG  1 
ATOM   492  C CD  . GLU   A 1 62  ? 9.97563   0.40488   -0.55454  1.000 69.16429  ? 60  GLU   A CD  1 
ATOM   493  O OE1 . GLU   A 1 62  ? 11.16145  -0.00958  -0.58856  1.000 59.69879  ? 60  GLU   A OE1 1 
ATOM   494  O OE2 . GLU   A 1 62  ? 9.44386   1.09150   -1.47660  1.000 71.88943  ? 60  GLU   A OE2 1 
ATOM   495  N N   . GLU   A 1 63  ? 9.86318   -3.77164  2.99101   1.000 50.19194  ? 61  GLU   A N   1 
ATOM   496  C CA  . GLU   A 1 63  ? 10.66575  -4.75982  3.68898   1.000 50.38190  ? 61  GLU   A CA  1 
ATOM   497  C C   . GLU   A 1 63  ? 10.17494  -6.18147  3.42698   1.000 49.77809  ? 61  GLU   A C   1 
ATOM   498  O O   . GLU   A 1 63  ? 10.99057  -7.10577  3.38159   1.000 50.35531  ? 61  GLU   A O   1 
ATOM   499  C CB  . GLU   A 1 63  ? 10.68088  -4.42736  5.18561   1.000 53.05073  ? 61  GLU   A CB  1 
ATOM   500  C CG  . GLU   A 1 63  ? 11.45387  -5.42080  6.06859   1.000 63.69903  ? 61  GLU   A CG  1 
ATOM   501  C CD  . GLU   A 1 63  ? 11.65549  -4.93089  7.50012   1.000 64.54019  ? 61  GLU   A CD  1 
ATOM   502  O OE1 . GLU   A 1 63  ? 11.64071  -3.68261  7.70418   1.000 64.28270  ? 61  GLU   A OE1 1 
ATOM   503  O OE2 . GLU   A 1 63  ? 11.82962  -5.80176  8.40284   1.000 56.92073  ? 61  GLU   A OE2 1 
ATOM   504  N N   . GLY   A 1 64  ? 8.86921   -6.37209  3.22799   1.000 46.26243  ? 62  GLY   A N   1 
ATOM   505  C CA  . GLY   A 1 64  ? 8.30215   -7.67748  2.95437   1.000 38.71095  ? 62  GLY   A CA  1 
ATOM   506  C C   . GLY   A 1 64  ? 8.68351   -8.24760  1.60457   1.000 45.00025  ? 62  GLY   A C   1 
ATOM   507  O O   . GLY   A 1 64  ? 9.37577   -9.26650  1.53982   1.000 47.56716  ? 62  GLY   A O   1 
ATOM   508  N N   . VAL   A 1 65  ? 8.24603   -7.59591  0.52261   1.000 41.78917  ? 63  VAL   A N   1 
ATOM   509  C CA  . VAL   A 1 65  ? 8.51462   -8.09165  -0.82300  1.000 42.04464  ? 63  VAL   A CA  1 
ATOM   510  C C   . VAL   A 1 65  ? 10.01748  -8.27920  -1.05160  1.000 44.39956  ? 63  VAL   A C   1 
ATOM   511  O O   . VAL   A 1 65  ? 10.44982  -9.27039  -1.65893  1.000 42.51601  ? 63  VAL   A O   1 
ATOM   512  C CB  . VAL   A 1 65  ? 7.87612   -7.14791  -1.86550  1.000 47.05647  ? 63  VAL   A CB  1 
ATOM   513  C CG1 . VAL   A 1 65  ? 8.23510   -7.58707  -3.28922  1.000 39.99060  ? 63  VAL   A CG1 1 
ATOM   514  C CG2 . VAL   A 1 65  ? 6.33334   -7.07986  -1.69076  1.000 37.00355  ? 63  VAL   A CG2 1 
ATOM   515  N N   . ALA   A 1 66  ? 10.83725  -7.34383  -0.55882  1.000 44.06969  ? 64  ALA   A N   1 
ATOM   516  C CA  . ALA   A 1 66  ? 12.29409  -7.44305  -0.67987  1.000 42.38564  ? 64  ALA   A CA  1 
ATOM   517  C C   . ALA   A 1 66  ? 12.86048  -8.79634  -0.23621  1.000 46.79133  ? 64  ALA   A C   1 
ATOM   518  O O   . ALA   A 1 66  ? 13.95759  -9.16476  -0.67505  1.000 45.78133  ? 64  ALA   A O   1 
ATOM   519  C CB  . ALA   A 1 66  ? 12.96047  -6.32945  0.13152   1.000 41.21171  ? 64  ALA   A CB  1 
ATOM   520  N N   . GLN   A 1 67  ? 12.15602  -9.53034  0.63215   1.000 41.59720  ? 65  GLN   A N   1 
ATOM   521  C CA  . GLN   A 1 67  ? 12.54324  -10.85956 1.08686   1.000 38.55855  ? 65  GLN   A CA  1 
ATOM   522  C C   . GLN   A 1 67  ? 11.90941  -11.99978 0.28414   1.000 46.83257  ? 65  GLN   A C   1 
ATOM   523  O O   . GLN   A 1 67  ? 12.11812  -13.16907 0.63222   1.000 41.75444  ? 65  GLN   A O   1 
ATOM   524  C CB  . GLN   A 1 67  ? 12.15956  -11.04230 2.55078   1.000 37.40345  ? 65  GLN   A CB  1 
ATOM   525  C CG  . GLN   A 1 67  ? 12.63404  -9.96255  3.47327   1.000 46.15599  ? 65  GLN   A CG  1 
ATOM   526  C CD  . GLN   A 1 67  ? 11.92242  -9.99408  4.80390   1.000 47.08700  ? 65  GLN   A CD  1 
ATOM   527  O OE1 . GLN   A 1 67  ? 11.57103  -11.05657 5.29115   1.000 44.23986  ? 65  GLN   A OE1 1 
ATOM   528  N NE2 . GLN   A 1 67  ? 11.68931  -8.82137  5.39196   1.000 53.53621  ? 65  GLN   A NE2 1 
ATOM   529  N N   . MET   A 1 68  ? 11.13157  -11.70823 -0.75814  1.000 44.80148  ? 66  MET   A N   1 
ATOM   530  C CA  . MET   A 1 68  ? 10.57830  -12.74888 -1.60740  1.000 39.08004  ? 66  MET   A CA  1 
ATOM   531  C C   . MET   A 1 68  ? 11.43771  -12.90844 -2.85033  1.000 41.73376  ? 66  MET   A C   1 
ATOM   532  O O   . MET   A 1 68  ? 12.08852  -11.96306 -3.29684  1.000 45.73810  ? 66  MET   A O   1 
ATOM   533  C CB  . MET   A 1 68  ? 9.14360   -12.41829 -1.99334  1.000 36.30789  ? 66  MET   A CB  1 
ATOM   534  C CG  . MET   A 1 68  ? 8.29887   -12.19157 -0.79717  1.000 39.40780  ? 66  MET   A CG  1 
ATOM   535  S SD  . MET   A 1 68  ? 6.64969   -11.62019 -1.15121  1.000 44.26813  ? 66  MET   A SD  1 
ATOM   536  C CE  . MET   A 1 68  ? 6.07660   -12.84019 -2.32919  1.000 36.75125  ? 66  MET   A CE  1 
ATOM   537  N N   . SER   A 1 69  ? 11.45366  -14.11885 -3.39152  1.000 36.77999  ? 67  SER   A N   1 
ATOM   538  C CA  . SER   A 1 69  ? 12.10486  -14.39936 -4.65823  1.000 34.58404  ? 67  SER   A CA  1 
ATOM   539  C C   . SER   A 1 69  ? 11.03993  -14.55580 -5.73667  1.000 40.03844  ? 67  SER   A C   1 
ATOM   540  O O   . SER   A 1 69  ? 9.85144   -14.71934 -5.44818  1.000 41.08816  ? 67  SER   A O   1 
ATOM   541  C CB  . SER   A 1 69  ? 12.99935  -15.64528 -4.56065  1.000 39.59667  ? 67  SER   A CB  1 
ATOM   542  O OG  . SER   A 1 69  ? 12.28479  -16.79793 -4.17264  1.000 38.07978  ? 67  SER   A OG  1 
ATOM   543  N N   . VAL   A 1 70  ? 11.46515  -14.47034 -6.99737  1.000 38.13262  ? 68  VAL   A N   1 
ATOM   544  C CA  . VAL   A 1 70  ? 10.48954  -14.42728 -8.07331  1.000 34.14411  ? 68  VAL   A CA  1 
ATOM   545  C C   . VAL   A 1 70  ? 9.69690   -15.72712 -8.10434  1.000 36.88174  ? 68  VAL   A C   1 
ATOM   546  O O   . VAL   A 1 70  ? 10.25250  -16.82587 -7.97945  1.000 39.12764  ? 68  VAL   A O   1 
ATOM   547  C CB  . VAL   A 1 70  ? 11.18509  -14.14171 -9.41340  1.000 36.97026  ? 68  VAL   A CB  1 
ATOM   548  C CG1 . VAL   A 1 70  ? 10.17258  -14.04796 -10.53216 1.000 31.24483  ? 68  VAL   A CG1 1 
ATOM   549  C CG2 . VAL   A 1 70  ? 11.96071  -12.85594 -9.32374  1.000 39.55630  ? 68  VAL   A CG2 1 
ATOM   550  N N   . GLY   A 1 71  ? 8.37982   -15.60142 -8.28564  1.000 36.90751  ? 69  GLY   A N   1 
ATOM   551  C CA  . GLY   A 1 71  ? 7.47101   -16.71735 -8.24646  1.000 32.73733  ? 69  GLY   A CA  1 
ATOM   552  C C   . GLY   A 1 71  ? 6.90652   -17.02425 -6.88120  1.000 39.13184  ? 69  GLY   A C   1 
ATOM   553  O O   . GLY   A 1 71  ? 5.91825   -17.75395 -6.78275  1.000 44.23285  ? 69  GLY   A O   1 
ATOM   554  N N   . GLN   A 1 72  ? 7.49363   -16.49056 -5.82636  1.000 39.88853  ? 70  GLN   A N   1 
ATOM   555  C CA  . GLN   A 1 72  ? 7.05311   -16.80893 -4.48101  1.000 37.42708  ? 70  GLN   A CA  1 
ATOM   556  C C   . GLN   A 1 72  ? 5.68135   -16.21451 -4.20236  1.000 38.92498  ? 70  GLN   A C   1 
ATOM   557  O O   . GLN   A 1 72  ? 5.32761   -15.15033 -4.71588  1.000 41.99356  ? 70  GLN   A O   1 
ATOM   558  C CB  . GLN   A 1 72  ? 8.07095   -16.28845 -3.46871  1.000 35.93358  ? 70  GLN   A CB  1 
ATOM   559  C CG  . GLN   A 1 72  ? 7.72463   -16.55381 -2.03814  1.000 32.62747  ? 70  GLN   A CG  1 
ATOM   560  C CD  . GLN   A 1 72  ? 8.86345   -16.24358 -1.13972  1.000 33.12233  ? 70  GLN   A CD  1 
ATOM   561  O OE1 . GLN   A 1 72  ? 9.89563   -15.74923 -1.57845  1.000 36.03557  ? 70  GLN   A OE1 1 
ATOM   562  N NE2 . GLN   A 1 72  ? 8.69803   -16.53640 0.13136   1.000 30.16383  ? 70  GLN   A NE2 1 
ATOM   563  N N   . ARG   A 1 73  ? 4.90546   -16.92034 -3.37715  1.000 37.21715  ? 71  ARG   A N   1 
ATOM   564  C CA  . ARG   A 1 73  ? 3.65025   -16.41611 -2.83823  1.000 36.14713  ? 71  ARG   A CA  1 
ATOM   565  C C   . ARG   A 1 73  ? 3.75868   -16.43641 -1.32163  1.000 37.78550  ? 71  ARG   A C   1 
ATOM   566  O O   . ARG   A 1 73  ? 3.99897   -17.49001 -0.72769  1.000 39.54422  ? 71  ARG   A O   1 
ATOM   567  C CB  . ARG   A 1 73  ? 2.47669   -17.25316 -3.31905  1.000 39.73599  ? 71  ARG   A CB  1 
ATOM   568  C CG  . ARG   A 1 73  ? 1.10643   -16.56883 -3.29884  1.000 45.25889  ? 71  ARG   A CG  1 
ATOM   569  C CD  . ARG   A 1 73  ? 0.01225   -17.66264 -3.44727  1.000 51.74022  ? 71  ARG   A CD  1 
ATOM   570  N NE  . ARG   A 1 73  ? -1.31970  -17.17887 -3.81832  1.000 47.36681  ? 71  ARG   A NE  1 
ATOM   571  C CZ  . ARG   A 1 73  ? -1.80554  -17.18026 -5.05603  1.000 56.03858  ? 71  ARG   A CZ  1 
ATOM   572  N NH1 . ARG   A 1 73  ? -1.06730  -17.62695 -6.06904  1.000 55.81868  ? 71  ARG   A NH1 1 
ATOM   573  N NH2 . ARG   A 1 73  ? -3.03226  -16.72472 -5.28018  1.000 60.09037  ? 71  ARG   A NH2 1 
ATOM   574  N N   . ALA   A 1 74  ? 3.60722   -15.27445 -0.69737  1.000 38.92680  ? 72  ALA   A N   1 
ATOM   575  C CA  . ALA   A 1 74  ? 3.88876   -15.11970 0.71878   1.000 35.18781  ? 72  ALA   A CA  1 
ATOM   576  C C   . ALA   A 1 74  ? 2.68415   -14.53392 1.42905   1.000 36.00384  ? 72  ALA   A C   1 
ATOM   577  O O   . ALA   A 1 74  ? 1.80350   -13.93375 0.81876   1.000 36.87123  ? 72  ALA   A O   1 
ATOM   578  C CB  . ALA   A 1 74  ? 5.11300   -14.23170 0.95346   1.000 35.10178  ? 72  ALA   A CB  1 
ATOM   579  N N   . LYS   A 1 75  ? 2.64864   -14.73662 2.73514   1.000 39.01389  ? 73  LYS   A N   1 
ATOM   580  C CA  . LYS   A 1 75  ? 1.71299   -14.04613 3.61067   1.000 36.57997  ? 73  LYS   A CA  1 
ATOM   581  C C   . LYS   A 1 75  ? 2.51263   -13.01136 4.37108   1.000 37.70801  ? 73  LYS   A C   1 
ATOM   582  O O   . LYS   A 1 75  ? 3.50505   -13.34640 5.02546   1.000 40.08736  ? 73  LYS   A O   1 
ATOM   583  C CB  . LYS   A 1 75  ? 1.00644   -14.99869 4.57463   1.000 33.61968  ? 73  LYS   A CB  1 
ATOM   584  C CG  . LYS   A 1 75  ? 0.05530   -14.32645 5.52933   1.000 29.79267  ? 73  LYS   A CG  1 
ATOM   585  C CD  . LYS   A 1 75  ? -0.42076  -15.31125 6.56488   1.000 30.27003  ? 73  LYS   A CD  1 
ATOM   586  C CE  . LYS   A 1 75  ? -1.16036  -14.63246 7.69791   1.000 42.50786  ? 73  LYS   A CE  1 
ATOM   587  N NZ  . LYS   A 1 75  ? -1.66873  -15.59930 8.71175   1.000 41.46650  ? 73  LYS   A NZ  1 
ATOM   588  N N   . LEU   A 1 76  ? 2.10820   -11.76122 4.23167   1.000 37.67548  ? 74  LEU   A N   1 
ATOM   589  C CA  . LEU   A 1 76  ? 2.73998   -10.62696 4.87507   1.000 35.22453  ? 74  LEU   A CA  1 
ATOM   590  C C   . LEU   A 1 76  ? 1.82550   -10.16000 5.99806   1.000 36.73169  ? 74  LEU   A C   1 
ATOM   591  O O   . LEU   A 1 76  ? 0.70269   -9.72755  5.73957   1.000 38.47904  ? 74  LEU   A O   1 
ATOM   592  C CB  . LEU   A 1 76  ? 2.97566   -9.51137  3.85994   1.000 38.98853  ? 74  LEU   A CB  1 
ATOM   593  C CG  . LEU   A 1 76  ? 4.32773   -9.37771  3.15632   1.000 41.94604  ? 74  LEU   A CG  1 
ATOM   594  C CD1 . LEU   A 1 76  ? 4.69704   -10.64540 2.44190   1.000 35.00509  ? 74  LEU   A CD1 1 
ATOM   595  C CD2 . LEU   A 1 76  ? 4.33845   -8.15713  2.20048   1.000 41.43788  ? 74  LEU   A CD2 1 
ATOM   596  N N   . THR   A 1 77  ? 2.29276   -10.26579 7.23402   1.000 37.74161  ? 75  THR   A N   1 
ATOM   597  C CA  . THR   A 1 77  ? 1.59334   -9.72107  8.39454   1.000 38.18639  ? 75  THR   A CA  1 
ATOM   598  C C   . THR   A 1 77  ? 2.32057   -8.45390  8.81712   1.000 37.62938  ? 75  THR   A C   1 
ATOM   599  O O   . THR   A 1 77  ? 3.46516   -8.50915  9.26846   1.000 38.16649  ? 75  THR   A O   1 
ATOM   600  C CB  . THR   A 1 77  ? 1.53818   -10.72571 9.54213   1.000 34.68258  ? 75  THR   A CB  1 
ATOM   601  O OG1 . THR   A 1 77  ? 0.89725   -11.91996 9.08103   1.000 51.28887  ? 75  THR   A OG1 1 
ATOM   602  C CG2 . THR   A 1 77  ? 0.74517   -10.15514 10.69970  1.000 26.15858  ? 75  THR   A CG2 1 
ATOM   603  N N   . ILE   A 1 78  ? 1.65679   -7.31862  8.65854   1.000 38.90965  ? 76  ILE   A N   1 
ATOM   604  C CA  . ILE   A 1 78  ? 2.24933   -6.00268  8.85859   1.000 43.62066  ? 76  ILE   A CA  1 
ATOM   605  C C   . ILE   A 1 78  ? 1.60316   -5.38130  10.08903  1.000 40.38662  ? 76  ILE   A C   1 
ATOM   606  O O   . ILE   A 1 78  ? 0.37264   -5.36584  10.20008  1.000 43.72992  ? 76  ILE   A O   1 
ATOM   607  C CB  . ILE   A 1 78  ? 2.04414   -5.12464  7.60876   1.000 42.81187  ? 76  ILE   A CB  1 
ATOM   608  C CG1 . ILE   A 1 78  ? 2.32968   -5.94276  6.34734   1.000 38.18395  ? 76  ILE   A CG1 1 
ATOM   609  C CG2 . ILE   A 1 78  ? 2.91997   -3.90563  7.66454   1.000 41.06873  ? 76  ILE   A CG2 1 
ATOM   610  C CD1 . ILE   A 1 78  ? 2.15702   -5.17701  5.08227   1.000 41.59997  ? 76  ILE   A CD1 1 
ATOM   611  N N   . SER   A 1 79  ? 2.41614   -4.88794  11.01576  1.000 40.09698  ? 77  SER   A N   1 
ATOM   612  C CA  . SER   A 1 79  ? 1.89489   -4.20387  12.19543  1.000 39.98062  ? 77  SER   A CA  1 
ATOM   613  C C   . SER   A 1 79  ? 1.69114   -2.73021  11.89799  1.000 46.66335  ? 77  SER   A C   1 
ATOM   614  O O   . SER   A 1 79  ? 2.16247   -2.20255  10.88318  1.000 46.23025  ? 77  SER   A O   1 
ATOM   615  C CB  . SER   A 1 79  ? 2.82656   -4.39629  13.38599  1.000 35.90421  ? 77  SER   A CB  1 
ATOM   616  O OG  . SER   A 1 79  ? 4.14543   -4.66289  12.99337  1.000 43.70032  ? 77  SER   A OG  1 
ATOM   617  N N   . PRO   A 1 80  ? 0.95330   -2.02897  12.75738  1.000 42.30385  ? 78  PRO   A N   1 
ATOM   618  C CA  . PRO   A 1 80  ? 0.51123   -0.68018  12.38321  1.000 37.96888  ? 78  PRO   A CA  1 
ATOM   619  C C   . PRO   A 1 80  ? 1.64275   0.28933   12.07348  1.000 42.53031  ? 78  PRO   A C   1 
ATOM   620  O O   . PRO   A 1 80  ? 1.50376   1.11617   11.16606  1.000 46.90910  ? 78  PRO   A O   1 
ATOM   621  C CB  . PRO   A 1 80  ? -0.31123  -0.24771  13.59533  1.000 38.54561  ? 78  PRO   A CB  1 
ATOM   622  C CG  . PRO   A 1 80  ? -0.75606  -1.50160  14.19513  1.000 42.19875  ? 78  PRO   A CG  1 
ATOM   623  C CD  . PRO   A 1 80  ? 0.34001   -2.47937  14.00943  1.000 35.11661  ? 78  PRO   A CD  1 
ATOM   624  N N   . ASP   A 1 81  ? 2.77229   0.22481   12.76848  1.000 42.35197  ? 79  ASP   A N   1 
ATOM   625  C CA  . ASP   A 1 81  ? 3.78330   1.22938   12.45490  1.000 48.59051  ? 79  ASP   A CA  1 
ATOM   626  C C   . ASP   A 1 81  ? 4.50789   0.96016   11.13908  1.000 48.77291  ? 79  ASP   A C   1 
ATOM   627  O O   . ASP   A 1 81  ? 5.32193   1.79375   10.72347  1.000 44.08123  ? 79  ASP   A O   1 
ATOM   628  C CB  . ASP   A 1 81  ? 4.79856   1.33313   13.58295  1.000 47.80584  ? 79  ASP   A CB  1 
ATOM   629  C CG  . ASP   A 1 81  ? 5.57098   0.08402   13.74472  1.000 56.88833  ? 79  ASP   A CG  1 
ATOM   630  O OD1 . ASP   A 1 81  ? 4.89995   -0.97841  13.79186  1.000 58.60373  ? 79  ASP   A OD1 1 
ATOM   631  O OD2 . ASP   A 1 81  ? 6.82734   0.16509   13.78684  1.000 57.13743  ? 79  ASP   A OD2 1 
ATOM   632  N N   . TYR   A 1 82  ? 4.26435   -0.18795  10.50616  1.000 45.62398  ? 80  TYR   A N   1 
ATOM   633  C CA  . TYR   A 1 82  ? 4.71016   -0.47368  9.15178   1.000 42.81079  ? 80  TYR   A CA  1 
ATOM   634  C C   . TYR   A 1 82  ? 3.58632   -0.34012  8.13837   1.000 48.09288  ? 80  TYR   A C   1 
ATOM   635  O O   . TYR   A 1 82  ? 3.79334   -0.62188  6.95262   1.000 47.54389  ? 80  TYR   A O   1 
ATOM   636  C CB  . TYR   A 1 82  ? 5.29588   -1.87681  9.06796   1.000 45.48048  ? 80  TYR   A CB  1 
ATOM   637  C CG  . TYR   A 1 82  ? 6.74744   -1.97547  9.45708   1.000 52.76354  ? 80  TYR   A CG  1 
ATOM   638  C CD1 . TYR   A 1 82  ? 7.17509   -1.63402  10.72896  1.000 52.20883  ? 80  TYR   A CD1 1 
ATOM   639  C CD2 . TYR   A 1 82  ? 7.68543   -2.44844  8.55804   1.000 54.62364  ? 80  TYR   A CD2 1 
ATOM   640  C CE1 . TYR   A 1 82  ? 8.50583   -1.73665  11.08304  1.000 51.17922  ? 80  TYR   A CE1 1 
ATOM   641  C CE2 . TYR   A 1 82  ? 9.00305   -2.55859  8.89750   1.000 54.37087  ? 80  TYR   A CE2 1 
ATOM   642  C CZ  . TYR   A 1 82  ? 9.41425   -2.20165  10.15717  1.000 54.65749  ? 80  TYR   A CZ  1 
ATOM   643  O OH  . TYR   A 1 82  ? 10.74873  -2.31197  10.47795  1.000 55.50296  ? 80  TYR   A OH  1 
ATOM   644  N N   . ALA   A 1 83  ? 2.39245   0.06493   8.58064   1.000 45.82548  ? 81  ALA   A N   1 
ATOM   645  C CA  . ALA   A 1 83  ? 1.26252   0.26480   7.68786   1.000 40.51911  ? 81  ALA   A CA  1 
ATOM   646  C C   . ALA   A 1 83  ? 0.80543   1.70813   7.86998   1.000 46.80297  ? 81  ALA   A C   1 
ATOM   647  O O   . ALA   A 1 83  ? 1.57492   2.62547   7.60878   1.000 45.47328  ? 81  ALA   A O   1 
ATOM   648  C CB  . ALA   A 1 83  ? 0.18532   -0.77453  7.93265   1.000 37.76467  ? 81  ALA   A CB  1 
ATOM   649  N N   . TYR   A 1 84  ? -0.42326  1.92103   8.32381   1.000 49.07324  ? 82  TYR   A N   1 
ATOM   650  C CA  . TYR   A 1 84  ? -1.00309  3.24780   8.42519   1.000 48.06739  ? 82  TYR   A CA  1 
ATOM   651  C C   . TYR   A 1 84  ? -1.03013  3.75228   9.85237   1.000 55.71845  ? 82  TYR   A C   1 
ATOM   652  O O   . TYR   A 1 84  ? -1.48495  4.87267   10.09564  1.000 52.88310  ? 82  TYR   A O   1 
ATOM   653  C CB  . TYR   A 1 84  ? -2.40435  3.23906   7.81756   1.000 48.88155  ? 82  TYR   A CB  1 
ATOM   654  C CG  . TYR   A 1 84  ? -2.35332  2.93116   6.33695   1.000 49.21419  ? 82  TYR   A CG  1 
ATOM   655  C CD1 . TYR   A 1 84  ? -2.37027  1.62048   5.88365   1.000 46.69538  ? 82  TYR   A CD1 1 
ATOM   656  C CD2 . TYR   A 1 84  ? -2.23832  3.95130   5.39628   1.000 49.90629  ? 82  TYR   A CD2 1 
ATOM   657  C CE1 . TYR   A 1 84  ? -2.29799  1.33306   4.54581   1.000 49.24668  ? 82  TYR   A CE1 1 
ATOM   658  C CE2 . TYR   A 1 84  ? -2.16933  3.67308   4.04739   1.000 52.07845  ? 82  TYR   A CE2 1 
ATOM   659  C CZ  . TYR   A 1 84  ? -2.20084  2.36444   3.62750   1.000 57.75930  ? 82  TYR   A CZ  1 
ATOM   660  O OH  . TYR   A 1 84  ? -2.12258  2.07759   2.28713   1.000 61.25371  ? 82  TYR   A OH  1 
ATOM   661  N N   . GLY   A 1 85  ? -0.54346  2.94587   10.78940  1.000 50.73317  ? 83  GLY   A N   1 
ATOM   662  C CA  . GLY   A 1 85  ? -0.24230  3.40596   12.12407  1.000 47.19047  ? 83  GLY   A CA  1 
ATOM   663  C C   . GLY   A 1 85  ? -1.44052  3.97659   12.84468  1.000 53.02421  ? 83  GLY   A C   1 
ATOM   664  O O   . GLY   A 1 85  ? -2.54252  3.41129   12.84472  1.000 52.57525  ? 83  GLY   A O   1 
ATOM   665  N N   . ALA   A 1 86  ? -1.20872  5.12305   13.48248  1.000 54.86181  ? 84  ALA   A N   1 
ATOM   666  C CA  . ALA   A 1 86  ? -2.24208  5.78262   14.26745  1.000 56.74695  ? 84  ALA   A CA  1 
ATOM   667  C C   . ALA   A 1 86  ? -3.37652  6.29956   13.38368  1.000 62.94802  ? 84  ALA   A C   1 
ATOM   668  O O   . ALA   A 1 86  ? -4.53467  5.89957   13.55220  1.000 62.45631  ? 84  ALA   A O   1 
ATOM   669  C CB  . ALA   A 1 86  ? -1.61020  6.91166   15.06603  1.000 53.73818  ? 84  ALA   A CB  1 
ATOM   670  N N   . THR   A 1 87  ? -3.06159  7.18699   12.42678  1.000 57.89779  ? 85  THR   A N   1 
ATOM   671  C CA  . THR   A 1 87  ? -4.09870  7.76844   11.57237  1.000 61.47115  ? 85  THR   A CA  1 
ATOM   672  C C   . THR   A 1 87  ? -4.98350  6.69805   10.94754  1.000 63.40284  ? 85  THR   A C   1 
ATOM   673  O O   . THR   A 1 87  ? -6.20620  6.85681   10.86346  1.000 68.29684  ? 85  THR   A O   1 
ATOM   674  C CB  . THR   A 1 87  ? -3.48055  8.63197   10.46106  1.000 65.04035  ? 85  THR   A CB  1 
ATOM   675  O OG1 . THR   A 1 87  ? -2.51494  7.87761   9.71623   1.000 64.60665  ? 85  THR   A OG1 1 
ATOM   676  C CG2 . THR   A 1 87  ? -2.80972  9.85568   11.03262  1.000 69.35525  ? 85  THR   A CG2 1 
ATOM   677  N N   . GLY   A 1 88  ? -4.39364  5.61059   10.49817  1.000 63.57373  ? 86  GLY   A N   1 
ATOM   678  C CA  . GLY   A 1 88  ? -5.16715  4.72560   9.65736   1.000 65.24354  ? 86  GLY   A CA  1 
ATOM   679  C C   . GLY   A 1 88  ? -5.41135  5.35000   8.29013   1.000 57.88141  ? 86  GLY   A C   1 
ATOM   680  O O   . GLY   A 1 88  ? -4.82664  6.36236   7.91204   1.000 60.74185  ? 86  GLY   A O   1 
ATOM   681  N N   . HIS   A 1 89  ? -6.31262  4.70918   7.54667   1.000 62.43488  ? 87  HIS   A N   1 
ATOM   682  C CA  . HIS   A 1 89  ? -6.62549  5.05555   6.15761   1.000 64.38363  ? 87  HIS   A CA  1 
ATOM   683  C C   . HIS   A 1 89  ? -8.10164  5.41298   6.10289   1.000 64.68031  ? 87  HIS   A C   1 
ATOM   684  O O   . HIS   A 1 89  ? -8.94862  4.52091   5.94270   1.000 65.03857  ? 87  HIS   A O   1 
ATOM   685  C CB  . HIS   A 1 89  ? -6.31815  3.88588   5.22498   1.000 61.56619  ? 87  HIS   A CB  1 
ATOM   686  C CG  . HIS   A 1 89  ? -5.99092  4.27600   3.81384   1.000 59.86145  ? 87  HIS   A CG  1 
ATOM   687  N ND1 . HIS   A 1 89  ? -5.15986  5.32953   3.49838   1.000 65.73322  ? 87  HIS   A ND1 1 
ATOM   688  C CD2 . HIS   A 1 89  ? -6.34327  3.71004   2.63435   1.000 62.27682  ? 87  HIS   A CD2 1 
ATOM   689  C CE1 . HIS   A 1 89  ? -5.03246  5.40903   2.18499   1.000 65.09852  ? 87  HIS   A CE1 1 
ATOM   690  N NE2 . HIS   A 1 89  ? -5.73806  4.43627   1.63759   1.000 63.52065  ? 87  HIS   A NE2 1 
ATOM   691  N N   . PRO   A 1 90  ? -8.45156  6.70551   6.21610   1.000 63.78343  ? 88  PRO   A N   1 
ATOM   692  C CA  . PRO   A 1 90  ? -9.85755  7.11829   6.39095   1.000 60.65290  ? 88  PRO   A CA  1 
ATOM   693  C C   . PRO   A 1 90  ? -10.94058 6.15725   5.89215   1.000 64.04650  ? 88  PRO   A C   1 
ATOM   694  O O   . PRO   A 1 90  ? -11.01384 5.83421   4.70134   1.000 59.65610  ? 88  PRO   A O   1 
ATOM   695  C CB  . PRO   A 1 90  ? -9.89501  8.44117   5.62241   1.000 59.84950  ? 88  PRO   A CB  1 
ATOM   696  C CG  . PRO   A 1 90  ? -8.51506  9.03617   5.90922   1.000 65.04274  ? 88  PRO   A CG  1 
ATOM   697  C CD  . PRO   A 1 90  ? -7.55257  7.86224   6.05401   1.000 61.27673  ? 88  PRO   A CD  1 
ATOM   698  N N   . GLY   A 1 91  ? -11.78508 5.68659   6.81803   1.000 64.28509  ? 89  GLY   A N   1 
ATOM   699  C CA  . GLY   A 1 91  ? -12.96257 4.89838   6.50459   1.000 55.85284  ? 89  GLY   A CA  1 
ATOM   700  C C   . GLY   A 1 91  ? -12.70817 3.50209   5.98530   1.000 65.29869  ? 89  GLY   A C   1 
ATOM   701  O O   . GLY   A 1 91  ? -13.65054 2.69724   5.92534   1.000 62.29989  ? 89  GLY   A O   1 
ATOM   702  N N   . ILE   A 1 92  ? -11.47843 3.17887   5.61443   1.000 65.65543  ? 90  ILE   A N   1 
ATOM   703  C CA  . ILE   A 1 92  ? -11.12577 1.87025   5.09238   1.000 63.61154  ? 90  ILE   A CA  1 
ATOM   704  C C   . ILE   A 1 92  ? -10.33731 1.06097   6.10989   1.000 57.61602  ? 90  ILE   A C   1 
ATOM   705  O O   . ILE   A 1 92  ? -10.66980 -0.09137  6.38709   1.000 52.79339  ? 90  ILE   A O   1 
ATOM   706  C CB  . ILE   A 1 92  ? -10.34664 2.00444   3.76898   1.000 58.93017  ? 90  ILE   A CB  1 
ATOM   707  C CG1 . ILE   A 1 92  ? -11.30283 2.51768   2.69591   1.000 60.37563  ? 90  ILE   A CG1 1 
ATOM   708  C CG2 . ILE   A 1 92  ? -9.69366  0.67160   3.39969   1.000 57.74292  ? 90  ILE   A CG2 1 
ATOM   709  C CD1 . ILE   A 1 92  ? -10.65210 2.77910   1.38970   1.000 65.62874  ? 90  ILE   A CD1 1 
ATOM   710  N N   . ILE   A 1 93  ? -9.29632  1.65734   6.68293   1.000 55.26981  ? 91  ILE   A N   1 
ATOM   711  C CA  . ILE   A 1 93  ? -8.38649  0.97978   7.60271   1.000 54.02984  ? 91  ILE   A CA  1 
ATOM   712  C C   . ILE   A 1 93  ? -8.37853  1.71923   8.93386   1.000 51.18171  ? 91  ILE   A C   1 
ATOM   713  O O   . ILE   A 1 93  ? -7.93549  2.87088   9.00539   1.000 56.08778  ? 91  ILE   A O   1 
ATOM   714  C CB  . ILE   A 1 93  ? -6.97546  0.88812   7.00571   1.000 52.58090  ? 91  ILE   A CB  1 
ATOM   715  C CG1 . ILE   A 1 93  ? -7.03691  0.11413   5.68820   1.000 47.33285  ? 91  ILE   A CG1 1 
ATOM   716  C CG2 . ILE   A 1 93  ? -6.00377  0.28091   8.01085   1.000 46.23993  ? 91  ILE   A CG2 1 
ATOM   717  C CD1 . ILE   A 1 93  ? -5.74675  0.03139   4.95483   1.000 47.71412  ? 91  ILE   A CD1 1 
ATOM   718  N N   . PRO   A 1 94  ? -8.85029  1.10681   10.00542  1.000 50.95162  ? 92  PRO   A N   1 
ATOM   719  C CA  . PRO   A 1 94  ? -8.94847  1.81490   11.27364  1.000 50.72896  ? 92  PRO   A CA  1 
ATOM   720  C C   . PRO   A 1 94  ? -7.57771  2.20698   11.78748  1.000 50.66647  ? 92  PRO   A C   1 
ATOM   721  O O   . PRO   A 1 94  ? -6.54656  1.82877   11.21420  1.000 56.08127  ? 92  PRO   A O   1 
ATOM   722  C CB  . PRO   A 1 94  ? -9.61555  0.78736   12.19886  1.000 54.64602  ? 92  PRO   A CB  1 
ATOM   723  C CG  . PRO   A 1 94  ? -9.32229  -0.52833  11.57186  1.000 46.13705  ? 92  PRO   A CG  1 
ATOM   724  C CD  . PRO   A 1 94  ? -9.29826  -0.29136  10.10784  1.000 46.71167  ? 92  PRO   A CD  1 
ATOM   725  N N   . PRO   A 1 95  ? -7.52922  2.97736   12.86170  1.000 56.03569  ? 93  PRO   A N   1 
ATOM   726  C CA  . PRO   A 1 95  ? -6.24747  3.25512   13.51426  1.000 56.50536  ? 93  PRO   A CA  1 
ATOM   727  C C   . PRO   A 1 95  ? -5.64302  1.99009   14.09859  1.000 53.48589  ? 93  PRO   A C   1 
ATOM   728  O O   . PRO   A 1 95  ? -6.35066  1.06345   14.50295  1.000 49.79755  ? 93  PRO   A O   1 
ATOM   729  C CB  . PRO   A 1 95  ? -6.61942  4.24216   14.62359  1.000 48.74172  ? 93  PRO   A CB  1 
ATOM   730  C CG  . PRO   A 1 95  ? -7.96824  4.72881   14.27209  1.000 51.91844  ? 93  PRO   A CG  1 
ATOM   731  C CD  . PRO   A 1 95  ? -8.64929  3.65389   13.51837  1.000 54.44084  ? 93  PRO   A CD  1 
ATOM   732  N N   . HIS   A 1 96  ? -4.30922  1.96538   14.13465  1.000 55.43791  ? 94  HIS   A N   1 
ATOM   733  C CA  . HIS   A 1 96  ? -3.54330  0.88660   14.76411  1.000 47.39270  ? 94  HIS   A CA  1 
ATOM   734  C C   . HIS   A 1 96  ? -3.90474  -0.47524  14.19420  1.000 43.04523  ? 94  HIS   A C   1 
ATOM   735  O O   . HIS   A 1 96  ? -3.86709  -1.48235  14.89318  1.000 49.68088  ? 94  HIS   A O   1 
ATOM   736  C CB  . HIS   A 1 96  ? -3.72182  0.91523   16.28125  1.000 48.95153  ? 94  HIS   A CB  1 
ATOM   737  C CG  . HIS   A 1 96  ? -3.19526  2.17120   16.90879  1.000 64.78035  ? 94  HIS   A CG  1 
ATOM   738  N ND1 . HIS   A 1 96  ? -4.01560  3.12507   17.47668  1.000 57.97868  ? 94  HIS   A ND1 1 
ATOM   739  C CD2 . HIS   A 1 96  ? -1.93110  2.65144   17.01011  1.000 61.31179  ? 94  HIS   A CD2 1 
ATOM   740  C CE1 . HIS   A 1 96  ? -3.27946  4.12921   17.91475  1.000 60.72545  ? 94  HIS   A CE1 1 
ATOM   741  N NE2 . HIS   A 1 96  ? -2.01137  3.86294   17.65075  1.000 70.50781  ? 94  HIS   A NE2 1 
ATOM   742  N N   . ALA   A 1 97  ? -4.25307  -0.49967  12.91667  1.000 43.14577  ? 95  ALA   A N   1 
ATOM   743  C CA  . ALA   A 1 97  ? -4.69104  -1.70649  12.24770  1.000 37.88712  ? 95  ALA   A CA  1 
ATOM   744  C C   . ALA   A 1 97  ? -3.49900  -2.57079  11.87084  1.000 41.70357  ? 95  ALA   A C   1 
ATOM   745  O O   . ALA   A 1 97  ? -2.55240  -2.09666  11.23807  1.000 44.21633  ? 95  ALA   A O   1 
ATOM   746  C CB  . ALA   A 1 97  ? -5.48918  -1.34403  10.99861  1.000 39.97469  ? 95  ALA   A CB  1 
ATOM   747  N N   . THR   A 1 98  ? -3.54019  -3.83847  12.26618  1.000 45.85410  ? 96  THR   A N   1 
ATOM   748  C CA  . THR   A 1 98  ? -2.67427  -4.82552  11.64561  1.000 46.14976  ? 96  THR   A CA  1 
ATOM   749  C C   . THR   A 1 98  ? -3.27007  -5.23293  10.30254  1.000 45.01265  ? 96  THR   A C   1 
ATOM   750  O O   . THR   A 1 98  ? -4.48756  -5.38444  10.16004  1.000 48.34252  ? 96  THR   A O   1 
ATOM   751  C CB  . THR   A 1 98  ? -2.49230  -6.05766  12.53199  1.000 43.10318  ? 96  THR   A CB  1 
ATOM   752  O OG1 . THR   A 1 98  ? -1.71862  -5.71885  13.69629  1.000 46.48144  ? 96  THR   A OG1 1 
ATOM   753  C CG2 . THR   A 1 98  ? -1.77931  -7.14165  11.74003  1.000 34.65195  ? 96  THR   A CG2 1 
ATOM   754  N N   . LEU   A 1 99  ? -2.41045  -5.38514  9.31124   1.000 41.84581  ? 97  LEU   A N   1 
ATOM   755  C CA  . LEU   A 1 99  ? -2.83278  -5.75972  7.97133   1.000 44.12178  ? 97  LEU   A CA  1 
ATOM   756  C C   . LEU   A 1 99  ? -2.16006  -7.05885  7.55404   1.000 42.87882  ? 97  LEU   A C   1 
ATOM   757  O O   . LEU   A 1 99  ? -0.97727  -7.27537  7.83341   1.000 42.50244  ? 97  LEU   A O   1 
ATOM   758  C CB  . LEU   A 1 99  ? -2.49684  -4.66689  6.95878   1.000 37.94267  ? 97  LEU   A CB  1 
ATOM   759  C CG  . LEU   A 1 99  ? -3.08346  -3.28698  7.21079   1.000 34.59845  ? 97  LEU   A CG  1 
ATOM   760  C CD1 . LEU   A 1 99  ? -2.69922  -2.43304  6.04349   1.000 34.93590  ? 97  LEU   A CD1 1 
ATOM   761  C CD2 . LEU   A 1 99  ? -4.58155  -3.35474  7.38067   1.000 34.96600  ? 97  LEU   A CD2 1 
ATOM   762  N N   . VAL   A 1 100 ? -2.91677  -7.91399  6.87993   1.000 38.04077  ? 98  VAL   A N   1 
ATOM   763  C CA  . VAL   A 1 100 ? -2.38691  -9.12159  6.27415   1.000 40.53317  ? 98  VAL   A CA  1 
ATOM   764  C C   . VAL   A 1 100 ? -2.56463  -9.02312  4.76868   1.000 42.39040  ? 98  VAL   A C   1 
ATOM   765  O O   . VAL   A 1 100 ? -3.64954  -8.67520  4.29045   1.000 45.99472  ? 98  VAL   A O   1 
ATOM   766  C CB  . VAL   A 1 100 ? -3.06731  -10.37973 6.83770   1.000 43.78040  ? 98  VAL   A CB  1 
ATOM   767  C CG1 . VAL   A 1 100 ? -2.85091  -11.58496 5.90757   1.000 34.01535  ? 98  VAL   A CG1 1 
ATOM   768  C CG2 . VAL   A 1 100 ? -2.51353  -10.64659 8.21851   1.000 43.51140  ? 98  VAL   A CG2 1 
ATOM   769  N N   . PHE   A 1 101 ? -1.49365  -9.31651  4.03132   1.000 41.51054  ? 99  PHE   A N   1 
ATOM   770  C CA  . PHE   A 1 101 ? -1.50840  -9.40627  2.57841   1.000 42.43736  ? 99  PHE   A CA  1 
ATOM   771  C C   . PHE   A 1 101 ? -1.18948  -10.82162 2.10537   1.000 40.59511  ? 99  PHE   A C   1 
ATOM   772  O O   . PHE   A 1 101 ? -0.35655  -11.52410 2.68123   1.000 39.51364  ? 99  PHE   A O   1 
ATOM   773  C CB  . PHE   A 1 101 ? -0.49980  -8.43245  1.94709   1.000 37.56605  ? 99  PHE   A CB  1 
ATOM   774  C CG  . PHE   A 1 101 ? -0.95619  -7.01833  1.94011   1.000 41.81530  ? 99  PHE   A CG  1 
ATOM   775  C CD1 . PHE   A 1 101 ? -0.66161  -6.17922  2.99199   1.000 40.13201  ? 99  PHE   A CD1 1 
ATOM   776  C CD2 . PHE   A 1 101 ? -1.67752  -6.51121  0.86856   1.000 45.95699  ? 99  PHE   A CD2 1 
ATOM   777  C CE1 . PHE   A 1 101 ? -1.07050  -4.87758  2.98461   1.000 36.84406  ? 99  PHE   A CE1 1 
ATOM   778  C CE2 . PHE   A 1 101 ? -2.08272  -5.19892  0.86054   1.000 42.88692  ? 99  PHE   A CE2 1 
ATOM   779  C CZ  . PHE   A 1 101 ? -1.77778  -4.39234  1.92832   1.000 46.38244  ? 99  PHE   A CZ  1 
ATOM   780  N N   . ASP   A 1 102 ? -1.84676  -11.21732 1.03599   1.000 45.48810  ? 100 ASP   A N   1 
ATOM   781  C CA  . ASP   A 1 102 ? -1.45736  -12.36555 0.23101   1.000 39.32971  ? 100 ASP   A CA  1 
ATOM   782  C C   . ASP   A 1 102 ? -0.80280  -11.80714 -1.03453  1.000 40.77094  ? 100 ASP   A C   1 
ATOM   783  O O   . ASP   A 1 102 ? -1.46860  -11.15206 -1.84240  1.000 41.61298  ? 100 ASP   A O   1 
ATOM   784  C CB  . ASP   A 1 102 ? -2.69708  -13.21045 -0.05795  1.000 44.23080  ? 100 ASP   A CB  1 
ATOM   785  C CG  . ASP   A 1 102 ? -2.38108  -14.57395 -0.65717  1.000 51.97907  ? 100 ASP   A CG  1 
ATOM   786  O OD1 . ASP   A 1 102 ? -1.25194  -14.79247 -1.14634  1.000 51.21539  ? 100 ASP   A OD1 1 
ATOM   787  O OD2 . ASP   A 1 102 ? -3.29795  -15.42668 -0.66527  1.000 54.78783  ? 100 ASP   A OD2 1 
ATOM   788  N N   . VAL   A 1 103 ? 0.51037   -12.01751 -1.18621  1.000 40.76115  ? 101 VAL   A N   1 
ATOM   789  C CA  . VAL   A 1 103 ? 1.31125   -11.34507 -2.21171  1.000 44.64243  ? 101 VAL   A CA  1 
ATOM   790  C C   . VAL   A 1 103 ? 2.01680   -12.38464 -3.08070  1.000 41.35595  ? 101 VAL   A C   1 
ATOM   791  O O   . VAL   A 1 103 ? 2.57075   -13.35781 -2.56428  1.000 41.79369  ? 101 VAL   A O   1 
ATOM   792  C CB  . VAL   A 1 103 ? 2.34442   -10.37044 -1.58070  1.000 44.22622  ? 101 VAL   A CB  1 
ATOM   793  C CG1 . VAL   A 1 103 ? 3.11349   -9.60915  -2.66465  1.000 40.68354  ? 101 VAL   A CG1 1 
ATOM   794  C CG2 . VAL   A 1 103 ? 1.66490   -9.37550  -0.63849  1.000 43.91013  ? 101 VAL   A CG2 1 
ATOM   795  N N   . GLU   A 1 104 ? 2.01983   -12.16601 -4.40010  1.000 40.56187  ? 102 GLU   A N   1 
ATOM   796  C CA  . GLU   A 1 104 ? 2.77450   -12.99657 -5.33835  1.000 39.83054  ? 102 GLU   A CA  1 
ATOM   797  C C   . GLU   A 1 104 ? 3.72393   -12.12374 -6.15738  1.000 42.36412  ? 102 GLU   A C   1 
ATOM   798  O O   . GLU   A 1 104 ? 3.28694   -11.18312 -6.83023  1.000 42.31339  ? 102 GLU   A O   1 
ATOM   799  C CB  . GLU   A 1 104 ? 1.83930   -13.78709 -6.26052  1.000 40.93784  ? 102 GLU   A CB  1 
ATOM   800  C CG  . GLU   A 1 104 ? 2.55995   -14.87554 -7.02116  1.000 45.87915  ? 102 GLU   A CG  1 
ATOM   801  C CD  . GLU   A 1 104 ? 1.70303   -15.56293 -8.06738  1.000 59.01061  ? 102 GLU   A CD  1 
ATOM   802  O OE1 . GLU   A 1 104 ? 0.49217   -15.26170 -8.14852  1.000 63.70417  ? 102 GLU   A OE1 1 
ATOM   803  O OE2 . GLU   A 1 104 ? 2.24745   -16.41773 -8.80935  1.000 63.01481  ? 102 GLU   A OE2 1 
ATOM   804  N N   . LEU   A 1 105 ? 5.01866   -12.44401 -6.10597  1.000 39.59311  ? 103 LEU   A N   1 
ATOM   805  C CA  . LEU   A 1 105 ? 6.04736   -11.72600 -6.85687  1.000 37.61695  ? 103 LEU   A CA  1 
ATOM   806  C C   . LEU   A 1 105 ? 6.12568   -12.35560 -8.23857  1.000 42.13045  ? 103 LEU   A C   1 
ATOM   807  O O   . LEU   A 1 105 ? 6.68815   -13.43899 -8.40007  1.000 40.06005  ? 103 LEU   A O   1 
ATOM   808  C CB  . LEU   A 1 105 ? 7.39393   -11.79655 -6.13920  1.000 41.40266  ? 103 LEU   A CB  1 
ATOM   809  C CG  . LEU   A 1 105 ? 8.59030   -11.06462 -6.77726  1.000 38.24476  ? 103 LEU   A CG  1 
ATOM   810  C CD1 . LEU   A 1 105 ? 8.26114   -9.60876  -6.99348  1.000 37.97071  ? 103 LEU   A CD1 1 
ATOM   811  C CD2 . LEU   A 1 105 ? 9.82436   -11.18513 -5.92197  1.000 37.17310  ? 103 LEU   A CD2 1 
ATOM   812  N N   . LEU   A 1 106 ? 5.56233   -11.67508 -9.24487  1.000 46.12121  ? 104 LEU   A N   1 
ATOM   813  C CA  . LEU   A 1 106 ? 5.43243   -12.27320 -10.57459 1.000 40.66189  ? 104 LEU   A CA  1 
ATOM   814  C C   . LEU   A 1 106 ? 6.71271   -12.13783 -11.37625 1.000 39.92055  ? 104 LEU   A C   1 
ATOM   815  O O   . LEU   A 1 106 ? 7.17645   -13.10533 -11.98165 1.000 46.52119  ? 104 LEU   A O   1 
ATOM   816  C CB  . LEU   A 1 106 ? 4.27592   -11.63919 -11.33337 1.000 36.48252  ? 104 LEU   A CB  1 
ATOM   817  C CG  . LEU   A 1 106 ? 2.96626   -11.73019 -10.56015 1.000 41.21014  ? 104 LEU   A CG  1 
ATOM   818  C CD1 . LEU   A 1 106 ? 1.91776   -10.80232 -11.15480 1.000 43.08885  ? 104 LEU   A CD1 1 
ATOM   819  C CD2 . LEU   A 1 106 ? 2.49512   -13.16060 -10.48663 1.000 29.90682  ? 104 LEU   A CD2 1 
ATOM   820  N N   . LYS   A 1 107 ? 7.29321   -10.94738 -11.40074 1.000 43.80483  ? 105 LYS   A N   1 
ATOM   821  C CA  . LYS   A 1 107 ? 8.54165   -10.74266 -12.11620 1.000 44.65755  ? 105 LYS   A CA  1 
ATOM   822  C C   . LYS   A 1 107 ? 9.16018   -9.44920  -11.63261 1.000 43.78193  ? 105 LYS   A C   1 
ATOM   823  O O   . LYS   A 1 107 ? 8.54648   -8.68399  -10.89027 1.000 40.38187  ? 105 LYS   A O   1 
ATOM   824  C CB  . LYS   A 1 107 ? 8.33897   -10.71384 -13.63631 1.000 51.71453  ? 105 LYS   A CB  1 
ATOM   825  C CG  . LYS   A 1 107 ? 7.55674   -9.52051  -14.18759 1.000 52.87865  ? 105 LYS   A CG  1 
ATOM   826  C CD  . LYS   A 1 107 ? 7.75791   -9.38248  -15.71174 1.000 57.71213  ? 105 LYS   A CD  1 
ATOM   827  C CE  . LYS   A 1 107 ? 6.87346   -8.27692  -16.31924 1.000 72.95395  ? 105 LYS   A CE  1 
ATOM   828  N NZ  . LYS   A 1 107 ? 6.80275   -8.27433  -17.82024 1.000 78.23363  ? 105 LYS   A NZ  1 
ATOM   829  N N   . LEU   A 1 108 ? 10.39666  -9.22697  -12.06492 1.000 49.67818  ? 106 LEU   A N   1 
ATOM   830  C CA  . LEU   A 1 108 ? 11.15624  -8.02224  -11.75877 1.000 48.92525  ? 106 LEU   A CA  1 
ATOM   831  C C   . LEU   A 1 108 ? 11.42742  -7.29563  -13.06635 1.000 50.67818  ? 106 LEU   A C   1 
ATOM   832  O O   . LEU   A 1 108 ? 12.06406  -7.84759  -13.96733 1.000 55.56827  ? 106 LEU   A O   1 
ATOM   833  C CB  . LEU   A 1 108 ? 12.46262  -8.35671  -11.03032 1.000 42.73333  ? 106 LEU   A CB  1 
ATOM   834  C CG  . LEU   A 1 108 ? 12.24667  -9.02741  -9.67529  1.000 41.90552  ? 106 LEU   A CG  1 
ATOM   835  C CD1 . LEU   A 1 108 ? 13.52738  -9.53332  -9.11631  1.000 44.97725  ? 106 LEU   A CD1 1 
ATOM   836  C CD2 . LEU   A 1 108 ? 11.59487  -8.06914  -8.71064  1.000 44.85565  ? 106 LEU   A CD2 1 
ATOM   837  N N   . GLU   A 1 109 ? 10.90776  -6.08138  -13.18112 1.000 57.02427  ? 107 GLU   A N   1 
ATOM   838  C CA  . GLU   A 1 109 ? 11.18977  -5.20933  -14.31352 1.000 57.70698  ? 107 GLU   A CA  1 
ATOM   839  C C   . GLU   A 1 109 ? 12.22878  -4.17174  -13.87997 1.000 66.59634  ? 107 GLU   A C   1 
ATOM   840  O O   . GLU   A 1 109 ? 13.32610  -4.52271  -13.44123 1.000 67.18857  ? 107 GLU   A O   1 
ATOM   841  C CB  . GLU   A 1 109 ? 9.90731   -4.52939  -14.81333 1.000 55.77990  ? 107 GLU   A CB  1 
ATOM   842  C CG  . GLU   A 1 109 ? 8.82211   -5.48777  -15.29547 1.000 59.39242  ? 107 GLU   A CG  1 
ATOM   843  C CD  . GLU   A 1 109 ? 7.58588   -4.76708  -15.81224 1.000 67.40156  ? 107 GLU   A CD  1 
ATOM   844  O OE1 . GLU   A 1 109 ? 7.46659   -3.54598  -15.57438 1.000 68.82509  ? 107 GLU   A OE1 1 
ATOM   845  O OE2 . GLU   A 1 109 ? 6.72910   -5.41893  -16.45574 1.000 73.21401  ? 107 GLU   A OE2 1 
ATOM   846  O OXT . GLU   A 1 109 ? 12.01041  -2.95921  -13.92434 1.000 76.02016  ? 107 GLU   A OXT 1 
ATOM   847  N N   . ALA   B 2 1   ? 15.79134  27.09606  28.62362  1.000 93.74055  ? 193 ALA   B N   1 
ATOM   848  C CA  . ALA   B 2 1   ? 16.44369  25.81212  28.83880  1.000 98.67743  ? 193 ALA   B CA  1 
ATOM   849  C C   . ALA   B 2 1   ? 15.80613  24.73284  27.96210  1.000 106.00094 ? 193 ALA   B C   1 
ATOM   850  O O   . ALA   B 2 1   ? 16.34694  24.36782  26.91573  1.000 97.27659  ? 193 ALA   B O   1 
ATOM   851  C CB  . ALA   B 2 1   ? 16.37836  25.42058  30.31051  1.000 91.94121  ? 193 ALA   B CB  1 
ATOM   852  N N   . ALA   B 2 2   ? 14.64847  24.23038  28.38949  1.000 108.54303 ? 194 ALA   B N   1 
ATOM   853  C CA  . ALA   B 2 2   ? 13.92612  23.20004  27.64052  1.000 105.05767 ? 194 ALA   B CA  1 
ATOM   854  C C   . ALA   B 2 2   ? 12.92078  23.83073  26.67077  1.000 107.54072 ? 194 ALA   B C   1 
ATOM   855  O O   . ALA   B 2 2   ? 11.71960  23.54754  26.69665  1.000 105.19271 ? 194 ALA   B O   1 
ATOM   856  C CB  . ALA   B 2 2   ? 13.24092  22.23181  28.59880  1.000 99.75096  ? 194 ALA   B CB  1 
ATOM   857  N N   . GLU   B 2 3   ? 13.44505  24.70601  25.80005  1.000 107.17331 ? 195 GLU   B N   1 
ATOM   858  C CA  . GLU   B 2 3   ? 12.66756  25.26712  24.69585  1.000 100.69705 ? 195 GLU   B CA  1 
ATOM   859  C C   . GLU   B 2 3   ? 12.18431  24.20402  23.72151  1.000 108.78144 ? 195 GLU   B C   1 
ATOM   860  O O   . GLU   B 2 3   ? 11.34731  24.51103  22.86248  1.000 106.44210 ? 195 GLU   B O   1 
ATOM   861  C CB  . GLU   B 2 3   ? 13.49004  26.27804  23.89867  1.000 99.65171  ? 195 GLU   B CB  1 
ATOM   862  C CG  . GLU   B 2 3   ? 14.35695  27.20030  24.70920  1.000 114.19134 ? 195 GLU   B CG  1 
ATOM   863  C CD  . GLU   B 2 3   ? 15.32184  27.96835  23.82972  1.000 123.51504 ? 195 GLU   B CD  1 
ATOM   864  O OE1 . GLU   B 2 3   ? 16.13595  27.31826  23.13970  1.000 119.92334 ? 195 GLU   B OE1 1 
ATOM   865  O OE2 . GLU   B 2 3   ? 15.25255  29.21732  23.80718  1.000 128.99278 ? 195 GLU   B OE2 1 
ATOM   866  N N   . LEU   B 2 4   ? 12.72407  22.98157  23.80244  1.000 106.17150 ? 196 LEU   B N   1 
ATOM   867  C CA  . LEU   B 2 4   ? 12.26836  21.90386  22.93536  1.000 94.52381  ? 196 LEU   B CA  1 
ATOM   868  C C   . LEU   B 2 4   ? 10.75464  21.75682  22.97819  1.000 96.69966  ? 196 LEU   B C   1 
ATOM   869  O O   . LEU   B 2 4   ? 10.13953  21.40977  21.96351  1.000 93.68015  ? 196 LEU   B O   1 
ATOM   870  C CB  . LEU   B 2 4   ? 12.93807  20.58841  23.33474  1.000 98.58755  ? 196 LEU   B CB  1 
ATOM   871  C CG  . LEU   B 2 4   ? 14.44459  20.47721  23.10566  1.000 97.32727  ? 196 LEU   B CG  1 
ATOM   872  C CD1 . LEU   B 2 4   ? 14.95680  19.12959  23.61126  1.000 98.59442  ? 196 LEU   B CD1 1 
ATOM   873  C CD2 . LEU   B 2 4   ? 14.78654  20.68098  21.63529  1.000 89.95812  ? 196 LEU   B CD2 1 
ATOM   874  N N   . MET   B 2 5   ? 10.13309  22.01945  24.13667  1.000 95.51150  ? 197 MET   B N   1 
ATOM   875  C CA  . MET   B 2 5   ? 8.67740   21.93236  24.22277  1.000 91.92062  ? 197 MET   B CA  1 
ATOM   876  C C   . MET   B 2 5   ? 7.99615   22.90402  23.26220  1.000 91.72580  ? 197 MET   B C   1 
ATOM   877  O O   . MET   B 2 5   ? 6.85523   22.66688  22.84637  1.000 88.91940  ? 197 MET   B O   1 
ATOM   878  C CB  . MET   B 2 5   ? 8.20950   22.17979  25.65674  1.000 86.17043  ? 197 MET   B CB  1 
ATOM   879  C CG  . MET   B 2 5   ? 6.69153   22.04169  25.84677  1.000 91.95258  ? 197 MET   B CG  1 
ATOM   880  S SD  . MET   B 2 5   ? 6.00045   20.39528  25.52575  1.000 99.99030  ? 197 MET   B SD  1 
ATOM   881  C CE  . MET   B 2 5   ? 4.24305   20.68821  25.73626  1.000 85.20440  ? 197 MET   B CE  1 
ATOM   882  N N   . GLN   B 2 6   ? 8.67028   23.99867  22.89725  1.000 94.08921  ? 198 GLN   B N   1 
ATOM   883  C CA  . GLN   B 2 6   ? 8.13136   24.89036  21.87431  1.000 89.84369  ? 198 GLN   B CA  1 
ATOM   884  C C   . GLN   B 2 6   ? 8.30319   24.30160  20.47951  1.000 88.89579  ? 198 GLN   B C   1 
ATOM   885  O O   . GLN   B 2 6   ? 7.37400   24.35314  19.66103  1.000 85.24430  ? 198 GLN   B O   1 
ATOM   886  C CB  . GLN   B 2 6   ? 8.79416   26.26440  21.96127  1.000 88.15917  ? 198 GLN   B CB  1 
ATOM   887  C CG  . GLN   B 2 6   ? 8.10203   27.21423  22.93570  1.000 99.57616  ? 198 GLN   B CG  1 
ATOM   888  C CD  . GLN   B 2 6   ? 6.60209   27.35291  22.66971  1.000 97.51039  ? 198 GLN   B CD  1 
ATOM   889  O OE1 . GLN   B 2 6   ? 5.80395   26.49379  23.06239  1.000 90.82528  ? 198 GLN   B OE1 1 
ATOM   890  N NE2 . GLN   B 2 6   ? 6.21539   28.44069  22.00110  1.000 93.09975  ? 198 GLN   B NE2 1 
ATOM   891  N N   . GLN   B 2 7   ? 9.48488   23.74458  20.19645  1.000 86.35740  ? 199 GLN   B N   1 
ATOM   892  C CA  . GLN   B 2 7   ? 9.67584   22.94585  18.98845  1.000 83.69694  ? 199 GLN   B CA  1 
ATOM   893  C C   . GLN   B 2 7   ? 8.65224   21.80900  18.90213  1.000 82.18391  ? 199 GLN   B C   1 
ATOM   894  O O   . GLN   B 2 7   ? 8.05470   21.58224  17.84320  1.000 73.29765  ? 199 GLN   B O   1 
ATOM   895  C CB  . GLN   B 2 7   ? 11.11213  22.40988  18.96526  1.000 85.77218  ? 199 GLN   B CB  1 
ATOM   896  C CG  . GLN   B 2 7   ? 11.38795  21.29745  17.96676  1.000 85.46176  ? 199 GLN   B CG  1 
ATOM   897  C CD  . GLN   B 2 7   ? 11.51265  21.79176  16.53302  1.000 94.16217  ? 199 GLN   B CD  1 
ATOM   898  O OE1 . GLN   B 2 7   ? 10.61750  22.46781  16.00883  1.000 95.41513  ? 199 GLN   B OE1 1 
ATOM   899  N NE2 . GLN   B 2 7   ? 12.63094  21.45210  15.88757  1.000 90.29183  ? 199 GLN   B NE2 1 
ATOM   900  N N   . VAL   B 2 8   ? 8.41758   21.10358  20.01863  1.000 82.36952  ? 200 VAL   B N   1 
ATOM   901  C CA  . VAL   B 2 8   ? 7.45970   19.99542  20.03922  1.000 76.28177  ? 200 VAL   B CA  1 
ATOM   902  C C   . VAL   B 2 8   ? 6.05339   20.48647  19.71498  1.000 77.81182  ? 200 VAL   B C   1 
ATOM   903  O O   . VAL   B 2 8   ? 5.35483   19.91702  18.86576  1.000 71.45238  ? 200 VAL   B O   1 
ATOM   904  C CB  . VAL   B 2 8   ? 7.49362   19.27735  21.40042  1.000 79.87446  ? 200 VAL   B CB  1 
ATOM   905  C CG1 . VAL   B 2 8   ? 6.10177   18.75721  21.76433  1.000 77.99129  ? 200 VAL   B CG1 1 
ATOM   906  C CG2 . VAL   B 2 8   ? 8.49707   18.14399  21.37426  1.000 81.45693  ? 200 VAL   B CG2 1 
ATOM   907  N N   . ASN   B 2 9   ? 5.60453   21.53544  20.40644  1.000 84.19250  ? 201 ASN   B N   1 
ATOM   908  C CA  . ASN   B 2 9   ? 4.24928   22.02338  20.18448  1.000 81.83342  ? 201 ASN   B CA  1 
ATOM   909  C C   . ASN   B 2 9   ? 4.07710   22.61786  18.79445  1.000 72.38727  ? 201 ASN   B C   1 
ATOM   910  O O   . ASN   B 2 9   ? 2.96755   22.58769  18.24849  1.000 61.53370  ? 201 ASN   B O   1 
ATOM   911  C CB  . ASN   B 2 9   ? 3.87106   23.03458  21.25980  1.000 84.01947  ? 201 ASN   B CB  1 
ATOM   912  C CG  . ASN   B 2 9   ? 3.05549   22.40539  22.36768  1.000 86.48320  ? 201 ASN   B CG  1 
ATOM   913  O OD1 . ASN   B 2 9   ? 3.40617   22.50327  23.54007  1.000 93.45247  ? 201 ASN   B OD1 1 
ATOM   914  N ND2 . ASN   B 2 9   ? 1.96553   21.73394  21.99560  1.000 79.87366  ? 201 ASN   B ND2 1 
ATOM   915  N N   . VAL   B 2 10  ? 5.14924   23.14320  18.19823  1.000 68.97728  ? 202 VAL   B N   1 
ATOM   916  C CA  . VAL   B 2 10  ? 5.06403   23.57907  16.80533  1.000 72.19628  ? 202 VAL   B CA  1 
ATOM   917  C C   . VAL   B 2 10  ? 4.81633   22.38573  15.89117  1.000 69.61794  ? 202 VAL   B C   1 
ATOM   918  O O   . VAL   B 2 10  ? 3.88851   22.38983  15.07064  1.000 59.25742  ? 202 VAL   B O   1 
ATOM   919  C CB  . VAL   B 2 10  ? 6.33263   24.34416  16.39321  1.000 68.31347  ? 202 VAL   B CB  1 
ATOM   920  C CG1 . VAL   B 2 10  ? 6.37343   24.48533  14.88654  1.000 56.40854  ? 202 VAL   B CG1 1 
ATOM   921  C CG2 . VAL   B 2 10  ? 6.35741   25.69886  17.05755  1.000 60.53079  ? 202 VAL   B CG2 1 
ATOM   922  N N   . LEU   B 2 11  ? 5.64703   21.34184  16.02854  1.000 74.97180  ? 203 LEU   B N   1 
ATOM   923  C CA  . LEU   B 2 11  ? 5.55725   20.17465  15.15317  1.000 60.46488  ? 203 LEU   B CA  1 
ATOM   924  C C   . LEU   B 2 11  ? 4.17867   19.54530  15.20536  1.000 59.04488  ? 203 LEU   B C   1 
ATOM   925  O O   . LEU   B 2 11  ? 3.63978   19.14831  14.16942  1.000 59.02535  ? 203 LEU   B O   1 
ATOM   926  C CB  . LEU   B 2 11  ? 6.61656   19.14411  15.52823  1.000 54.30356  ? 203 LEU   B CB  1 
ATOM   927  C CG  . LEU   B 2 11  ? 8.03011   19.49825  15.08535  1.000 58.56766  ? 203 LEU   B CG  1 
ATOM   928  C CD1 . LEU   B 2 11  ? 9.02264   18.45026  15.54066  1.000 60.49038  ? 203 LEU   B CD1 1 
ATOM   929  C CD2 . LEU   B 2 11  ? 8.07743   19.66357  13.58915  1.000 53.34602  ? 203 LEU   B CD2 1 
ATOM   930  N N   . LYS   B 2 12  ? 3.59204   19.43850  16.40025  1.000 58.78441  ? 204 LYS   B N   1 
ATOM   931  C CA  . LYS   B 2 12  ? 2.26341   18.84858  16.50953  1.000 56.06422  ? 204 LYS   B CA  1 
ATOM   932  C C   . LYS   B 2 12  ? 1.25734   19.60043  15.64372  1.000 62.28387  ? 204 LYS   B C   1 
ATOM   933  O O   . LYS   B 2 12  ? 0.38068   18.98625  15.02508  1.000 62.47817  ? 204 LYS   B O   1 
ATOM   934  C CB  . LYS   B 2 12  ? 1.82721   18.81540  17.97282  1.000 55.72707  ? 204 LYS   B CB  1 
ATOM   935  C CG  . LYS   B 2 12  ? 2.94663   18.41849  18.90595  1.000 64.14098  ? 204 LYS   B CG  1 
ATOM   936  C CD  . LYS   B 2 12  ? 2.48324   18.25695  20.34039  1.000 74.00764  ? 204 LYS   B CD  1 
ATOM   937  C CE  . LYS   B 2 12  ? 1.70115   16.97357  20.53532  1.000 68.65112  ? 204 LYS   B CE  1 
ATOM   938  N NZ  . LYS   B 2 12  ? 1.54307   16.67514  21.98840  1.000 70.27420  ? 204 LYS   B NZ  1 
ATOM   939  N N   . LEU   B 2 13  ? 1.38210   20.92987  15.56502  1.000 66.68071  ? 205 LEU   B N   1 
ATOM   940  C CA  . LEU   B 2 13  ? 0.52969   21.70898  14.66751  1.000 64.49336  ? 205 LEU   B CA  1 
ATOM   941  C C   . LEU   B 2 13  ? 0.72425   21.27631  13.21672  1.000 61.46129  ? 205 LEU   B C   1 
ATOM   942  O O   . LEU   B 2 13  ? -0.24546  21.05327  12.48282  1.000 60.83508  ? 205 LEU   B O   1 
ATOM   943  C CB  . LEU   B 2 13  ? 0.83177   23.19900  14.82634  1.000 62.67380  ? 205 LEU   B CB  1 
ATOM   944  C CG  . LEU   B 2 13  ? -0.32407  24.18943  14.65661  1.000 61.88135  ? 205 LEU   B CG  1 
ATOM   945  C CD1 . LEU   B 2 13  ? 0.19065   25.63175  14.59481  1.000 54.05067  ? 205 LEU   B CD1 1 
ATOM   946  C CD2 . LEU   B 2 13  ? -1.17482  23.86287  13.43918  1.000 60.14287  ? 205 LEU   B CD2 1 
ATOM   947  N N   . THR   B 2 14  ? 1.98106   21.14160  12.79121  1.000 56.67814  ? 206 THR   B N   1 
ATOM   948  C CA  . THR   B 2 14  ? 2.27261   20.69769  11.43382  1.000 49.72638  ? 206 THR   B CA  1 
ATOM   949  C C   . THR   B 2 14  ? 1.62357   19.34839  11.11291  1.000 56.71291  ? 206 THR   B C   1 
ATOM   950  O O   . THR   B 2 14  ? 1.16006   19.13415  9.98696   1.000 55.70516  ? 206 THR   B O   1 
ATOM   951  C CB  . THR   B 2 14  ? 3.78249   20.62668  11.24020  1.000 51.30517  ? 206 THR   B CB  1 
ATOM   952  O OG1 . THR   B 2 14  ? 4.40356   21.61539  12.06407  1.000 60.24127  ? 206 THR   B OG1 1 
ATOM   953  C CG2 . THR   B 2 14  ? 4.14209   20.90584  9.80277   1.000 50.76947  ? 206 THR   B CG2 1 
ATOM   954  N N   . VAL   B 2 15  ? 1.59541   18.41118  12.06593  1.000 54.68634  ? 207 VAL   B N   1 
ATOM   955  C CA  . VAL   B 2 15  ? 1.03152   17.11483  11.71105  1.000 53.81935  ? 207 VAL   B CA  1 
ATOM   956  C C   . VAL   B 2 15  ? -0.48850  17.20000  11.64865  1.000 55.65797  ? 207 VAL   B C   1 
ATOM   957  O O   . VAL   B 2 15  ? -1.11222  16.61501  10.75425  1.000 59.16995  ? 207 VAL   B O   1 
ATOM   958  C CB  . VAL   B 2 15  ? 1.52552   15.97909  12.64493  1.000 54.56540  ? 207 VAL   B CB  1 
ATOM   959  C CG1 . VAL   B 2 15  ? 2.90263   16.27864  13.22842  1.000 51.33549  ? 207 VAL   B CG1 1 
ATOM   960  C CG2 . VAL   B 2 15  ? 0.51809   15.63410  13.71174  1.000 52.87109  ? 207 VAL   B CG2 1 
ATOM   961  N N   . GLU   B 2 16  ? -1.11312  17.96429  12.54909  1.000 56.96327  ? 208 GLU   B N   1 
ATOM   962  C CA  . GLU   B 2 16  ? -2.55841  18.16167  12.44524  1.000 60.59540  ? 208 GLU   B CA  1 
ATOM   963  C C   . GLU   B 2 16  ? -2.91839  18.86241  11.14277  1.000 60.31880  ? 208 GLU   B C   1 
ATOM   964  O O   . GLU   B 2 16  ? -3.96282  18.58254  10.54340  1.000 58.86550  ? 208 GLU   B O   1 
ATOM   965  C CB  . GLU   B 2 16  ? -3.08375  18.96810  13.62895  1.000 65.94205  ? 208 GLU   B CB  1 
ATOM   966  C CG  . GLU   B 2 16  ? -2.42446  18.64017  14.95470  1.000 79.22735  ? 208 GLU   B CG  1 
ATOM   967  C CD  . GLU   B 2 16  ? -2.95238  19.50482  16.08542  1.000 89.59721  ? 208 GLU   B CD  1 
ATOM   968  O OE1 . GLU   B 2 16  ? -4.12122  19.94781  15.98194  1.000 99.37795  ? 208 GLU   B OE1 1 
ATOM   969  O OE2 . GLU   B 2 16  ? -2.20304  19.74672  17.06334  1.000 84.91069  ? 208 GLU   B OE2 1 
ATOM   970  N N   . ASP   B 2 17  ? -2.06688  19.78596  10.69417  1.000 56.54075  ? 209 ASP   B N   1 
ATOM   971  C CA  . ASP   B 2 17  ? -2.27840  20.42489  9.40087   1.000 51.05667  ? 209 ASP   B CA  1 
ATOM   972  C C   . ASP   B 2 17  ? -2.10545  19.42805  8.26550   1.000 53.60313  ? 209 ASP   B C   1 
ATOM   973  O O   . ASP   B 2 17  ? -2.99798  19.26374  7.42326   1.000 51.80829  ? 209 ASP   B O   1 
ATOM   974  C CB  . ASP   B 2 17  ? -1.31217  21.59771  9.22654   1.000 54.57717  ? 209 ASP   B CB  1 
ATOM   975  C CG  . ASP   B 2 17  ? -1.67405  22.81017  10.09494  1.000 63.52880  ? 209 ASP   B CG  1 
ATOM   976  O OD1 . ASP   B 2 17  ? -2.80022  22.85390  10.65168  1.000 64.39536  ? 209 ASP   B OD1 1 
ATOM   977  O OD2 . ASP   B 2 17  ? -0.81730  23.72246  10.21665  1.000 58.18907  ? 209 ASP   B OD2 1 
ATOM   978  N N   . LEU   B 2 18  ? -0.95050  18.75914  8.22492   1.000 54.89954  ? 210 LEU   B N   1 
ATOM   979  C CA  . LEU   B 2 18  ? -0.66214  17.82766  7.14261   1.000 51.05217  ? 210 LEU   B CA  1 
ATOM   980  C C   . LEU   B 2 18  ? -1.67865  16.70268  7.09388   1.000 55.83338  ? 210 LEU   B C   1 
ATOM   981  O O   . LEU   B 2 18  ? -2.09973  16.28125  6.00912   1.000 52.98889  ? 210 LEU   B O   1 
ATOM   982  C CB  . LEU   B 2 18  ? 0.73651   17.26428  7.30869   1.000 48.32621  ? 210 LEU   B CB  1 
ATOM   983  C CG  . LEU   B 2 18  ? 1.80434   18.15678  6.71738   1.000 51.78838  ? 210 LEU   B CG  1 
ATOM   984  C CD1 . LEU   B 2 18  ? 3.17092   17.61304  7.12601   1.000 50.15090  ? 210 LEU   B CD1 1 
ATOM   985  C CD2 . LEU   B 2 18  ? 1.62023   18.28437  5.17632   1.000 45.78923  ? 210 LEU   B CD2 1 
ATOM   986  N N   . GLU   B 2 19  ? -2.08628  16.19567  8.25424   1.000 53.61492  ? 211 GLU   B N   1 
ATOM   987  C CA  . GLU   B 2 19  ? -3.02866  15.08958  8.23085   1.000 55.00269  ? 211 GLU   B CA  1 
ATOM   988  C C   . GLU   B 2 19  ? -4.38062  15.52252  7.68061   1.000 52.76106  ? 211 GLU   B C   1 
ATOM   989  O O   . GLU   B 2 19  ? -5.00300  14.79022  6.90785   1.000 53.82648  ? 211 GLU   B O   1 
ATOM   990  C CB  . GLU   B 2 19  ? -3.18074  14.49812  9.61936   1.000 60.16762  ? 211 GLU   B CB  1 
ATOM   991  C CG  . GLU   B 2 19  ? -3.99218  13.23675  9.59168   1.000 66.91941  ? 211 GLU   B CG  1 
ATOM   992  C CD  . GLU   B 2 19  ? -4.21989  12.68378  10.95969  1.000 77.87666  ? 211 GLU   B CD  1 
ATOM   993  O OE1 . GLU   B 2 19  ? -3.44873  13.04295  11.87776  1.000 78.95076  ? 211 GLU   B OE1 1 
ATOM   994  O OE2 . GLU   B 2 19  ? -5.17463  11.89543  11.10979  1.000 87.59118  ? 211 GLU   B OE2 1 
ATOM   995  N N   . LYS   B 2 20  ? -4.85123  16.71036  8.05825   1.000 56.78380  ? 212 LYS   B N   1 
ATOM   996  C CA  . LYS   B 2 20  ? -6.09335  17.22246  7.48765   1.000 56.36812  ? 212 LYS   B CA  1 
ATOM   997  C C   . LYS   B 2 20  ? -5.98877  17.33156  5.97205   1.000 48.61194  ? 212 LYS   B C   1 
ATOM   998  O O   . LYS   B 2 20  ? -6.88185  16.89560  5.23673   1.000 46.17299  ? 212 LYS   B O   1 
ATOM   999  C CB  . LYS   B 2 20  ? -6.43981  18.56980  8.12838   1.000 50.33333  ? 212 LYS   B CB  1 
ATOM   1000 C CG  . LYS   B 2 20  ? -6.89877  18.41272  9.58308   1.000 69.71025  ? 212 LYS   B CG  1 
ATOM   1001 C CD  . LYS   B 2 20  ? -6.98577  19.73224  10.35896  1.000 82.81458  ? 212 LYS   B CD  1 
ATOM   1002 C CE  . LYS   B 2 20  ? -7.33597  19.48511  11.83873  1.000 80.94439  ? 212 LYS   B CE  1 
ATOM   1003 N NZ  . LYS   B 2 20  ? -6.82149  20.56734  12.74036  1.000 88.12193  ? 212 LYS   B NZ  1 
ATOM   1004 N N   . GLU   B 2 21  ? -4.88184  17.87955  5.48798   1.000 50.55603  ? 213 GLU   B N   1 
ATOM   1005 C CA  . GLU   B 2 21  ? -4.71887  18.04470  4.05438   1.000 51.57201  ? 213 GLU   B CA  1 
ATOM   1006 C C   . GLU   B 2 21  ? -4.61676  16.69785  3.36701   1.000 51.32467  ? 213 GLU   B C   1 
ATOM   1007 O O   . GLU   B 2 21  ? -5.21307  16.49509  2.30924   1.000 50.72419  ? 213 GLU   B O   1 
ATOM   1008 C CB  . GLU   B 2 21  ? -3.48417  18.89418  3.77021   1.000 55.35205  ? 213 GLU   B CB  1 
ATOM   1009 C CG  . GLU   B 2 21  ? -3.51782  19.62004  2.44307   1.000 57.11380  ? 213 GLU   B CG  1 
ATOM   1010 C CD  . GLU   B 2 21  ? -2.19222  20.27019  2.13069   1.000 58.37476  ? 213 GLU   B CD  1 
ATOM   1011 O OE1 . GLU   B 2 21  ? -1.36160  20.36112  3.06967   1.000 56.86767  ? 213 GLU   B OE1 1 
ATOM   1012 O OE2 . GLU   B 2 21  ? -1.98561  20.66483  0.95622   1.000 50.18132  ? 213 GLU   B OE2 1 
ATOM   1013 N N   . ARG   B 2 22  ? -3.86632  15.76344  3.95211   1.000 52.90752  ? 214 ARG   B N   1 
ATOM   1014 C CA  . ARG   B 2 22  ? -3.80061  14.42403  3.38673   1.000 50.01823  ? 214 ARG   B CA  1 
ATOM   1015 C C   . ARG   B 2 22  ? -5.18264  13.79590  3.32637   1.000 48.61447  ? 214 ARG   B C   1 
ATOM   1016 O O   . ARG   B 2 22  ? -5.59740  13.27089  2.28803   1.000 52.42945  ? 214 ARG   B O   1 
ATOM   1017 C CB  . ARG   B 2 22  ? -2.86219  13.53668  4.20024   1.000 52.76711  ? 214 ARG   B CB  1 
ATOM   1018 C CG  . ARG   B 2 22  ? -2.88172  12.08860  3.70771   1.000 54.47721  ? 214 ARG   B CG  1 
ATOM   1019 C CD  . ARG   B 2 22  ? -2.55097  11.10865  4.78817   1.000 54.01271  ? 214 ARG   B CD  1 
ATOM   1020 N NE  . ARG   B 2 22  ? -3.52132  11.16723  5.87046   1.000 58.79213  ? 214 ARG   B NE  1 
ATOM   1021 C CZ  . ARG   B 2 22  ? -3.52049  10.33691  6.90323   1.000 61.78832  ? 214 ARG   B CZ  1 
ATOM   1022 N NH1 . ARG   B 2 22  ? -2.60163  9.38484   6.97883   1.000 59.22223  ? 214 ARG   B NH1 1 
ATOM   1023 N NH2 . ARG   B 2 22  ? -4.43827  10.45515  7.85207   1.000 66.05456  ? 214 ARG   B NH2 1 
ATOM   1024 N N   . ASP   B 2 23  ? -5.91087  13.82856  4.43520   1.000 45.76012  ? 215 ASP   B N   1 
ATOM   1025 C CA  . ASP   B 2 23  ? -7.23155  13.21804  4.43800   1.000 46.48099  ? 215 ASP   B CA  1 
ATOM   1026 C C   . ASP   B 2 23  ? -8.11084  13.82019  3.35589   1.000 48.93543  ? 215 ASP   B C   1 
ATOM   1027 O O   . ASP   B 2 23  ? -8.85439  13.10375  2.68013   1.000 48.88224  ? 215 ASP   B O   1 
ATOM   1028 C CB  . ASP   B 2 23  ? -7.87858  13.37244  5.80788   1.000 48.00703  ? 215 ASP   B CB  1 
ATOM   1029 C CG  . ASP   B 2 23  ? -7.30053  12.42757  6.83335   1.000 57.19221  ? 215 ASP   B CG  1 
ATOM   1030 O OD1 . ASP   B 2 23  ? -6.33624  11.69953  6.51724   1.000 57.67493  ? 215 ASP   B OD1 1 
ATOM   1031 O OD2 . ASP   B 2 23  ? -7.82014  12.41127  7.96299   1.000 65.79161  ? 215 ASP   B OD2 1 
ATOM   1032 N N   . PHE   B 2 24  ? -8.01184  15.13407  3.15326   1.000 51.39590  ? 216 PHE   B N   1 
ATOM   1033 C CA  . PHE   B 2 24  ? -8.87946  15.81074  2.19576   1.000 49.70991  ? 216 PHE   B CA  1 
ATOM   1034 C C   . PHE   B 2 24  ? -8.63226  15.32972  0.76573   1.000 51.03805  ? 216 PHE   B C   1 
ATOM   1035 O O   . PHE   B 2 24  ? -9.57913  14.99247  0.03790   1.000 50.02620  ? 216 PHE   B O   1 
ATOM   1036 C CB  . PHE   B 2 24  ? -8.68121  17.32161  2.30217   1.000 47.79117  ? 216 PHE   B CB  1 
ATOM   1037 C CG  . PHE   B 2 24  ? -9.45394  18.09825  1.27844   1.000 53.13357  ? 216 PHE   B CG  1 
ATOM   1038 C CD1 . PHE   B 2 24  ? -10.83483 18.01873  1.23248   1.000 49.33752  ? 216 PHE   B CD1 1 
ATOM   1039 C CD2 . PHE   B 2 24  ? -8.79943  18.88945  0.34165   1.000 50.84539  ? 216 PHE   B CD2 1 
ATOM   1040 C CE1 . PHE   B 2 24  ? -11.53929 18.72507  0.29252   1.000 50.85034  ? 216 PHE   B CE1 1 
ATOM   1041 C CE2 . PHE   B 2 24  ? -9.50538  19.58819  -0.59573  1.000 42.52872  ? 216 PHE   B CE2 1 
ATOM   1042 C CZ  . PHE   B 2 24  ? -10.87192 19.51131  -0.61223  1.000 46.32543  ? 216 PHE   B CZ  1 
ATOM   1043 N N   . TYR   B 2 25  ? -7.36917  15.33383  0.32746   1.000 45.41143  ? 217 TYR   B N   1 
ATOM   1044 C CA  . TYR   B 2 25  ? -7.05898  14.80714  -0.99576  1.000 47.75287  ? 217 TYR   B CA  1 
ATOM   1045 C C   . TYR   B 2 25  ? -7.52472  13.36852  -1.11620  1.000 52.66119  ? 217 TYR   B C   1 
ATOM   1046 O O   . TYR   B 2 25  ? -8.19983  13.00503  -2.08221  1.000 49.69880  ? 217 TYR   B O   1 
ATOM   1047 C CB  . TYR   B 2 25  ? -5.56384  14.89683  -1.28806  1.000 47.22817  ? 217 TYR   B CB  1 
ATOM   1048 C CG  . TYR   B 2 25  ? -5.02553  16.30032  -1.31269  1.000 52.36346  ? 217 TYR   B CG  1 
ATOM   1049 C CD1 . TYR   B 2 25  ? -5.84475  17.36803  -1.61916  1.000 53.26460  ? 217 TYR   B CD1 1 
ATOM   1050 C CD2 . TYR   B 2 25  ? -3.70082  16.56095  -1.00083  1.000 51.54532  ? 217 TYR   B CD2 1 
ATOM   1051 C CE1 . TYR   B 2 25  ? -5.36020  18.65703  -1.62466  1.000 49.19874  ? 217 TYR   B CE1 1 
ATOM   1052 C CE2 . TYR   B 2 25  ? -3.21535  17.83448  -1.00701  1.000 53.11806  ? 217 TYR   B CE2 1 
ATOM   1053 C CZ  . TYR   B 2 25  ? -4.05373  18.87948  -1.32425  1.000 54.93056  ? 217 TYR   B CZ  1 
ATOM   1054 O OH  . TYR   B 2 25  ? -3.58710  20.16464  -1.33440  1.000 60.77606  ? 217 TYR   B OH  1 
ATOM   1055 N N   . PHE   B 2 26  ? -7.18465  12.53379  -0.13104  1.000 50.87425  ? 218 PHE   B N   1 
ATOM   1056 C CA  . PHE   B 2 26  ? -7.60590  11.13890  -0.17734  1.000 51.26547  ? 218 PHE   B CA  1 
ATOM   1057 C C   . PHE   B 2 26  ? -9.11363  11.02336  -0.35094  1.000 54.87948  ? 218 PHE   B C   1 
ATOM   1058 O O   . PHE   B 2 26  ? -9.59817  10.23704  -1.17251  1.000 55.08633  ? 218 PHE   B O   1 
ATOM   1059 C CB  . PHE   B 2 26  ? -7.16268  10.41643  1.08447   1.000 52.90795  ? 218 PHE   B CB  1 
ATOM   1060 C CG  . PHE   B 2 26  ? -7.69242  9.01032   1.19679   1.000 58.73683  ? 218 PHE   B CG  1 
ATOM   1061 C CD1 . PHE   B 2 26  ? -7.32458  8.04096   0.27892   1.000 58.81764  ? 218 PHE   B CD1 1 
ATOM   1062 C CD2 . PHE   B 2 26  ? -8.53120  8.65098   2.23578   1.000 54.67994  ? 218 PHE   B CD2 1 
ATOM   1063 C CE1 . PHE   B 2 26  ? -7.80007  6.75660   0.38948   1.000 58.96529  ? 218 PHE   B CE1 1 
ATOM   1064 C CE2 . PHE   B 2 26  ? -8.99777  7.36633   2.34736   1.000 56.67616  ? 218 PHE   B CE2 1 
ATOM   1065 C CZ  . PHE   B 2 26  ? -8.63837  6.42348   1.42482   1.000 57.98847  ? 218 PHE   B CZ  1 
ATOM   1066 N N   . GLY   B 2 27  ? -9.87190  11.80170  0.42404   1.000 52.07866  ? 219 GLY   B N   1 
ATOM   1067 C CA  . GLY   B 2 27  ? -11.31922 11.78063  0.29240   1.000 49.14465  ? 219 GLY   B CA  1 
ATOM   1068 C C   . GLY   B 2 27  ? -11.78517 12.10781  -1.11020  1.000 51.46155  ? 219 GLY   B C   1 
ATOM   1069 O O   . GLY   B 2 27  ? -12.68546 11.45744  -1.63439  1.000 52.66158  ? 219 GLY   B O   1 
ATOM   1070 N N   . LYS   B 2 28  ? -11.17872 13.12030  -1.73592  1.000 52.31721  ? 220 LYS   B N   1 
ATOM   1071 C CA  . LYS   B 2 28  ? -11.49355 13.43326  -3.12830  1.000 53.54546  ? 220 LYS   B CA  1 
ATOM   1072 C C   . LYS   B 2 28  ? -11.23563 12.23822  -4.04055  1.000 54.62040  ? 220 LYS   B C   1 
ATOM   1073 O O   . LYS   B 2 28  ? -12.04584 11.92354  -4.91807  1.000 62.50459  ? 220 LYS   B O   1 
ATOM   1074 C CB  . LYS   B 2 28  ? -10.66815 14.62612  -3.60356  1.000 53.51328  ? 220 LYS   B CB  1 
ATOM   1075 C CG  . LYS   B 2 28  ? -11.21435 15.98656  -3.26995  1.000 48.30198  ? 220 LYS   B CG  1 
ATOM   1076 C CD  . LYS   B 2 28  ? -10.73280 16.93617  -4.34203  1.000 51.73496  ? 220 LYS   B CD  1 
ATOM   1077 C CE  . LYS   B 2 28  ? -10.70174 18.38349  -3.89848  1.000 49.82041  ? 220 LYS   B CE  1 
ATOM   1078 N NZ  . LYS   B 2 28  ? -11.96863 18.83198  -3.29320  1.000 48.81209  ? 220 LYS   B NZ  1 
ATOM   1079 N N   . LEU   B 2 29  ? -10.09122 11.57569  -3.86409  1.000 56.26081  ? 221 LEU   B N   1 
ATOM   1080 C CA  . LEU   B 2 29  ? -9.73743  10.43298  -4.70371  1.000 53.73447  ? 221 LEU   B CA  1 
ATOM   1081 C C   . LEU   B 2 29  ? -10.74067 9.29775   -4.54916  1.000 59.15144  ? 221 LEU   B C   1 
ATOM   1082 O O   . LEU   B 2 29  ? -11.18633 8.70397   -5.53928  1.000 56.17197  ? 221 LEU   B O   1 
ATOM   1083 C CB  . LEU   B 2 29  ? -8.33057  9.95331   -4.35901  1.000 47.23299  ? 221 LEU   B CB  1 
ATOM   1084 C CG  . LEU   B 2 29  ? -7.20162  10.76371  -4.98780  1.000 52.83073  ? 221 LEU   B CG  1 
ATOM   1085 C CD1 . LEU   B 2 29  ? -5.85466  10.32745  -4.44655  1.000 48.31847  ? 221 LEU   B CD1 1 
ATOM   1086 C CD2 . LEU   B 2 29  ? -7.25374  10.67559  -6.51444  1.000 50.90427  ? 221 LEU   B CD2 1 
ATOM   1087 N N   . ARG   B 2 30  ? -11.08219 8.96172   -3.30503  1.000 60.71337  ? 222 ARG   B N   1 
ATOM   1088 C CA  . ARG   B 2 30  ? -12.12248 7.97230   -3.05438  1.000 60.64433  ? 222 ARG   B CA  1 
ATOM   1089 C C   . ARG   B 2 30  ? -13.37782 8.29838   -3.83660  1.000 65.50987  ? 222 ARG   B C   1 
ATOM   1090 O O   . ARG   B 2 30  ? -13.97135 7.42551   -4.48007  1.000 70.89861  ? 222 ARG   B O   1 
ATOM   1091 C CB  . ARG   B 2 30  ? -12.43809 7.91775   -1.56318  1.000 55.31974  ? 222 ARG   B CB  1 
ATOM   1092 C CG  . ARG   B 2 30  ? -11.58733 6.94675   -0.80999  1.000 66.33789  ? 222 ARG   B CG  1 
ATOM   1093 C CD  . ARG   B 2 30  ? -11.90068 5.54660   -1.26924  1.000 73.15882  ? 222 ARG   B CD  1 
ATOM   1094 N NE  . ARG   B 2 30  ? -12.91455 4.90003   -0.44333  1.000 73.13676  ? 222 ARG   B NE  1 
ATOM   1095 C CZ  . ARG   B 2 30  ? -13.57393 3.80975   -0.81491  1.000 72.74996  ? 222 ARG   B CZ  1 
ATOM   1096 N NH1 . ARG   B 2 30  ? -13.33686 3.26900   -2.00540  1.000 62.22172  ? 222 ARG   B NH1 1 
ATOM   1097 N NH2 . ARG   B 2 30  ? -14.47517 3.26878   -0.00497  1.000 81.21049  ? 222 ARG   B NH2 1 
ATOM   1098 N N   . ASN   B 2 31  ? -13.79642 9.56387   -3.78723  1.000 63.91299  ? 223 ASN   B N   1 
ATOM   1099 C CA  . ASN   B 2 31  ? -15.05909 9.95595   -4.39983  1.000 67.42800  ? 223 ASN   B CA  1 
ATOM   1100 C C   . ASN   B 2 31  ? -14.98917 9.85571   -5.91330  1.000 65.55485  ? 223 ASN   B C   1 
ATOM   1101 O O   . ASN   B 2 31  ? -15.88336 9.29204   -6.54985  1.000 69.09582  ? 223 ASN   B O   1 
ATOM   1102 C CB  . ASN   B 2 31  ? -15.42457 11.36884  -3.97064  1.000 66.38374  ? 223 ASN   B CB  1 
ATOM   1103 C CG  . ASN   B 2 31  ? -16.81698 11.45025  -3.41511  1.000 72.01306  ? 223 ASN   B CG  1 
ATOM   1104 O OD1 . ASN   B 2 31  ? -17.06597 11.03892  -2.27892  1.000 66.33616  ? 223 ASN   B OD1 1 
ATOM   1105 N ND2 . ASN   B 2 31  ? -17.74491 11.97471  -4.21435  1.000 78.48236  ? 223 ASN   B ND2 1 
ATOM   1106 N N   . ILE   B 2 32  ? -13.93456 10.41039  -6.50524  1.000 62.69651  ? 224 ILE   B N   1 
ATOM   1107 C CA  . ILE   B 2 32  ? -13.65668 10.16368  -7.91319  1.000 64.05928  ? 224 ILE   B CA  1 
ATOM   1108 C C   . ILE   B 2 32  ? -13.70919 8.67121   -8.21248  1.000 68.12223  ? 224 ILE   B C   1 
ATOM   1109 O O   . ILE   B 2 32  ? -14.14867 8.25517   -9.28839  1.000 72.24407  ? 224 ILE   B O   1 
ATOM   1110 C CB  . ILE   B 2 32  ? -12.29388 10.76810  -8.28831  1.000 56.70211  ? 224 ILE   B CB  1 
ATOM   1111 C CG1 . ILE   B 2 32  ? -12.34201 12.28020  -8.13736  1.000 60.14583  ? 224 ILE   B CG1 1 
ATOM   1112 C CG2 . ILE   B 2 32  ? -11.90113 10.36689  -9.68389  1.000 56.29417  ? 224 ILE   B CG2 1 
ATOM   1113 C CD1 . ILE   B 2 32  ? -11.12199 12.97196  -8.66067  1.000 59.85035  ? 224 ILE   B CD1 1 
ATOM   1114 N N   . GLU   B 2 33  ? -13.25987 7.84137   -7.26551  1.000 69.93050  ? 225 GLU   B N   1 
ATOM   1115 C CA  . GLU   B 2 33  ? -13.22596 6.39645   -7.48825  1.000 72.69732  ? 225 GLU   B CA  1 
ATOM   1116 C C   . GLU   B 2 33  ? -14.63140 5.81307   -7.56190  1.000 75.84311  ? 225 GLU   B C   1 
ATOM   1117 O O   . GLU   B 2 33  ? -14.90428 4.93252   -8.38623  1.000 77.97259  ? 225 GLU   B O   1 
ATOM   1118 C CB  . GLU   B 2 33  ? -12.43011 5.70135   -6.37644  1.000 69.86771  ? 225 GLU   B CB  1 
ATOM   1119 C CG  . GLU   B 2 33  ? -11.86615 4.34460   -6.79141  1.000 69.12709  ? 225 GLU   B CG  1 
ATOM   1120 C CD  . GLU   B 2 33  ? -11.58280 3.41369   -5.62978  1.000 69.34395  ? 225 GLU   B CD  1 
ATOM   1121 O OE1 . GLU   B 2 33  ? -11.81296 3.81234   -4.46822  1.000 63.41154  ? 225 GLU   B OE1 1 
ATOM   1122 O OE2 . GLU   B 2 33  ? -11.13903 2.26971   -5.89384  1.000 69.24845  ? 225 GLU   B OE2 1 
ATOM   1123 N N   . LEU   B 2 34  ? -15.52793 6.27482   -6.69086  1.000 73.11897  ? 226 LEU   B N   1 
ATOM   1124 C CA  . LEU   B 2 34  ? -16.89776 5.77924   -6.70004  1.000 76.83338  ? 226 LEU   B CA  1 
ATOM   1125 C C   . LEU   B 2 34  ? -17.66280 6.29697   -7.91588  1.000 83.10058  ? 226 LEU   B C   1 
ATOM   1126 O O   . LEU   B 2 34  ? -18.45320 5.56256   -8.51974  1.000 87.50147  ? 226 LEU   B O   1 
ATOM   1127 C CB  . LEU   B 2 34  ? -17.57556 6.16738   -5.38665  1.000 77.84490  ? 226 LEU   B CB  1 
ATOM   1128 C CG  . LEU   B 2 34  ? -19.09526 6.25180   -5.23162  1.000 87.78199  ? 226 LEU   B CG  1 
ATOM   1129 C CD1 . LEU   B 2 34  ? -19.58921 7.64363   -5.60212  1.000 83.23006  ? 226 LEU   B CD1 1 
ATOM   1130 C CD2 . LEU   B 2 34  ? -19.82633 5.15373   -6.02585  1.000 93.64968  ? 226 LEU   B CD2 1 
ATOM   1131 N N   . ILE   B 2 35  ? -17.43755 7.55623   -8.29530  1.000 81.92530  ? 227 ILE   B N   1 
ATOM   1132 C CA  . ILE   B 2 35  ? -17.91472 8.03782   -9.58849  1.000 80.05502  ? 227 ILE   B CA  1 
ATOM   1133 C C   . ILE   B 2 35  ? -17.59250 7.02523   -10.67684 1.000 83.78217  ? 227 ILE   B C   1 
ATOM   1134 O O   . ILE   B 2 35  ? -18.43025 6.71453   -11.52861 1.000 94.02332  ? 227 ILE   B O   1 
ATOM   1135 C CB  . ILE   B 2 35  ? -17.29820 9.41336   -9.90514  1.000 80.01301  ? 227 ILE   B CB  1 
ATOM   1136 C CG1 . ILE   B 2 35  ? -17.95076 10.50940  -9.06680  1.000 78.87420  ? 227 ILE   B CG1 1 
ATOM   1137 C CG2 . ILE   B 2 35  ? -17.40120 9.72461   -11.39204 1.000 85.38010  ? 227 ILE   B CG2 1 
ATOM   1138 C CD1 . ILE   B 2 35  ? -17.41027 11.88722  -9.36938  1.000 80.97957  ? 227 ILE   B CD1 1 
ATOM   1139 N N   . CYS   B 2 36  ? -16.37116 6.49387   -10.66488 1.000 80.90996  ? 228 CYS   B N   1 
ATOM   1140 C CA  . CYS   B 2 36  ? -15.97724 5.50599   -11.66242 1.000 86.54861  ? 228 CYS   B CA  1 
ATOM   1141 C C   . CYS   B 2 36  ? -16.71729 4.18447   -11.45581 1.000 93.21881  ? 228 CYS   B C   1 
ATOM   1142 O O   . CYS   B 2 36  ? -17.26357 3.60917   -12.40561 1.000 90.12776  ? 228 CYS   B O   1 
ATOM   1143 C CB  . CYS   B 2 36  ? -14.45919 5.30333   -11.61420 1.000 81.38458  ? 228 CYS   B CB  1 
ATOM   1144 S SG  . CYS   B 2 36  ? -13.47852 6.71655   -12.22096 1.000 77.87915  ? 228 CYS   B SG  1 
ATOM   1145 N N   . GLN   B 2 37  ? -16.74846 3.68505   -10.21836 1.000 92.01830  ? 229 GLN   B N   1 
ATOM   1146 C CA  . GLN   B 2 37  ? -17.44174 2.43280   -9.94565  1.000 93.58335  ? 229 GLN   B CA  1 
ATOM   1147 C C   . GLN   B 2 37  ? -18.94987 2.54942   -10.12735 1.000 97.64683  ? 229 GLN   B C   1 
ATOM   1148 O O   . GLN   B 2 37  ? -19.62899 1.51997   -10.19764 1.000 99.46181  ? 229 GLN   B O   1 
ATOM   1149 C CB  . GLN   B 2 37  ? -17.10478 1.94431   -8.53223  1.000 92.62539  ? 229 GLN   B CB  1 
ATOM   1150 C CG  . GLN   B 2 37  ? -15.59766 1.73209   -8.30643  1.000 95.90568  ? 229 GLN   B CG  1 
ATOM   1151 C CD  . GLN   B 2 37  ? -15.26819 0.91260   -7.05890  1.000 96.00850  ? 229 GLN   B CD  1 
ATOM   1152 O OE1 . GLN   B 2 37  ? -15.99334 0.95280   -6.06259  1.000 94.12277  ? 229 GLN   B OE1 1 
ATOM   1153 N NE2 . GLN   B 2 37  ? -14.16523 0.16068   -7.11582  1.000 92.65117  ? 229 GLN   B NE2 1 
ATOM   1154 N N   . GLU   B 2 38  ? -19.48925 3.76560   -10.21322 1.000 97.56928  ? 230 GLU   B N   1 
ATOM   1155 C CA  . GLU   B 2 38  ? -20.89424 3.95026   -10.55048 1.000 95.61239  ? 230 GLU   B CA  1 
ATOM   1156 C C   . GLU   B 2 38  ? -21.13094 4.02832   -12.05009 1.000 96.99401  ? 230 GLU   B C   1 
ATOM   1157 O O   . GLU   B 2 38  ? -22.28760 4.01169   -12.47751 1.000 106.69244 ? 230 GLU   B O   1 
ATOM   1158 C CB  . GLU   B 2 38  ? -21.45564 5.20361   -9.86467  1.000 92.12738  ? 230 GLU   B CB  1 
ATOM   1159 C CG  . GLU   B 2 38  ? -22.07917 4.91003   -8.49752  1.000 95.65303  ? 230 GLU   B CG  1 
ATOM   1160 C CD  . GLU   B 2 38  ? -22.47652 6.16047   -7.72629  1.000 98.00840  ? 230 GLU   B CD  1 
ATOM   1161 O OE1 . GLU   B 2 38  ? -22.47951 7.26272   -8.31922  1.000 99.21658  ? 230 GLU   B OE1 1 
ATOM   1162 O OE2 . GLU   B 2 38  ? -22.78438 6.03687   -6.51884  1.000 89.11370  ? 230 GLU   B OE2 1 
ATOM   1163 N N   . ASN   B 2 39  ? -20.06947 4.11412   -12.84992 1.000 97.15439  ? 231 ASN   B N   1 
ATOM   1164 C CA  . ASN   B 2 39  ? -20.14351 3.96259   -14.29627 1.000 95.39180  ? 231 ASN   B CA  1 
ATOM   1165 C C   . ASN   B 2 39  ? -19.31762 2.79131   -14.78381 1.000 98.63950  ? 231 ASN   B C   1 
ATOM   1166 O O   . ASN   B 2 39  ? -19.18054 2.61291   -16.00054 1.000 94.48176  ? 231 ASN   B O   1 
ATOM   1167 C CB  . ASN   B 2 39  ? -19.66339 5.23689   -15.00051 1.000 93.73910  ? 231 ASN   B CB  1 
ATOM   1168 C CG  . ASN   B 2 39  ? -20.12264 6.48768   -14.29275 1.000 96.17871  ? 231 ASN   B CG  1 
ATOM   1169 O OD1 . ASN   B 2 39  ? -21.22636 6.52761   -13.74734 1.000 95.60659  ? 231 ASN   B OD1 1 
ATOM   1170 N ND2 . ASN   B 2 39  ? -19.27196 7.50967   -14.27138 1.000 93.97225  ? 231 ASN   B ND2 1 
ATOM   1171 N N   . GLU   B 2 40  ? -18.74032 2.01336   -13.86758 1.000 101.31819 ? 232 GLU   B N   1 
ATOM   1172 C CA  . GLU   B 2 40  ? -17.95108 0.84300   -14.21550 1.000 104.96750 ? 232 GLU   B CA  1 
ATOM   1173 C C   . GLU   B 2 40  ? -18.83562 -0.15657  -14.93977 1.000 109.11594 ? 232 GLU   B C   1 
ATOM   1174 O O   . GLU   B 2 40  ? -19.18604 -1.20512  -14.38927 1.000 109.83525 ? 232 GLU   B O   1 
ATOM   1175 C CB  . GLU   B 2 40  ? -17.34151 0.21887   -12.96353 1.000 107.10139 ? 232 GLU   B CB  1 
ATOM   1176 C CG  . GLU   B 2 40  ? -16.31312 -0.85061  -13.24742 1.000 107.80382 ? 232 GLU   B CG  1 
ATOM   1177 C CD  . GLU   B 2 40  ? -16.13278 -1.79281  -12.07724 1.000 114.93457 ? 232 GLU   B CD  1 
ATOM   1178 O OE1 . GLU   B 2 40  ? -16.14125 -3.02151  -12.30467 1.000 118.90615 ? 232 GLU   B OE1 1 
ATOM   1179 O OE2 . GLU   B 2 40  ? -16.00116 -1.30668  -10.93114 1.000 110.43732 ? 232 GLU   B OE2 1 
ATOM   1180 N N   . GLY   B 2 41  ? -19.20316 0.17119   -16.17172 1.000 107.83579 ? 233 GLY   B N   1 
ATOM   1181 C CA  . GLY   B 2 41  ? -20.17489 -0.59204  -16.92389 1.000 107.46737 ? 233 GLY   B CA  1 
ATOM   1182 C C   . GLY   B 2 41  ? -20.55639 0.20387   -18.14748 1.000 104.23626 ? 233 GLY   B C   1 
ATOM   1183 O O   . GLY   B 2 41  ? -21.67961 0.12858   -18.65268 1.000 107.32437 ? 233 GLY   B O   1 
ATOM   1184 N N   . GLU   B 2 42  ? -19.59931 0.99878   -18.61067 1.000 103.69355 ? 234 GLU   B N   1 
ATOM   1185 C CA  . GLU   B 2 42  ? -19.76442 1.85668   -19.77294 1.000 100.15956 ? 234 GLU   B CA  1 
ATOM   1186 C C   . GLU   B 2 42  ? -18.62724 1.62528   -20.75661 1.000 101.58458 ? 234 GLU   B C   1 
ATOM   1187 O O   . GLU   B 2 42  ? -18.41242 2.45227   -21.64789 1.000 101.56105 ? 234 GLU   B O   1 
ATOM   1188 C CB  . GLU   B 2 42  ? -19.82199 3.32088   -19.32820 1.000 102.43981 ? 234 GLU   B CB  1 
ATOM   1189 C CG  . GLU   B 2 42  ? -20.30948 4.32953   -20.34798 1.000 106.36525 ? 234 GLU   B CG  1 
ATOM   1190 C CD  . GLU   B 2 42  ? -20.47371 5.71795   -19.73376 1.000 107.67145 ? 234 GLU   B CD  1 
ATOM   1191 O OE1 . GLU   B 2 42  ? -20.11365 5.89607   -18.54875 1.000 98.65193  ? 234 GLU   B OE1 1 
ATOM   1192 O OE2 . GLU   B 2 42  ? -20.96610 6.63003   -20.42985 1.000 109.86025 ? 234 GLU   B OE2 1 
ATOM   1193 N N   . ASN   B 2 43  ? -17.92407 0.49292   -20.61541 1.000 97.25994  ? 235 ASN   B N   1 
ATOM   1194 C CA  . ASN   B 2 43  ? -16.61068 0.24317   -21.20465 1.000 99.17229  ? 235 ASN   B CA  1 
ATOM   1195 C C   . ASN   B 2 43  ? -16.00595 1.52450   -21.76125 1.000 105.41974 ? 235 ASN   B C   1 
ATOM   1196 O O   . ASN   B 2 43  ? -15.83803 1.67774   -22.97449 1.000 104.87313 ? 235 ASN   B O   1 
ATOM   1197 C CB  . ASN   B 2 43  ? -16.69012 -0.86967  -22.26607 1.000 103.04931 ? 235 ASN   B CB  1 
ATOM   1198 C CG  . ASN   B 2 43  ? -17.44950 -0.46054  -23.52506 1.000 116.93390 ? 235 ASN   B CG  1 
ATOM   1199 O OD1 . ASN   B 2 43  ? -16.84534 -0.05403  -24.51804 1.000 122.04125 ? 235 ASN   B OD1 1 
ATOM   1200 N ND2 . ASN   B 2 43  ? -18.77144 -0.59493  -23.49882 1.000 117.74277 ? 235 ASN   B ND2 1 
ATOM   1201 N N   . ASP   B 2 44  ? -15.67355 2.44780   -20.85948 1.000 105.39980 ? 236 ASP   B N   1 
ATOM   1202 C CA  . ASP   B 2 44  ? -15.21539 3.78577   -21.22626 1.000 96.04092  ? 236 ASP   B CA  1 
ATOM   1203 C C   . ASP   B 2 44  ? -13.69673 3.83918   -21.18652 1.000 93.63083  ? 236 ASP   B C   1 
ATOM   1204 O O   . ASP   B 2 44  ? -13.10702 3.51797   -20.14297 1.000 94.94840  ? 236 ASP   B O   1 
ATOM   1205 C CB  . ASP   B 2 44  ? -15.80231 4.82819   -20.27299 1.000 96.77393  ? 236 ASP   B CB  1 
ATOM   1206 C CG  . ASP   B 2 44  ? -15.69820 6.25990   -20.81239 1.000 100.84029 ? 236 ASP   B CG  1 
ATOM   1207 O OD1 . ASP   B 2 44  ? -14.80120 6.51517   -21.64357 1.000 99.57593  ? 236 ASP   B OD1 1 
ATOM   1208 O OD2 . ASP   B 2 44  ? -16.51816 7.12571   -20.40881 1.000 98.07617  ? 236 ASP   B OD2 1 
ATOM   1209 N N   . PRO   B 2 45  ? -13.02389 4.26935   -22.25818 1.000 96.20752  ? 237 PRO   B N   1 
ATOM   1210 C CA  . PRO   B 2 45  ? -11.55317 4.27637   -22.23913 1.000 94.63576  ? 237 PRO   B CA  1 
ATOM   1211 C C   . PRO   B 2 45  ? -10.96870 5.38899   -21.38769 1.000 90.08979  ? 237 PRO   B C   1 
ATOM   1212 O O   . PRO   B 2 45  ? -9.82864  5.26197   -20.92525 1.000 90.93180  ? 237 PRO   B O   1 
ATOM   1213 C CB  . PRO   B 2 45  ? -11.19418 4.44921   -23.72043 1.000 90.51933  ? 237 PRO   B CB  1 
ATOM   1214 C CG  . PRO   B 2 45  ? -12.32389 5.28104   -24.25377 1.000 94.53713  ? 237 PRO   B CG  1 
ATOM   1215 C CD  . PRO   B 2 45  ? -13.56386 4.82922   -23.50868 1.000 96.57543  ? 237 PRO   B CD  1 
ATOM   1216 N N   . VAL   B 2 46  ? -11.69831 6.48695   -21.18559 1.000 89.27940  ? 238 VAL   B N   1 
ATOM   1217 C CA  . VAL   B 2 46  ? -11.17683 7.57485   -20.36444 1.000 89.53587  ? 238 VAL   B CA  1 
ATOM   1218 C C   . VAL   B 2 46  ? -11.31397 7.24221   -18.88537 1.000 85.01371  ? 238 VAL   B C   1 
ATOM   1219 O O   . VAL   B 2 46  ? -10.33273 7.29438   -18.13600 1.000 80.31627  ? 238 VAL   B O   1 
ATOM   1220 C CB  . VAL   B 2 46  ? -11.86603 8.90778   -20.71791 1.000 95.01675  ? 238 VAL   B CB  1 
ATOM   1221 C CG1 . VAL   B 2 46  ? -11.17335 9.56206   -21.90008 1.000 91.08863  ? 238 VAL   B CG1 1 
ATOM   1222 C CG2 . VAL   B 2 46  ? -13.33083 8.68982   -21.02996 1.000 93.32923  ? 238 VAL   B CG2 1 
ATOM   1223 N N   . LEU   B 2 47  ? -12.52650 6.87850   -18.44704 1.000 86.05823  ? 239 LEU   B N   1 
ATOM   1224 C CA  . LEU   B 2 47  ? -12.71713 6.44334   -17.06570 1.000 83.06923  ? 239 LEU   B CA  1 
ATOM   1225 C C   . LEU   B 2 47  ? -11.78513 5.29609   -16.69986 1.000 84.32706  ? 239 LEU   B C   1 
ATOM   1226 O O   . LEU   B 2 47  ? -11.40584 5.15901   -15.53210 1.000 81.19300  ? 239 LEU   B O   1 
ATOM   1227 C CB  . LEU   B 2 47  ? -14.16443 6.01641   -16.82146 1.000 80.23767  ? 239 LEU   B CB  1 
ATOM   1228 C CG  . LEU   B 2 47  ? -15.30097 7.02871   -16.72245 1.000 79.70782  ? 239 LEU   B CG  1 
ATOM   1229 C CD1 . LEU   B 2 47  ? -16.57000 6.32423   -16.27469 1.000 82.36630  ? 239 LEU   B CD1 1 
ATOM   1230 C CD2 . LEU   B 2 47  ? -14.95540 8.16466   -15.78007 1.000 79.18735  ? 239 LEU   B CD2 1 
ATOM   1231 N N   . GLN   B 2 48  ? -11.42352 4.44974   -17.66907 1.000 88.83118  ? 240 GLN   B N   1 
ATOM   1232 C CA  . GLN   B 2 48  ? -10.51807 3.34325   -17.37439 1.000 87.52098  ? 240 GLN   B CA  1 
ATOM   1233 C C   . GLN   B 2 48  ? -9.09356  3.84447   -17.15468 1.000 82.68140  ? 240 GLN   B C   1 
ATOM   1234 O O   . GLN   B 2 48  ? -8.36754  3.31751   -16.30351 1.000 79.65397  ? 240 GLN   B O   1 
ATOM   1235 C CB  . GLN   B 2 48  ? -10.58963 2.29579   -18.49490 1.000 93.53588  ? 240 GLN   B CB  1 
ATOM   1236 C CG  . GLN   B 2 48  ? -11.76966 1.30146   -18.33015 1.000 103.39695 ? 240 GLN   B CG  1 
ATOM   1237 C CD  . GLN   B 2 48  ? -12.18953 0.57043   -19.61947 1.000 97.61689  ? 240 GLN   B CD  1 
ATOM   1238 O OE1 . GLN   B 2 48  ? -11.49615 0.61225   -20.64087 1.000 88.84156  ? 240 GLN   B OE1 1 
ATOM   1239 N NE2 . GLN   B 2 48  ? -13.34052 -0.10253  -19.56208 1.000 88.07859  ? 240 GLN   B NE2 1 
ATOM   1240 N N   . ARG   B 2 49  ? -8.68370  4.87937   -17.88798 1.000 79.65641  ? 241 ARG   B N   1 
ATOM   1241 C CA  . ARG   B 2 49  ? -7.36203  5.44965   -17.67090 1.000 79.49156  ? 241 ARG   B CA  1 
ATOM   1242 C C   . ARG   B 2 49  ? -7.27814  6.18609   -16.34161 1.000 80.53936  ? 241 ARG   B C   1 
ATOM   1243 O O   . ARG   B 2 49  ? -6.17097  6.40729   -15.83770 1.000 78.79073  ? 241 ARG   B O   1 
ATOM   1244 C CB  . ARG   B 2 49  ? -6.99916  6.38515   -18.82467 1.000 77.75289  ? 241 ARG   B CB  1 
ATOM   1245 C CG  . ARG   B 2 49  ? -5.53489  6.77666   -18.88235 1.000 84.92449  ? 241 ARG   B CG  1 
ATOM   1246 C CD  . ARG   B 2 49  ? -5.26860  7.62523   -20.11872 1.000 107.45541 ? 241 ARG   B CD  1 
ATOM   1247 N NE  . ARG   B 2 49  ? -3.89133  8.11498   -20.20812 1.000 119.58875 ? 241 ARG   B NE  1 
ATOM   1248 C CZ  . ARG   B 2 49  ? -3.43732  8.90994   -21.17942 1.000 127.86825 ? 241 ARG   B CZ  1 
ATOM   1249 N NH1 . ARG   B 2 49  ? -4.24807  9.31403   -22.15487 1.000 120.50601 ? 241 ARG   B NH1 1 
ATOM   1250 N NH2 . ARG   B 2 49  ? -2.16848  9.30475   -21.17699 1.000 126.08638 ? 241 ARG   B NH2 1 
ATOM   1251 N N   . ILE   B 2 50  ? -8.42179  6.56249   -15.76497 1.000 77.62144  ? 242 ILE   B N   1 
ATOM   1252 C CA  . ILE   B 2 50  ? -8.43192  7.22434   -14.46599 1.000 70.84760  ? 242 ILE   B CA  1 
ATOM   1253 C C   . ILE   B 2 50  ? -8.39638  6.19495   -13.34324 1.000 75.63080  ? 242 ILE   B C   1 
ATOM   1254 O O   . ILE   B 2 50  ? -7.84434  6.45491   -12.26543 1.000 73.13973  ? 242 ILE   B O   1 
ATOM   1255 C CB  . ILE   B 2 50  ? -9.66110  8.14355   -14.35788 1.000 72.01442  ? 242 ILE   B CB  1 
ATOM   1256 C CG1 . ILE   B 2 50  ? -9.48516  9.37875   -15.25094 1.000 75.35694  ? 242 ILE   B CG1 1 
ATOM   1257 C CG2 . ILE   B 2 50  ? -9.93680  8.52367   -12.90756 1.000 63.75134  ? 242 ILE   B CG2 1 
ATOM   1258 C CD1 . ILE   B 2 50  ? -10.72127 10.25004  -15.37498 1.000 69.07744  ? 242 ILE   B CD1 1 
ATOM   1259 N N   . VAL   B 2 51  ? -8.98168  5.01505   -13.56058 1.000 77.00323  ? 243 VAL   B N   1 
ATOM   1260 C CA  . VAL   B 2 51  ? -8.83469  3.94676   -12.57932 1.000 75.82867  ? 243 VAL   B CA  1 
ATOM   1261 C C   . VAL   B 2 51  ? -7.41679  3.38627   -12.59302 1.000 72.76680  ? 243 VAL   B C   1 
ATOM   1262 O O   . VAL   B 2 51  ? -6.95559  2.84087   -11.58395 1.000 65.05014  ? 243 VAL   B O   1 
ATOM   1263 C CB  . VAL   B 2 51  ? -9.88442  2.84594   -12.81783 1.000 72.28942  ? 243 VAL   B CB  1 
ATOM   1264 C CG1 . VAL   B 2 51  ? -9.49993  1.58196   -12.06981 1.000 69.20147  ? 243 VAL   B CG1 1 
ATOM   1265 C CG2 . VAL   B 2 51  ? -11.25291 3.32551   -12.34905 1.000 69.48492  ? 243 VAL   B CG2 1 
ATOM   1266 N N   . ASP   B 2 52  ? -6.70468  3.52267   -13.71459 1.000 75.30337  ? 244 ASP   B N   1 
ATOM   1267 C CA  . ASP   B 2 52  ? -5.29206  3.15949   -13.74798 1.000 68.86604  ? 244 ASP   B CA  1 
ATOM   1268 C C   . ASP   B 2 52  ? -4.46814  4.09441   -12.87244 1.000 64.25776  ? 244 ASP   B C   1 
ATOM   1269 O O   . ASP   B 2 52  ? -3.72326  3.64358   -11.99883 1.000 69.21479  ? 244 ASP   B O   1 
ATOM   1270 C CB  . ASP   B 2 52  ? -4.77166  3.17424   -15.18616 1.000 72.85980  ? 244 ASP   B CB  1 
ATOM   1271 C CG  . ASP   B 2 52  ? -5.19170  1.94919   -15.97731 1.000 75.88879  ? 244 ASP   B CG  1 
ATOM   1272 O OD1 . ASP   B 2 52  ? -5.48390  0.90227   -15.35245 1.000 70.69046  ? 244 ASP   B OD1 1 
ATOM   1273 O OD2 . ASP   B 2 52  ? -5.21741  2.03711   -17.22716 1.000 77.91690  ? 244 ASP   B OD2 1 
ATOM   1274 N N   . ILE   B 2 53  ? -4.58097  5.40422   -13.09422 1.000 69.90831  ? 245 ILE   B N   1 
ATOM   1275 C CA  . ILE   B 2 53  ? -3.91322  6.35636   -12.21301 1.000 61.83850  ? 245 ILE   B CA  1 
ATOM   1276 C C   . ILE   B 2 53  ? -4.31544  6.10583   -10.77049 1.000 59.10102  ? 245 ILE   B C   1 
ATOM   1277 O O   . ILE   B 2 53  ? -3.48892  6.18287   -9.85970  1.000 55.45350  ? 245 ILE   B O   1 
ATOM   1278 C CB  . ILE   B 2 53  ? -4.22319  7.80155   -12.64192 1.000 61.57158  ? 245 ILE   B CB  1 
ATOM   1279 C CG1 . ILE   B 2 53  ? -3.32946  8.19847   -13.81457 1.000 64.05900  ? 245 ILE   B CG1 1 
ATOM   1280 C CG2 . ILE   B 2 53  ? -4.04054  8.76212   -11.46772 1.000 54.47058  ? 245 ILE   B CG2 1 
ATOM   1281 C CD1 . ILE   B 2 53  ? -3.55850  7.36291   -15.05391 1.000 72.52825  ? 245 ILE   B CD1 1 
ATOM   1282 N N   . LEU   B 2 54  ? -5.58394  5.76463   -10.54352 1.000 63.11527  ? 246 LEU   B N   1 
ATOM   1283 C CA  . LEU   B 2 54  ? -6.07316  5.62718   -9.17611  1.000 62.89597  ? 246 LEU   B CA  1 
ATOM   1284 C C   . LEU   B 2 54  ? -5.25774  4.63288   -8.36160  1.000 59.84299  ? 246 LEU   B C   1 
ATOM   1285 O O   . LEU   B 2 54  ? -5.12338  4.80982   -7.15079  1.000 56.76802  ? 246 LEU   B O   1 
ATOM   1286 C CB  . LEU   B 2 54  ? -7.54836  5.22307   -9.16884  1.000 65.08166  ? 246 LEU   B CB  1 
ATOM   1287 C CG  . LEU   B 2 54  ? -8.52698  6.38690   -9.02493  1.000 64.89143  ? 246 LEU   B CG  1 
ATOM   1288 C CD1 . LEU   B 2 54  ? -9.93971  5.88847   -8.77503  1.000 64.00117  ? 246 LEU   B CD1 1 
ATOM   1289 C CD2 . LEU   B 2 54  ? -8.06823  7.32058   -7.90691  1.000 60.29257  ? 246 LEU   B CD2 1 
ATOM   1290 N N   . TYR   B 2 55  ? -4.71516  3.58672   -8.98991  1.000 60.35480  ? 247 TYR   B N   1 
ATOM   1291 C CA  . TYR   B 2 55  ? -3.97246  2.55398   -8.27218  1.000 55.85096  ? 247 TYR   B CA  1 
ATOM   1292 C C   . TYR   B 2 55  ? -2.53282  2.43518   -8.75574  1.000 56.24868  ? 247 TYR   B C   1 
ATOM   1293 O O   . TYR   B 2 55  ? -1.88091  1.41042   -8.51336  1.000 51.74737  ? 247 TYR   B O   1 
ATOM   1294 C CB  . TYR   B 2 55  ? -4.69581  1.20981   -8.36577  1.000 46.71077  ? 247 TYR   B CB  1 
ATOM   1295 C CG  . TYR   B 2 55  ? -5.86890  1.14593   -7.42754  1.000 51.08026  ? 247 TYR   B CG  1 
ATOM   1296 C CD1 . TYR   B 2 55  ? -5.68942  0.78439   -6.09672  1.000 51.74405  ? 247 TYR   B CD1 1 
ATOM   1297 C CD2 . TYR   B 2 55  ? -7.14720  1.49327   -7.85004  1.000 50.16550  ? 247 TYR   B CD2 1 
ATOM   1298 C CE1 . TYR   B 2 55  ? -6.74721  0.74855   -5.21731  1.000 48.33439  ? 247 TYR   B CE1 1 
ATOM   1299 C CE2 . TYR   B 2 55  ? -8.21884  1.45515   -6.97796  1.000 48.92900  ? 247 TYR   B CE2 1 
ATOM   1300 C CZ  . TYR   B 2 55  ? -8.00497  1.08306   -5.65945  1.000 50.43307  ? 247 TYR   B CZ  1 
ATOM   1301 O OH  . TYR   B 2 55  ? -9.04161  1.03835   -4.76720  1.000 51.55065  ? 247 TYR   B OH  1 
ATOM   1302 N N   . ALA   B 2 56  ? -2.02062  3.47813   -9.40677  1.000 50.85403  ? 248 ALA   B N   1 
ATOM   1303 C CA  . ALA   B 2 56  ? -0.65578  3.52308   -9.90059  1.000 49.68383  ? 248 ALA   B CA  1 
ATOM   1304 C C   . ALA   B 2 56  ? 0.29792   4.12930   -8.87252  1.000 53.81132  ? 248 ALA   B C   1 
ATOM   1305 O O   . ALA   B 2 56  ? -0.09793  4.65973   -7.83559  1.000 51.69125  ? 248 ALA   B O   1 
ATOM   1306 C CB  . ALA   B 2 56  ? -0.58628  4.32897   -11.18909 1.000 53.12049  ? 248 ALA   B CB  1 
ATOM   1307 N N   . THR   B 2 57  ? 1.58045   4.03816   -9.17844  1.000 59.01452  ? 249 THR   B N   1 
ATOM   1308 C CA  . THR   B 2 57  ? 2.61239   4.74674   -8.44680  1.000 64.70384  ? 249 THR   B CA  1 
ATOM   1309 C C   . THR   B 2 57  ? 3.12248   5.86795   -9.33930  1.000 71.19572  ? 249 THR   B C   1 
ATOM   1310 O O   . THR   B 2 57  ? 3.33284   5.66831   -10.53862 1.000 77.70000  ? 249 THR   B O   1 
ATOM   1311 C CB  . THR   B 2 57  ? 3.74156   3.79104   -8.02819  1.000 66.79562  ? 249 THR   B CB  1 
ATOM   1312 O OG1 . THR   B 2 57  ? 4.90173   4.00051   -8.84221  1.000 70.79771  ? 249 THR   B OG1 1 
ATOM   1313 C CG2 . THR   B 2 57  ? 3.28245   2.36042   -8.18361  1.000 56.39672  ? 249 THR   B CG2 1 
ATOM   1314 N N   . ASP   B 2 58  ? 3.28131   7.06019   -8.76697  1.000 77.85992  ? 250 ASP   B N   1 
ATOM   1315 C CA  . ASP   B 2 58  ? 3.63399   8.21010   -9.59281  1.000 88.91834  ? 250 ASP   B CA  1 
ATOM   1316 C C   . ASP   B 2 58  ? 4.86956   7.94552   -10.45037 1.000 89.39247  ? 250 ASP   B C   1 
ATOM   1317 O O   . ASP   B 2 58  ? 5.02918   8.57790   -11.50189 1.000 91.58169  ? 250 ASP   B O   1 
ATOM   1318 C CB  . ASP   B 2 58  ? 3.81836   9.45230   -8.70905  1.000 84.16745  ? 250 ASP   B CB  1 
ATOM   1319 C CG  . ASP   B 2 58  ? 2.70506   10.49958  -8.91808  1.000 87.94383  ? 250 ASP   B CG  1 
ATOM   1320 O OD1 . ASP   B 2 58  ? 1.50718   10.12344  -9.04816  1.000 73.41065  ? 250 ASP   B OD1 1 
ATOM   1321 O OD2 . ASP   B 2 58  ? 3.03769   11.70849  -8.94414  1.000 88.98613  ? 250 ASP   B OD2 1 
ATOM   1322 N N   . GLU   B 2 59  ? 5.73152   7.01245   -10.03876 1.000 88.84275  ? 251 GLU   B N   1 
ATOM   1323 C CA  . GLU   B 2 59  ? 6.82862   6.53346   -10.87534 1.000 92.90084  ? 251 GLU   B CA  1 
ATOM   1324 C C   . GLU   B 2 59  ? 6.33455   6.23733   -12.29047 1.000 97.24870  ? 251 GLU   B C   1 
ATOM   1325 O O   . GLU   B 2 59  ? 6.68603   6.95306   -13.23457 1.000 100.26142 ? 251 GLU   B O   1 
ATOM   1326 C CB  . GLU   B 2 59  ? 7.46723   5.29013   -10.23902 1.000 88.49037  ? 251 GLU   B CB  1 
ATOM   1327 C CG  . GLU   B 2 59  ? 8.42923   4.50643   -11.12615 1.000 89.97895  ? 251 GLU   B CG  1 
ATOM   1328 C CD  . GLU   B 2 59  ? 8.11570   3.01048   -11.14123 1.000 94.18700  ? 251 GLU   B CD  1 
ATOM   1329 O OE1 . GLU   B 2 59  ? 7.46354   2.53196   -10.18010 1.000 85.61402  ? 251 GLU   B OE1 1 
ATOM   1330 O OE2 . GLU   B 2 59  ? 8.50745   2.31868   -12.11561 1.000 89.36765  ? 251 GLU   B OE2 1 
ATOM   1331 N N   . GLY   B 2 60  ? 5.51367   5.19863   -12.44710 1.000 93.36753  ? 252 GLY   B N   1 
ATOM   1332 C CA  . GLY   B 2 60  ? 4.93230   4.86083   -13.73373 1.000 84.00338  ? 252 GLY   B CA  1 
ATOM   1333 C C   . GLY   B 2 60  ? 3.98028   5.92723   -14.23398 1.000 95.19087  ? 252 GLY   B C   1 
ATOM   1334 O O   . GLY   B 2 60  ? 2.95789   6.20700   -13.60776 1.000 96.84642  ? 252 GLY   B O   1 
HETATM 1335 C C1  . A1AZI C 3 .   ? 3.35635   5.74883   0.61394   1.000 54.54079  ? 201 A1AZI A C1  1 
HETATM 1336 C C2  . A1AZI C 3 .   ? 3.38482   5.58881   2.06090   1.000 51.19212  ? 201 A1AZI A C2  1 
HETATM 1337 C C3  . A1AZI C 3 .   ? 2.15552   5.51614   2.81957   1.000 45.55417  ? 201 A1AZI A C3  1 
HETATM 1338 O O1  . A1AZI C 3 .   ? -2.76822  2.65135   -4.73085  1.000 55.20442  ? 201 A1AZI A O1  1 
HETATM 1339 O O2  . A1AZI C 3 .   ? -2.91655  5.85270   -4.00593  1.000 67.19755  ? 201 A1AZI A O2  1 
HETATM 1340 O O3  . A1AZI C 3 .   ? -6.33184  3.63011   -1.26261  1.000 53.71881  ? 201 A1AZI A O3  1 
HETATM 1341 C C41 . A1AZI C 3 .   ? 5.82656   5.89877   1.78654   1.000 53.69116  ? 201 A1AZI A C41 1 
HETATM 1342 C C11 . A1AZI C 3 .   ? 1.25036   3.19799   -3.13845  1.000 53.89409  ? 201 A1AZI A C11 1 
HETATM 1343 C C12 . A1AZI C 3 .   ? 1.11963   3.05245   -4.59964  1.000 49.90161  ? 201 A1AZI A C12 1 
HETATM 1344 C C13 . A1AZI C 3 .   ? -0.21285  2.87200   -5.19491  1.000 47.07871  ? 201 A1AZI A C13 1 
HETATM 1345 C C14 . A1AZI C 3 .   ? -1.36975  2.84889   -4.30582  1.000 48.68225  ? 201 A1AZI A C14 1 
HETATM 1346 C C15 . A1AZI C 3 .   ? -1.23841  2.97448   -2.87852  1.000 55.16014  ? 201 A1AZI A C15 1 
HETATM 1347 C C16 . A1AZI C 3 .   ? -3.33586  3.83768   -5.37079  1.000 56.60096  ? 201 A1AZI A C16 1 
HETATM 1348 C C17 . A1AZI C 3 .   ? -3.70736  4.93263   -4.23954  1.000 55.54810  ? 201 A1AZI A C17 1 
HETATM 1349 C C18 . A1AZI C 3 .   ? -5.38172  6.01986   -2.45081  1.000 61.83127  ? 201 A1AZI A C18 1 
HETATM 1350 C C19 . A1AZI C 3 .   ? -6.58979  6.83023   -3.16953  1.000 57.50086  ? 201 A1AZI A C19 1 
HETATM 1351 C C20 . A1AZI C 3 .   ? -7.59551  5.92386   -3.99593  1.000 57.45517  ? 201 A1AZI A C20 1 
HETATM 1352 C C21 . A1AZI C 3 .   ? -7.15975  4.54781   -4.64996  1.000 59.62923  ? 201 A1AZI A C21 1 
HETATM 1353 C C22 . A1AZI C 3 .   ? -6.09466  3.83163   -3.70987  1.000 52.54239  ? 201 A1AZI A C22 1 
HETATM 1354 C C23 . A1AZI C 3 .   ? -6.83331  3.44052   -2.37173  1.000 51.98745  ? 201 A1AZI A C23 1 
HETATM 1355 C C24 . A1AZI C 3 .   ? -8.92468  2.36229   -1.19695  1.000 63.73765  ? 201 A1AZI A C24 1 
HETATM 1356 C C25 . A1AZI C 3 .   ? -7.95647  1.33735   -0.39575  1.000 65.69211  ? 201 A1AZI A C25 1 
HETATM 1357 C C26 . A1AZI C 3 .   ? -6.40098  -0.52423  -0.38932  1.000 59.11398  ? 201 A1AZI A C26 1 
HETATM 1358 C C27 . A1AZI C 3 .   ? -4.88663  0.04476   -0.54618  1.000 60.64608  ? 201 A1AZI A C27 1 
HETATM 1359 C C28 . A1AZI C 3 .   ? -3.94934  -1.22803  -0.21886  1.000 60.69999  ? 201 A1AZI A C28 1 
HETATM 1360 C C29 . A1AZI C 3 .   ? -2.53545  -0.96218  0.50850   1.000 61.66360  ? 201 A1AZI A C29 1 
HETATM 1361 C C30 . A1AZI C 3 .   ? 0.02037   -0.53905  0.16343   1.000 59.45646  ? 201 A1AZI A C30 1 
HETATM 1362 C C10 . A1AZI C 3 .   ? 0.05478   3.17089   -2.30293  1.000 51.00692  ? 201 A1AZI A C10 1 
HETATM 1363 C C31 . A1AZI C 3 .   ? 0.54386   0.97043   -0.04128  1.000 63.18631  ? 201 A1AZI A C31 1 
HETATM 1364 C C32 . A1AZI C 3 .   ? 1.03662   -1.56622  -0.53250  1.000 57.90711  ? 201 A1AZI A C32 1 
HETATM 1365 C C33 . A1AZI C 3 .   ? 0.87072   -1.52568  -2.14270  1.000 60.09379  ? 201 A1AZI A C33 1 
HETATM 1366 C C34 . A1AZI C 3 .   ? -0.61749  -1.89312  -2.58951  1.000 58.29356  ? 201 A1AZI A C34 1 
HETATM 1367 C C35 . A1AZI C 3 .   ? -1.63682  -0.82208  -1.96276  1.000 57.88933  ? 201 A1AZI A C35 1 
HETATM 1368 C C36 . A1AZI C 3 .   ? -4.53065  0.54344   -2.03166  1.000 57.08955  ? 201 A1AZI A C36 1 
HETATM 1369 C C37 . A1AZI C 3 .   ? -4.57254  1.19703   0.52900   1.000 64.56471  ? 201 A1AZI A C37 1 
HETATM 1370 C C38 . A1AZI C 3 .   ? -10.23572 1.57639   -1.60564  1.000 73.17126  ? 201 A1AZI A C38 1 
HETATM 1371 C C39 . A1AZI C 3 .   ? -8.94279  6.08654   -3.75489  1.000 53.64234  ? 201 A1AZI A C39 1 
HETATM 1372 C C4  . A1AZI C 3 .   ? 0.88730   5.59758   2.10517   1.000 56.03229  ? 201 A1AZI A C4  1 
HETATM 1373 C C40 . A1AZI C 3 .   ? 3.38008   5.37245   5.01507   1.000 69.48681  ? 201 A1AZI A C40 1 
HETATM 1374 C C5  . A1AZI C 3 .   ? 0.87462   5.77911   0.66071   1.000 49.93840  ? 201 A1AZI A C5  1 
HETATM 1375 C C6  . A1AZI C 3 .   ? 2.08885   5.83731   -0.09736  1.000 51.17172  ? 201 A1AZI A C6  1 
HETATM 1376 C C7  . A1AZI C 3 .   ? -0.53370  5.85520   -0.14226  1.000 58.07405  ? 201 A1AZI A C7  1 
HETATM 1377 C C8  . A1AZI C 3 .   ? -1.11656  4.35013   -0.22524  1.000 56.70524  ? 201 A1AZI A C8  1 
HETATM 1378 C C9  . A1AZI C 3 .   ? 0.01713   3.34070   -0.74214  1.000 56.77839  ? 201 A1AZI A C9  1 
HETATM 1379 N N1  . A1AZI C 3 .   ? -5.02234  4.89161   -3.46523  1.000 50.07476  ? 201 A1AZI A N1  1 
HETATM 1380 N N2  . A1AZI C 3 .   ? -8.20501  2.78153   -2.48188  1.000 61.02658  ? 201 A1AZI A N2  1 
HETATM 1381 N N3  . A1AZI C 3 .   ? -1.35232  -0.75632  -0.44532  1.000 61.56627  ? 201 A1AZI A N3  1 
HETATM 1382 O O10 . A1AZI C 3 .   ? 2.08695   5.36723   4.28231   1.000 47.87544  ? 201 A1AZI A O10 1 
HETATM 1383 O O11 . A1AZI C 3 .   ? 4.72149   5.51268   2.69068   1.000 60.46301  ? 201 A1AZI A O11 1 
HETATM 1384 O O4  . A1AZI C 3 .   ? -7.27813  0.29529   -1.22218  1.000 58.35617  ? 201 A1AZI A O4  1 
HETATM 1385 O O5  . A1AZI C 3 .   ? -0.47118  2.02961   -0.28944  1.000 64.02936  ? 201 A1AZI A O5  1 
HETATM 1386 O O6  . A1AZI C 3 .   ? 1.74543   1.26389   0.05437   1.000 64.04740  ? 201 A1AZI A O6  1 
HETATM 1387 O O7  . A1AZI C 3 .   ? -2.42810  -0.93940  1.73960   1.000 61.66449  ? 201 A1AZI A O7  1 
HETATM 1388 O O8  . A1AZI C 3 .   ? -4.26433  -2.37573  -0.55793  1.000 63.64821  ? 201 A1AZI A O8  1 
HETATM 1389 O O9  . A1AZI C 3 .   ? -7.77952  1.39836   0.84675   1.000 70.14436  ? 201 A1AZI A O9  1 
HETATM 1390 H H5  . A1AZI C 3 .   ? 4.15519   5.79491   0.13998   1.000 65.02994  ? 201 A1AZI A H5  1 
HETATM 1391 H H51 . A1AZI C 3 .   ? 6.65490   5.94319   2.28929   1.000 64.01038  ? 201 A1AZI A H51 1 
HETATM 1392 H H49 . A1AZI C 3 .   ? 5.63737   6.76690   1.39737   1.000 64.01038  ? 201 A1AZI A H49 1 
HETATM 1393 H H50 . A1AZI C 3 .   ? 5.91170   5.23927   1.08034   1.000 64.01038  ? 201 A1AZI A H50 1 
HETATM 1394 H H12 . A1AZI C 3 .   ? 2.08931   3.30632   -2.75202  1.000 64.25390  ? 201 A1AZI A H12 1 
HETATM 1395 H H13 . A1AZI C 3 .   ? 1.87516   3.07465   -5.14147  1.000 59.46292  ? 201 A1AZI A H13 1 
HETATM 1396 H H14 . A1AZI C 3 .   ? -0.31574  2.77509   -6.11410  1.000 56.07544  ? 201 A1AZI A H14 1 
HETATM 1397 H H15 . A1AZI C 3 .   ? -1.99075  2.92812   -2.33380  1.000 65.77316  ? 201 A1AZI A H15 1 
HETATM 1398 H H16 . A1AZI C 3 .   ? -4.13761  3.59036   -5.85755  1.000 67.50215  ? 201 A1AZI A H16 1 
HETATM 1399 H H17 . A1AZI C 3 .   ? -2.68762  4.21492   -5.98591  1.000 67.50215  ? 201 A1AZI A H17 1 
HETATM 1400 H H18 . A1AZI C 3 .   ? -4.62028  6.60145   -2.29958  1.000 73.77851  ? 201 A1AZI A H18 1 
HETATM 1401 H H19 . A1AZI C 3 .   ? -5.67561  5.64251   -1.60692  1.000 73.77851  ? 201 A1AZI A H19 1 
HETATM 1402 H H20 . A1AZI C 3 .   ? -6.19959  7.47812   -3.77688  1.000 68.58202  ? 201 A1AZI A H20 1 
HETATM 1403 H H21 . A1AZI C 3 .   ? -7.09529  7.29133   -2.48197  1.000 68.58202  ? 201 A1AZI A H21 1 
HETATM 1404 H H22 . A1AZI C 3 .   ? -6.76319  4.71426   -5.51942  1.000 71.13606  ? 201 A1AZI A H22 1 
HETATM 1405 H H23 . A1AZI C 3 .   ? -7.93752  3.97697   -4.75062  1.000 71.13606  ? 201 A1AZI A H23 1 
HETATM 1406 H H2  . A1AZI C 3 .   ? -5.70212  3.02897   -4.08742  1.000 62.63186  ? 201 A1AZI A H2  1 
HETATM 1407 H H3  . A1AZI C 3 .   ? -9.14042  3.13477   -0.65140  1.000 76.06617  ? 201 A1AZI A H3  1 
HETATM 1408 H H26 . A1AZI C 3 .   ? -6.43752  -1.44833  -0.68190  1.000 70.51777  ? 201 A1AZI A H26 1 
HETATM 1409 H H25 . A1AZI C 3 .   ? -6.67962  -0.46764  0.53807   1.000 70.51777  ? 201 A1AZI A H25 1 
HETATM 1410 H H4  . A1AZI C 3 .   ? -0.03487  -0.69605  1.11904   1.000 70.92874  ? 201 A1AZI A H4  1 
HETATM 1411 H H27 . A1AZI C 3 .   ? 0.84946   -2.46363  -0.21544  1.000 69.06952  ? 201 A1AZI A H27 1 
HETATM 1412 H H28 . A1AZI C 3 .   ? 1.94596   -1.32173  -0.29967  1.000 69.06952  ? 201 A1AZI A H28 1 
HETATM 1413 H H30 . A1AZI C 3 .   ? 1.48404   -2.16467  -2.53819  1.000 71.69354  ? 201 A1AZI A H30 1 
HETATM 1414 H H29 . A1AZI C 3 .   ? 1.08188   -0.63305  -2.45819  1.000 71.69354  ? 201 A1AZI A H29 1 
HETATM 1415 H H32 . A1AZI C 3 .   ? -0.84221  -2.78038  -2.26836  1.000 69.53326  ? 201 A1AZI A H32 1 
HETATM 1416 H H31 . A1AZI C 3 .   ? -0.67965  -1.87141  -3.55727  1.000 69.53326  ? 201 A1AZI A H31 1 
HETATM 1417 H H33 . A1AZI C 3 .   ? -1.49269  0.04845   -2.36562  1.000 69.04819  ? 201 A1AZI A H33 1 
HETATM 1418 H H34 . A1AZI C 3 .   ? -2.55174  -1.10494  -2.11708  1.000 69.04819  ? 201 A1AZI A H34 1 
HETATM 1419 H H36 . A1AZI C 3 .   ? -4.54315  -0.21315  -2.63855  1.000 68.08845  ? 201 A1AZI A H36 1 
HETATM 1420 H H35 . A1AZI C 3 .   ? -3.64808  0.94588   -2.03496  1.000 68.08845  ? 201 A1AZI A H35 1 
HETATM 1421 H H37 . A1AZI C 3 .   ? -5.18576  1.19875   -2.31856  1.000 68.08845  ? 201 A1AZI A H37 1 
HETATM 1422 H H40 . A1AZI C 3 .   ? -4.73883  0.85883   1.42280   1.000 77.05864  ? 201 A1AZI A H40 1 
HETATM 1423 H H39 . A1AZI C 3 .   ? -5.14569  1.96119   0.36025   1.000 77.05864  ? 201 A1AZI A H39 1 
HETATM 1424 H H38 . A1AZI C 3 .   ? -3.64371  1.46590   0.45228   1.000 77.05864  ? 201 A1AZI A H38 1 
HETATM 1425 H H42 . A1AZI C 3 .   ? -10.10061 1.14729   -2.46501  1.000 87.38651  ? 201 A1AZI A H42 1 
HETATM 1426 H H43 . A1AZI C 3 .   ? -10.97860 2.19707   -1.66720  1.000 87.38651  ? 201 A1AZI A H43 1 
HETATM 1427 H H41 . A1AZI C 3 .   ? -10.43125 0.90328   -0.93513  1.000 87.38651  ? 201 A1AZI A H41 1 
HETATM 1428 H H45 . A1AZI C 3 .   ? -9.23117  6.70948   -3.12746  1.000 63.95180  ? 201 A1AZI A H45 1 
HETATM 1429 H H44 . A1AZI C 3 .   ? -9.56375  5.57339   -4.21964  1.000 63.95180  ? 201 A1AZI A H44 1 
HETATM 1430 H H6  . A1AZI C 3 .   ? 0.08579   5.53355   2.57249   1.000 66.81975  ? 201 A1AZI A H6  1 
HETATM 1431 H H46 . A1AZI C 3 .   ? 3.21409   5.26388   5.96458   1.000 82.96516  ? 201 A1AZI A H46 1 
HETATM 1432 H H47 . A1AZI C 3 .   ? 3.83576   6.21472   4.86071   1.000 82.96516  ? 201 A1AZI A H47 1 
HETATM 1433 H H48 . A1AZI C 3 .   ? 3.93425   4.64215   4.69811   1.000 82.96516  ? 201 A1AZI A H48 1 
HETATM 1434 H H7  . A1AZI C 3 .   ? 2.06779   5.92950   -1.02254  1.000 60.98706  ? 201 A1AZI A H7  1 
HETATM 1435 H H8  . A1AZI C 3 .   ? -0.38872  6.20563   -1.03506  1.000 69.26986  ? 201 A1AZI A H8  1 
HETATM 1436 H H9  . A1AZI C 3 .   ? -1.15649  6.42756   0.33254   1.000 69.26986  ? 201 A1AZI A H9  1 
HETATM 1437 H H10 . A1AZI C 3 .   ? -1.86628  4.33084   -0.84041  1.000 67.62728  ? 201 A1AZI A H10 1 
HETATM 1438 H H11 . A1AZI C 3 .   ? -1.41368  4.07309   0.65560   1.000 67.62728  ? 201 A1AZI A H11 1 
HETATM 1439 H H1  . A1AZI C 3 .   ? 0.88084   3.65571   -0.43283  1.000 67.71506  ? 201 A1AZI A H1  1 
HETATM 1440 H H24 . A1AZI C 3 .   ? -8.56677  2.64824   -3.25062  1.000 72.81289  ? 201 A1AZI A H24 1 
HETATM 1441 O O   . HOH   D 4 .   ? -3.94629  7.16979   5.05430   1.000 55.74453  ? 301 HOH   A O   1 
HETATM 1442 O O   . HOH   E 4 .   ? -11.58659 -0.90509  -8.64602  1.000 60.23309  ? 301 HOH   B O   1 
# 
